data_6QVI
#
_entry.id   6QVI
#
_cell.length_a   121.860
_cell.length_b   121.860
_cell.length_c   212.350
_cell.angle_alpha   90.00
_cell.angle_beta   90.00
_cell.angle_gamma   120.00
#
_symmetry.space_group_name_H-M   'P 31 2 1'
#
loop_
_entity.id
_entity.type
_entity.pdbx_description
1 polymer ComZ
2 water water
#
_entity_poly.entity_id   1
_entity_poly.type   'polypeptide(L)'
_entity_poly.pdbx_seq_one_letter_code
;MAIELWTTRNDTTSVQAFYAAEAGLQKYKAALFQQYVWREQRGGTGGGGGCFTSLARGLDLDRDGTITPFVNNRLVLAQN
EVVTDANGNPVGRYTATLYKDAQDDQLFTLVSEGTSGGAKARVQATFRISNSDYLEQAIFAGAGQANKWLNGGATIRGGV
YVVGNPNDPDQYVIEANGNFALYNRYDLTTYSEVTNRVEPSYRQVQDLCASLRVQYGKISVGGSTQIGEPNNKVKGVFVG
RGAQDITGENVGVCRNNKGVCTEAMGGFDLSDPPPFPTLDAKLDSDACSAYPTWRACLQGKAALRIQRIGNILSVASPPN
ATLSPSCLQAMQSGTLTLDTQSVDCTFTRLDGSRGGFRYTYTGGQELLEVFGDVVLEGIDAVLNRPVDYRAQSGSAKSAT
LAVLKLGGNGGNLDINGNLLPDATFGLFPNHALGFVAEGDIYQRGQHVMAPVYAGGTFRVVKGNVLFGSVISNQFCTTSA
GNQMSCNASQKAEVVYIRIPKENRPALLPSLRGGKPVFQVLSYERRLEHHHHHH
;
_entity_poly.pdbx_strand_id   A,B,C
#
# COMPACT_ATOMS: atom_id res chain seq x y z
N ILE A 3 5.33 -30.63 57.02
CA ILE A 3 5.10 -31.61 58.07
C ILE A 3 5.24 -30.94 59.45
N GLU A 4 4.39 -31.34 60.39
CA GLU A 4 4.37 -30.74 61.72
C GLU A 4 4.48 -31.85 62.78
N LEU A 5 5.48 -31.72 63.65
CA LEU A 5 5.77 -32.68 64.70
C LEU A 5 5.73 -31.97 66.05
N TRP A 6 5.09 -32.60 67.03
CA TRP A 6 5.09 -32.02 68.35
C TRP A 6 5.03 -33.06 69.45
N THR A 7 5.35 -32.57 70.63
CA THR A 7 5.40 -33.30 71.87
C THR A 7 4.15 -32.96 72.66
N THR A 8 3.54 -33.96 73.26
CA THR A 8 2.35 -33.69 74.03
C THR A 8 2.32 -34.57 75.27
N ARG A 9 1.38 -34.29 76.13
CA ARG A 9 1.05 -35.22 77.21
C ARG A 9 -0.40 -35.65 77.14
N ASN A 10 -1.07 -35.40 76.03
CA ASN A 10 -2.47 -35.78 75.93
C ASN A 10 -2.66 -37.28 75.91
N ASP A 11 -3.89 -37.67 76.27
CA ASP A 11 -4.24 -39.07 76.26
C ASP A 11 -4.16 -39.62 74.83
N THR A 12 -4.03 -40.94 74.74
CA THR A 12 -3.90 -41.56 73.43
C THR A 12 -5.09 -41.22 72.53
N THR A 13 -6.30 -41.17 73.10
CA THR A 13 -7.51 -40.92 72.32
C THR A 13 -7.44 -39.59 71.56
N SER A 14 -7.19 -38.50 72.29
CA SER A 14 -7.20 -37.19 71.65
C SER A 14 -6.07 -37.10 70.64
N VAL A 15 -4.90 -37.66 70.97
CA VAL A 15 -3.79 -37.65 70.05
C VAL A 15 -4.20 -38.33 68.74
N GLN A 16 -4.96 -39.43 68.82
CA GLN A 16 -5.38 -40.01 67.55
C GLN A 16 -6.41 -39.13 66.83
N ALA A 17 -7.11 -38.29 67.55
CA ALA A 17 -8.05 -37.41 66.85
C ALA A 17 -7.28 -36.31 66.13
N PHE A 18 -6.27 -35.78 66.82
CA PHE A 18 -5.36 -34.81 66.23
C PHE A 18 -4.68 -35.40 65.00
N TYR A 19 -4.16 -36.61 65.09
CA TYR A 19 -3.49 -37.20 63.95
C TYR A 19 -4.41 -37.33 62.78
N ALA A 20 -5.65 -37.59 63.05
CA ALA A 20 -6.57 -37.74 61.99
C ALA A 20 -6.73 -36.45 61.29
N ALA A 21 -6.88 -35.37 62.03
CA ALA A 21 -7.05 -34.08 61.41
C ALA A 21 -5.80 -33.63 60.72
N GLU A 22 -4.69 -33.79 61.39
CA GLU A 22 -3.40 -33.38 60.85
C GLU A 22 -3.04 -34.18 59.61
N ALA A 23 -3.61 -35.37 59.48
CA ALA A 23 -3.47 -36.11 58.23
C ALA A 23 -4.15 -35.36 57.10
N GLY A 24 -5.34 -34.81 57.37
CA GLY A 24 -6.05 -34.11 56.30
C GLY A 24 -5.38 -32.80 55.94
N LEU A 25 -5.02 -32.00 56.94
CA LEU A 25 -4.44 -30.70 56.69
C LEU A 25 -3.16 -30.80 55.87
N GLN A 26 -2.29 -31.77 56.20
CA GLN A 26 -1.01 -31.75 55.52
C GLN A 26 -1.10 -32.38 54.15
N LYS A 27 -2.09 -33.25 53.93
CA LYS A 27 -2.29 -33.77 52.59
C LYS A 27 -2.72 -32.66 51.64
N TYR A 28 -3.72 -31.88 52.04
CA TYR A 28 -4.26 -30.88 51.15
C TYR A 28 -3.51 -29.56 51.22
N LYS A 29 -2.64 -29.35 52.22
CA LYS A 29 -1.67 -28.26 52.12
C LYS A 29 -0.65 -28.57 51.03
N ALA A 30 -0.29 -29.84 50.86
CA ALA A 30 0.55 -30.21 49.73
C ALA A 30 -0.21 -30.04 48.42
N ALA A 31 -1.46 -30.51 48.36
CA ALA A 31 -2.22 -30.35 47.13
C ALA A 31 -2.43 -28.88 46.82
N LEU A 32 -2.63 -28.06 47.85
CA LEU A 32 -2.83 -26.64 47.63
C LEU A 32 -1.57 -26.00 47.06
N PHE A 33 -0.42 -26.30 47.67
CA PHE A 33 0.85 -25.87 47.12
C PHE A 33 1.03 -26.38 45.70
N GLN A 34 0.54 -27.58 45.40
CA GLN A 34 0.74 -28.10 44.06
C GLN A 34 -0.17 -27.38 43.07
N GLN A 35 -1.35 -26.97 43.52
CA GLN A 35 -2.18 -26.10 42.71
C GLN A 35 -1.51 -24.75 42.51
N TYR A 36 -0.65 -24.33 43.46
CA TYR A 36 0.08 -23.08 43.32
C TYR A 36 1.23 -23.20 42.33
N VAL A 37 1.91 -24.34 42.28
CA VAL A 37 2.98 -24.53 41.31
C VAL A 37 2.43 -24.82 39.94
N TRP A 38 1.22 -25.39 39.84
CA TRP A 38 0.74 -25.65 38.49
C TRP A 38 0.39 -24.34 37.77
N ARG A 39 0.08 -23.29 38.51
CA ARG A 39 -0.18 -21.99 37.92
C ARG A 39 1.06 -21.14 37.77
N GLU A 40 2.20 -21.53 38.36
CA GLU A 40 3.41 -20.78 38.11
C GLU A 40 4.06 -21.24 36.82
N GLN A 41 3.68 -22.42 36.35
CA GLN A 41 3.74 -22.77 34.94
C GLN A 41 2.95 -21.72 34.17
N CYS A 51 -4.58 -21.64 29.44
CA CYS A 51 -4.78 -20.27 29.95
C CYS A 51 -4.68 -20.22 31.47
N PHE A 52 -4.33 -19.04 32.02
CA PHE A 52 -4.12 -18.88 33.46
C PHE A 52 -5.32 -18.21 34.11
N THR A 53 -5.78 -18.75 35.23
CA THR A 53 -6.86 -18.18 36.01
C THR A 53 -6.47 -18.27 37.49
N SER A 54 -6.77 -17.22 38.26
CA SER A 54 -6.28 -17.21 39.63
C SER A 54 -7.01 -18.20 40.53
N LEU A 55 -6.32 -18.48 41.63
CA LEU A 55 -6.81 -19.43 42.61
C LEU A 55 -8.14 -18.98 43.20
N ALA A 56 -8.37 -17.66 43.27
CA ALA A 56 -9.60 -17.21 43.90
C ALA A 56 -10.84 -17.60 43.11
N ARG A 57 -10.68 -18.06 41.88
CA ARG A 57 -11.81 -18.43 41.04
C ARG A 57 -12.00 -19.92 40.99
N GLY A 58 -11.32 -20.65 41.85
CA GLY A 58 -11.53 -22.07 41.94
C GLY A 58 -10.24 -22.81 41.77
N LEU A 59 -10.34 -24.13 41.85
CA LEU A 59 -9.20 -24.99 41.67
C LEU A 59 -9.41 -25.87 40.45
N ASP A 60 -8.28 -26.25 39.85
CA ASP A 60 -8.26 -27.15 38.72
C ASP A 60 -7.80 -28.47 39.29
N LEU A 61 -8.73 -29.16 39.97
CA LEU A 61 -8.38 -30.39 40.66
C LEU A 61 -7.99 -31.46 39.66
N ASP A 62 -8.65 -31.49 38.52
CA ASP A 62 -8.19 -32.37 37.46
C ASP A 62 -6.77 -32.05 37.03
N ARG A 63 -6.48 -30.74 36.82
CA ARG A 63 -5.35 -30.26 36.01
C ARG A 63 -5.58 -30.53 34.52
N ASP A 64 -6.74 -30.08 34.02
CA ASP A 64 -7.06 -30.04 32.60
C ASP A 64 -7.76 -28.72 32.21
N GLY A 65 -7.79 -27.72 33.06
CA GLY A 65 -8.54 -26.54 32.72
C GLY A 65 -9.98 -26.54 33.19
N THR A 66 -10.49 -27.66 33.72
CA THR A 66 -11.81 -27.63 34.32
C THR A 66 -11.65 -27.04 35.72
N ILE A 67 -12.40 -26.00 36.02
CA ILE A 67 -12.27 -25.31 37.29
C ILE A 67 -13.54 -25.59 38.09
N THR A 68 -13.35 -25.96 39.34
CA THR A 68 -14.50 -26.15 40.18
C THR A 68 -14.37 -24.94 41.05
N PRO A 69 -15.39 -24.10 41.08
CA PRO A 69 -15.37 -22.85 41.81
C PRO A 69 -15.77 -22.94 43.25
N PHE A 70 -15.67 -21.82 43.93
CA PHE A 70 -16.02 -21.74 45.31
C PHE A 70 -17.46 -21.36 45.35
N VAL A 71 -18.23 -21.99 46.22
CA VAL A 71 -19.61 -21.64 46.39
C VAL A 71 -19.71 -21.06 47.76
N ASN A 72 -20.19 -19.84 47.81
CA ASN A 72 -20.30 -19.09 49.05
C ASN A 72 -18.99 -19.18 49.76
N ASN A 73 -17.92 -18.81 49.08
CA ASN A 73 -16.57 -18.88 49.58
C ASN A 73 -16.11 -20.19 50.18
N ARG A 74 -16.61 -21.33 49.74
CA ARG A 74 -16.23 -22.56 50.35
C ARG A 74 -16.13 -23.63 49.29
N LEU A 75 -15.20 -24.55 49.48
CA LEU A 75 -15.02 -25.62 48.54
C LEU A 75 -14.58 -26.86 49.27
N VAL A 76 -15.33 -27.93 49.13
CA VAL A 76 -15.00 -29.14 49.86
C VAL A 76 -14.00 -29.97 49.09
N LEU A 77 -12.84 -30.20 49.69
CA LEU A 77 -11.82 -31.04 49.07
C LEU A 77 -11.91 -32.51 49.48
N ALA A 78 -12.52 -32.84 50.63
CA ALA A 78 -12.61 -34.26 51.02
C ALA A 78 -13.64 -34.42 52.13
N GLN A 79 -14.61 -35.31 51.90
CA GLN A 79 -15.65 -35.55 52.86
C GLN A 79 -15.54 -36.96 53.32
N ASN A 80 -15.34 -37.15 54.61
CA ASN A 80 -15.21 -38.46 55.24
C ASN A 80 -14.10 -39.35 54.71
N GLU A 81 -13.03 -38.77 54.26
CA GLU A 81 -11.94 -39.56 53.74
C GLU A 81 -11.32 -40.26 54.90
N VAL A 82 -10.94 -41.50 54.77
CA VAL A 82 -10.40 -42.18 55.93
C VAL A 82 -8.91 -42.31 56.00
N VAL A 83 -8.39 -42.10 57.19
CA VAL A 83 -6.98 -42.25 57.44
C VAL A 83 -6.74 -43.70 57.74
N THR A 84 -5.58 -44.23 57.40
CA THR A 84 -5.30 -45.65 57.60
C THR A 84 -4.01 -45.84 58.37
N ASP A 85 -3.93 -46.96 59.09
CA ASP A 85 -2.71 -47.30 59.81
C ASP A 85 -1.69 -47.85 58.80
N ALA A 86 -0.58 -48.38 59.31
CA ALA A 86 0.40 -48.96 58.40
C ALA A 86 -0.16 -50.20 57.71
N ASN A 87 -1.10 -50.88 58.38
CA ASN A 87 -1.72 -52.10 57.85
C ASN A 87 -2.94 -51.81 57.00
N GLY A 88 -3.23 -50.54 56.73
CA GLY A 88 -4.32 -50.19 55.83
C GLY A 88 -5.73 -50.31 56.38
N ASN A 89 -5.92 -50.24 57.73
CA ASN A 89 -7.23 -50.25 58.38
C ASN A 89 -7.63 -48.86 58.90
N PRO A 90 -8.94 -48.62 59.07
CA PRO A 90 -9.40 -47.25 59.37
C PRO A 90 -9.06 -46.84 60.80
N VAL A 91 -8.47 -45.68 60.91
CA VAL A 91 -8.16 -45.13 62.19
C VAL A 91 -9.05 -43.95 62.43
N GLY A 92 -9.58 -43.35 61.38
CA GLY A 92 -10.46 -42.22 61.55
C GLY A 92 -10.87 -41.61 60.26
N ARG A 93 -11.76 -40.65 60.31
CA ARG A 93 -12.19 -39.97 59.13
C ARG A 93 -11.88 -38.50 59.27
N TYR A 94 -11.88 -37.77 58.17
CA TYR A 94 -11.66 -36.35 58.26
C TYR A 94 -12.30 -35.66 57.15
N THR A 95 -12.53 -34.39 57.32
CA THR A 95 -13.13 -33.63 56.29
C THR A 95 -12.40 -32.36 55.99
N ALA A 96 -11.87 -32.23 54.79
CA ALA A 96 -11.06 -31.06 54.48
C ALA A 96 -11.90 -30.12 53.64
N THR A 97 -11.95 -28.86 54.06
CA THR A 97 -12.70 -27.81 53.38
C THR A 97 -11.78 -26.64 53.16
N LEU A 98 -11.89 -26.02 51.99
CA LEU A 98 -11.07 -24.88 51.59
C LEU A 98 -11.97 -23.65 51.52
N TYR A 99 -11.60 -22.61 52.25
CA TYR A 99 -12.38 -21.38 52.30
C TYR A 99 -11.56 -20.20 51.79
N LYS A 100 -12.17 -19.37 50.96
CA LYS A 100 -11.52 -18.14 50.53
C LYS A 100 -12.05 -16.95 51.31
N ASP A 101 -11.19 -15.97 51.52
CA ASP A 101 -11.58 -14.74 52.20
C ASP A 101 -12.46 -13.89 51.31
N ALA A 102 -13.52 -13.32 51.90
CA ALA A 102 -14.42 -12.49 51.11
C ALA A 102 -13.71 -11.24 50.59
N GLN A 103 -12.83 -10.65 51.41
CA GLN A 103 -12.21 -9.39 51.04
C GLN A 103 -10.99 -9.60 50.12
N ASP A 104 -9.97 -10.27 50.64
CA ASP A 104 -8.70 -10.46 49.95
C ASP A 104 -8.72 -11.78 49.17
N ASP A 105 -8.65 -11.71 47.85
CA ASP A 105 -8.70 -12.89 47.00
C ASP A 105 -7.40 -13.69 47.02
N GLN A 106 -6.46 -13.36 47.92
CA GLN A 106 -5.22 -14.09 48.08
C GLN A 106 -5.15 -14.87 49.40
N LEU A 107 -6.08 -14.60 50.32
CA LEU A 107 -6.11 -15.27 51.63
C LEU A 107 -6.99 -16.50 51.55
N PHE A 108 -6.41 -17.65 51.87
CA PHE A 108 -7.16 -18.90 51.90
C PHE A 108 -6.98 -19.60 53.23
N THR A 109 -8.06 -20.21 53.72
CA THR A 109 -8.05 -21.01 54.95
C THR A 109 -8.35 -22.45 54.59
N LEU A 110 -7.43 -23.35 54.95
CA LEU A 110 -7.61 -24.80 54.79
C LEU A 110 -8.02 -25.39 56.15
N VAL A 111 -9.16 -26.09 56.20
CA VAL A 111 -9.68 -26.64 57.45
C VAL A 111 -9.93 -28.14 57.32
N SER A 112 -9.41 -28.89 58.26
CA SER A 112 -9.57 -30.32 58.28
C SER A 112 -10.13 -30.78 59.62
N GLU A 113 -11.40 -31.14 59.66
CA GLU A 113 -12.05 -31.64 60.86
C GLU A 113 -11.82 -33.12 60.94
N GLY A 114 -11.14 -33.61 61.96
CA GLY A 114 -10.91 -35.04 62.06
C GLY A 114 -11.59 -35.72 63.21
N THR A 115 -11.84 -37.02 63.09
CA THR A 115 -12.47 -37.78 64.15
C THR A 115 -11.81 -39.10 64.26
N SER A 116 -11.68 -39.62 65.46
CA SER A 116 -11.06 -40.91 65.64
C SER A 116 -11.48 -41.54 66.94
N GLY A 117 -12.36 -42.52 66.90
CA GLY A 117 -12.76 -43.17 68.12
C GLY A 117 -13.46 -42.23 69.09
N GLY A 118 -14.55 -41.61 68.64
CA GLY A 118 -15.32 -40.76 69.54
C GLY A 118 -14.60 -39.53 70.04
N ALA A 119 -13.48 -39.16 69.44
CA ALA A 119 -12.79 -37.90 69.72
C ALA A 119 -12.73 -37.11 68.42
N LYS A 120 -13.01 -35.83 68.52
CA LYS A 120 -13.08 -34.97 67.37
C LYS A 120 -12.11 -33.82 67.59
N ALA A 121 -11.31 -33.55 66.56
CA ALA A 121 -10.33 -32.47 66.54
C ALA A 121 -10.40 -31.73 65.22
N ARG A 122 -10.02 -30.47 65.26
CA ARG A 122 -10.08 -29.58 64.12
C ARG A 122 -8.74 -28.86 64.01
N VAL A 123 -8.14 -28.89 62.82
CA VAL A 123 -6.90 -28.13 62.62
C VAL A 123 -7.03 -27.28 61.36
N GLN A 124 -6.38 -26.15 61.37
CA GLN A 124 -6.62 -25.25 60.25
C GLN A 124 -5.41 -24.37 60.02
N ALA A 125 -5.24 -23.95 58.76
CA ALA A 125 -4.14 -23.05 58.38
C ALA A 125 -4.62 -21.99 57.40
N THR A 126 -4.11 -20.78 57.59
CA THR A 126 -4.38 -19.69 56.68
C THR A 126 -3.13 -19.39 55.86
N PHE A 127 -3.32 -19.34 54.54
CA PHE A 127 -2.24 -19.03 53.61
C PHE A 127 -2.52 -17.73 52.89
N ARG A 128 -1.47 -17.19 52.31
CA ARG A 128 -1.58 -16.05 51.44
C ARG A 128 -0.92 -16.62 50.21
N ILE A 129 -1.64 -16.67 49.11
CA ILE A 129 -1.16 -17.28 47.89
C ILE A 129 -1.38 -16.31 46.74
N SER A 130 -0.30 -16.01 46.01
CA SER A 130 -0.38 -15.19 44.80
C SER A 130 0.53 -15.78 43.75
N ASN A 131 0.05 -15.81 42.51
CA ASN A 131 0.84 -16.35 41.39
C ASN A 131 1.61 -15.26 40.64
N SER A 132 2.60 -15.69 39.86
CA SER A 132 3.35 -14.71 39.08
C SER A 132 2.46 -14.07 38.05
N ASP A 133 1.64 -14.90 37.39
CA ASP A 133 0.80 -14.50 36.27
C ASP A 133 1.65 -13.83 35.17
N TYR A 134 2.42 -14.68 34.51
CA TYR A 134 3.24 -14.23 33.39
C TYR A 134 2.35 -13.56 32.37
N LEU A 135 2.58 -12.27 32.15
CA LEU A 135 1.73 -11.48 31.26
C LEU A 135 1.78 -11.99 29.85
N GLU A 136 0.61 -12.03 29.21
CA GLU A 136 0.48 -12.57 27.86
C GLU A 136 -0.30 -11.57 27.02
N GLN A 137 0.42 -10.79 26.20
CA GLN A 137 -0.23 -9.78 25.39
C GLN A 137 0.52 -9.66 24.06
N ALA A 138 -0.20 -9.21 23.02
CA ALA A 138 0.49 -9.01 21.76
C ALA A 138 1.34 -7.77 21.81
N ILE A 139 0.91 -6.78 22.53
CA ILE A 139 1.64 -5.56 22.59
C ILE A 139 1.72 -5.01 23.95
N PHE A 140 2.91 -4.82 24.46
CA PHE A 140 3.07 -4.25 25.74
C PHE A 140 3.62 -2.90 25.47
N ALA A 141 2.93 -1.85 25.86
CA ALA A 141 3.40 -0.52 25.57
C ALA A 141 3.95 0.18 26.77
N GLY A 142 4.90 1.06 26.54
CA GLY A 142 5.54 1.73 27.63
C GLY A 142 5.09 3.07 28.07
N ALA A 143 5.93 4.06 27.88
CA ALA A 143 5.62 5.39 28.35
C ALA A 143 5.48 6.47 27.35
N GLY A 144 5.62 6.18 26.07
CA GLY A 144 5.47 7.15 24.98
C GLY A 144 6.30 8.42 25.12
N ALA A 146 5.63 11.96 24.58
CA ALA A 146 5.02 11.91 23.26
C ALA A 146 3.51 11.81 23.37
N ASN A 147 3.08 11.34 24.54
CA ASN A 147 1.66 11.24 24.89
C ASN A 147 0.86 10.47 23.83
N LYS A 148 1.51 9.57 23.09
CA LYS A 148 0.77 8.64 22.23
C LYS A 148 1.46 7.28 22.30
N TRP A 149 0.70 6.21 22.53
CA TRP A 149 1.26 4.87 22.74
C TRP A 149 0.97 3.92 21.59
N LEU A 150 -0.10 4.17 20.87
CA LEU A 150 -0.44 3.37 19.73
C LEU A 150 -0.96 4.36 18.73
N ASN A 151 -0.25 4.53 17.63
CA ASN A 151 -0.65 5.50 16.64
C ASN A 151 -0.83 4.88 15.31
N GLY A 152 -2.03 4.92 14.80
CA GLY A 152 -2.27 4.34 13.51
C GLY A 152 -3.00 3.06 13.67
N GLY A 153 -3.68 2.64 12.65
CA GLY A 153 -4.48 1.46 12.69
C GLY A 153 -3.82 0.20 13.14
N ALA A 154 -4.62 -0.66 13.71
CA ALA A 154 -4.08 -1.90 14.22
C ALA A 154 -5.22 -2.90 14.39
N THR A 155 -4.88 -4.15 14.23
CA THR A 155 -5.78 -5.23 14.51
C THR A 155 -4.83 -6.08 15.31
N ILE A 156 -5.13 -6.27 16.58
CA ILE A 156 -4.25 -6.94 17.53
C ILE A 156 -4.95 -8.21 17.99
N ARG A 157 -4.39 -9.37 17.64
CA ARG A 157 -4.99 -10.61 18.11
C ARG A 157 -4.19 -11.01 19.35
N GLY A 158 -4.70 -10.59 20.51
CA GLY A 158 -4.02 -10.78 21.78
C GLY A 158 -4.19 -9.57 22.68
N GLY A 159 -3.61 -9.60 23.88
CA GLY A 159 -3.81 -8.51 24.80
C GLY A 159 -2.96 -7.31 24.43
N VAL A 160 -3.29 -6.18 25.01
CA VAL A 160 -2.48 -5.00 24.89
C VAL A 160 -2.39 -4.39 26.27
N TYR A 161 -1.19 -4.28 26.82
CA TYR A 161 -0.94 -3.72 28.12
C TYR A 161 -0.25 -2.41 27.91
N VAL A 162 -0.69 -1.37 28.56
CA VAL A 162 -0.05 -0.10 28.42
C VAL A 162 0.26 0.37 29.81
N VAL A 163 1.45 0.91 30.04
CA VAL A 163 1.71 1.37 31.39
C VAL A 163 1.26 2.80 31.65
N GLY A 164 1.51 3.73 30.74
CA GLY A 164 1.07 5.08 30.96
C GLY A 164 2.06 5.97 31.65
N ASN A 165 1.65 7.17 31.98
CA ASN A 165 2.52 8.11 32.65
C ASN A 165 2.03 8.35 34.05
N PRO A 166 2.72 7.80 35.02
CA PRO A 166 2.33 7.88 36.41
C PRO A 166 2.14 9.28 36.90
N ASN A 167 2.79 10.26 36.29
CA ASN A 167 2.56 11.60 36.78
C ASN A 167 1.42 12.30 36.06
N ASP A 168 0.56 11.54 35.37
CA ASP A 168 -0.61 12.08 34.68
C ASP A 168 -1.68 11.00 34.49
N PRO A 169 -2.33 10.56 35.56
CA PRO A 169 -3.28 9.45 35.42
C PRO A 169 -4.60 9.90 34.85
N ASP A 170 -4.63 11.06 34.21
CA ASP A 170 -5.85 11.52 33.59
C ASP A 170 -5.68 11.65 32.09
N GLN A 171 -4.70 10.97 31.51
CA GLN A 171 -4.48 11.11 30.09
C GLN A 171 -5.02 9.91 29.33
N TYR A 172 -5.99 10.17 28.46
CA TYR A 172 -6.39 9.17 27.48
C TYR A 172 -5.15 8.62 26.82
N VAL A 173 -4.87 7.36 27.10
CA VAL A 173 -3.67 6.70 26.59
C VAL A 173 -4.01 5.86 25.38
N ILE A 174 -5.30 5.73 25.07
CA ILE A 174 -5.83 5.06 23.90
C ILE A 174 -7.10 5.82 23.55
N GLU A 175 -7.07 6.63 22.50
CA GLU A 175 -8.26 7.33 22.00
C GLU A 175 -8.68 6.68 20.69
N ALA A 176 -9.19 5.46 20.78
CA ALA A 176 -9.55 4.70 19.59
C ALA A 176 -11.00 5.00 19.26
N ASN A 177 -11.24 5.45 18.03
CA ASN A 177 -12.58 5.80 17.57
C ASN A 177 -12.78 5.21 16.18
N GLY A 178 -12.74 3.89 16.09
CA GLY A 178 -12.47 3.20 14.86
C GLY A 178 -11.02 2.73 14.85
N ASN A 179 -10.56 2.34 13.66
CA ASN A 179 -9.14 2.15 13.34
C ASN A 179 -8.40 1.25 14.35
N PHE A 180 -9.12 0.41 15.10
CA PHE A 180 -8.51 -0.38 16.18
C PHE A 180 -9.41 -1.55 16.48
N ALA A 181 -8.84 -2.76 16.45
CA ALA A 181 -9.58 -3.97 16.75
C ALA A 181 -8.66 -4.87 17.53
N LEU A 182 -9.22 -5.48 18.58
CA LEU A 182 -8.46 -6.33 19.50
C LEU A 182 -9.28 -7.59 19.67
N TYR A 183 -8.72 -8.71 19.22
CA TYR A 183 -9.43 -9.97 19.21
C TYR A 183 -8.74 -10.98 20.12
N ASN A 184 -9.50 -12.04 20.44
CA ASN A 184 -9.00 -13.06 21.35
C ASN A 184 -8.94 -14.42 20.67
N ARG A 185 -8.83 -14.41 19.36
CA ARG A 185 -8.48 -15.62 18.63
C ARG A 185 -7.84 -15.23 17.32
N TYR A 186 -7.22 -16.23 16.69
CA TYR A 186 -6.57 -16.07 15.40
C TYR A 186 -6.65 -17.43 14.72
N ASP A 187 -6.52 -17.45 13.41
CA ASP A 187 -6.25 -18.70 12.72
C ASP A 187 -5.32 -18.41 11.54
N LEU A 188 -4.22 -19.16 11.45
CA LEU A 188 -3.12 -18.80 10.55
C LEU A 188 -3.34 -19.26 9.13
N THR A 189 -4.47 -19.89 8.84
CA THR A 189 -4.84 -20.16 7.46
C THR A 189 -5.16 -18.91 6.68
N THR A 190 -5.50 -17.80 7.35
CA THR A 190 -5.83 -16.54 6.69
C THR A 190 -4.62 -15.79 6.15
N TYR A 191 -3.40 -16.28 6.36
CA TYR A 191 -2.20 -15.57 5.94
C TYR A 191 -1.47 -16.37 4.88
N SER A 192 -0.71 -15.65 4.04
CA SER A 192 -0.11 -16.24 2.85
C SER A 192 0.97 -17.27 3.15
N GLU A 193 0.55 -18.54 3.17
CA GLU A 193 1.43 -19.70 3.24
C GLU A 193 2.49 -19.57 4.34
N VAL A 194 2.02 -19.24 5.54
CA VAL A 194 2.86 -19.17 6.73
C VAL A 194 2.48 -20.23 7.75
N THR A 195 1.48 -21.03 7.46
CA THR A 195 1.04 -22.03 8.41
C THR A 195 2.00 -23.18 8.54
N ASN A 196 2.90 -23.33 7.60
CA ASN A 196 3.77 -24.47 7.75
C ASN A 196 5.01 -24.10 8.58
N ARG A 197 5.06 -22.85 9.08
CA ARG A 197 6.06 -22.39 10.05
C ARG A 197 5.67 -22.64 11.52
N VAL A 198 4.39 -22.98 11.82
CA VAL A 198 3.88 -23.11 13.18
C VAL A 198 3.47 -24.55 13.47
N GLU A 199 3.64 -24.93 14.74
CA GLU A 199 3.23 -26.23 15.26
C GLU A 199 1.72 -26.44 15.12
N PRO A 200 1.27 -27.68 14.79
CA PRO A 200 -0.18 -27.96 14.70
C PRO A 200 -1.04 -27.43 15.83
N SER A 201 -0.69 -27.75 17.08
CA SER A 201 -1.47 -27.29 18.23
C SER A 201 -1.54 -25.78 18.32
N TYR A 202 -0.77 -25.05 17.51
CA TYR A 202 -0.69 -23.61 17.61
C TYR A 202 -1.26 -22.90 16.39
N ARG A 203 -1.85 -23.62 15.43
CA ARG A 203 -2.26 -22.94 14.20
C ARG A 203 -3.61 -22.24 14.31
N GLN A 204 -4.55 -22.75 15.13
CA GLN A 204 -5.77 -22.01 15.45
C GLN A 204 -6.03 -22.12 16.93
N VAL A 205 -6.01 -20.98 17.59
CA VAL A 205 -6.27 -20.86 19.02
C VAL A 205 -7.47 -19.95 19.16
N GLN A 206 -8.41 -20.33 20.04
CA GLN A 206 -9.65 -19.60 20.21
C GLN A 206 -9.69 -18.87 21.54
N ASP A 207 -8.74 -19.15 22.42
CA ASP A 207 -8.53 -18.43 23.67
C ASP A 207 -7.08 -17.93 23.67
N LEU A 208 -6.88 -16.65 23.35
CA LEU A 208 -5.55 -16.07 23.36
C LEU A 208 -5.18 -15.52 24.72
N CYS A 209 -6.15 -15.53 25.64
CA CYS A 209 -6.06 -14.95 26.98
C CYS A 209 -5.87 -13.45 26.90
N ALA A 210 -6.60 -12.81 25.98
CA ALA A 210 -6.43 -11.39 25.75
C ALA A 210 -7.08 -10.55 26.84
N SER A 211 -6.56 -9.34 27.02
CA SER A 211 -7.13 -8.40 27.99
C SER A 211 -6.56 -7.04 27.64
N LEU A 212 -7.23 -6.00 28.11
CA LEU A 212 -6.74 -4.64 27.98
C LEU A 212 -6.43 -4.10 29.36
N ARG A 213 -5.16 -3.86 29.63
CA ARG A 213 -4.76 -3.32 30.92
C ARG A 213 -4.01 -2.01 30.69
N VAL A 214 -4.34 -1.03 31.47
CA VAL A 214 -3.69 0.23 31.40
C VAL A 214 -3.44 0.63 32.81
N GLN A 215 -2.22 0.57 33.25
CA GLN A 215 -1.91 0.92 34.60
C GLN A 215 -2.09 2.36 34.97
N TYR A 216 -1.70 3.29 34.12
CA TYR A 216 -1.88 4.68 34.46
C TYR A 216 -2.57 5.41 33.35
N GLY A 217 -3.75 5.94 33.60
CA GLY A 217 -4.48 6.68 32.61
C GLY A 217 -5.87 6.19 32.28
N LYS A 218 -6.56 6.96 31.45
CA LYS A 218 -7.88 6.65 30.94
C LYS A 218 -7.79 6.17 29.49
N ILE A 219 -8.93 5.73 28.93
CA ILE A 219 -9.04 5.32 27.54
C ILE A 219 -10.42 5.71 27.06
N SER A 220 -10.50 6.04 25.77
CA SER A 220 -11.75 6.40 25.11
C SER A 220 -11.98 5.41 23.98
N VAL A 221 -13.23 5.03 23.77
CA VAL A 221 -13.55 4.05 22.74
C VAL A 221 -14.74 4.57 21.95
N GLY A 222 -14.51 4.86 20.66
CA GLY A 222 -15.53 5.38 19.77
C GLY A 222 -16.06 4.32 18.82
N GLY A 223 -16.90 4.75 17.89
CA GLY A 223 -17.62 3.82 17.05
C GLY A 223 -16.71 3.01 16.15
N SER A 224 -17.11 1.76 15.93
CA SER A 224 -16.49 0.70 15.08
C SER A 224 -15.20 0.14 15.68
N THR A 225 -14.74 0.66 16.80
CA THR A 225 -13.66 0.04 17.55
C THR A 225 -14.16 -1.29 18.09
N GLN A 226 -13.27 -2.25 18.27
CA GLN A 226 -13.75 -3.57 18.64
C GLN A 226 -12.74 -4.18 19.61
N ILE A 227 -13.11 -4.15 20.89
CA ILE A 227 -12.34 -4.80 21.94
C ILE A 227 -13.10 -6.10 22.19
N GLY A 228 -12.67 -7.17 21.54
CA GLY A 228 -13.36 -8.43 21.62
C GLY A 228 -14.52 -8.45 20.66
N GLU A 229 -15.07 -9.65 20.48
CA GLU A 229 -16.22 -9.88 19.63
C GLU A 229 -17.35 -10.42 20.48
N PRO A 230 -18.62 -10.19 20.09
CA PRO A 230 -19.74 -10.75 20.84
C PRO A 230 -19.56 -12.23 21.13
N ASN A 231 -19.08 -12.99 20.14
CA ASN A 231 -18.83 -14.43 20.25
C ASN A 231 -17.65 -14.69 21.19
N ASN A 232 -16.44 -14.42 20.73
CA ASN A 232 -15.24 -14.65 21.51
C ASN A 232 -14.67 -13.30 21.94
N LYS A 233 -14.81 -12.96 23.22
CA LYS A 233 -14.45 -11.62 23.64
C LYS A 233 -13.46 -11.61 24.79
N VAL A 234 -12.92 -10.42 25.02
CA VAL A 234 -11.73 -10.27 25.82
C VAL A 234 -12.04 -10.56 27.27
N LYS A 235 -11.03 -11.09 27.95
CA LYS A 235 -11.19 -11.53 29.33
C LYS A 235 -10.86 -10.40 30.31
N GLY A 236 -11.56 -9.28 30.17
CA GLY A 236 -11.32 -8.19 31.09
C GLY A 236 -10.73 -6.92 30.49
N VAL A 237 -11.15 -5.78 31.03
CA VAL A 237 -10.68 -4.47 30.63
C VAL A 237 -10.40 -3.72 31.94
N PHE A 238 -9.15 -3.75 32.37
CA PHE A 238 -8.71 -3.17 33.64
C PHE A 238 -7.90 -1.90 33.41
N VAL A 239 -8.53 -0.73 33.61
CA VAL A 239 -7.91 0.53 33.23
C VAL A 239 -7.90 1.51 34.40
N GLY A 240 -6.72 2.02 34.75
CA GLY A 240 -6.57 3.14 35.66
C GLY A 240 -7.19 2.93 37.04
N ARG A 241 -7.82 3.99 37.55
CA ARG A 241 -8.33 4.08 38.91
C ARG A 241 -9.65 3.38 39.11
N GLY A 242 -10.21 2.73 38.13
CA GLY A 242 -11.56 2.20 38.25
C GLY A 242 -12.27 2.16 36.91
N ALA A 243 -13.52 1.76 36.96
CA ALA A 243 -14.33 1.77 35.75
C ALA A 243 -14.59 3.18 35.22
N GLN A 244 -14.36 4.21 36.05
CA GLN A 244 -14.55 5.60 35.65
C GLN A 244 -13.67 5.94 34.44
N ASP A 245 -12.45 5.39 34.39
CA ASP A 245 -11.47 5.76 33.38
C ASP A 245 -11.60 4.95 32.11
N ILE A 246 -12.72 4.26 31.94
CA ILE A 246 -13.08 3.60 30.69
C ILE A 246 -14.20 4.45 30.08
N THR A 247 -13.82 5.43 29.26
CA THR A 247 -14.70 6.38 28.58
C THR A 247 -15.03 5.93 27.15
N GLY A 248 -16.14 6.45 26.64
CA GLY A 248 -16.46 6.34 25.23
C GLY A 248 -17.90 6.02 24.91
N GLU A 249 -18.29 6.28 23.65
CA GLU A 249 -19.60 5.93 23.14
C GLU A 249 -19.89 4.43 23.21
N ASN A 250 -18.87 3.60 23.26
CA ASN A 250 -19.04 2.18 23.00
C ASN A 250 -18.87 1.30 24.23
N VAL A 251 -18.81 1.85 25.43
CA VAL A 251 -18.63 1.02 26.62
C VAL A 251 -19.98 0.41 26.97
N GLY A 252 -19.96 -0.88 27.32
CA GLY A 252 -21.17 -1.64 27.55
C GLY A 252 -21.88 -2.10 26.29
N VAL A 253 -21.66 -1.43 25.16
CA VAL A 253 -22.11 -1.95 23.87
C VAL A 253 -21.25 -3.14 23.48
N CYS A 254 -21.89 -4.20 23.00
CA CYS A 254 -21.18 -5.38 22.53
C CYS A 254 -21.89 -5.96 21.32
N ARG A 255 -22.22 -5.09 20.37
CA ARG A 255 -22.77 -5.52 19.10
C ARG A 255 -21.60 -5.80 18.14
N ASN A 256 -21.91 -6.47 17.04
CA ASN A 256 -20.86 -7.04 16.20
C ASN A 256 -20.13 -5.96 15.40
N ASN A 257 -18.79 -5.94 15.52
CA ASN A 257 -17.98 -4.96 14.85
C ASN A 257 -18.22 -3.58 15.53
N LYS A 258 -18.42 -3.61 16.85
CA LYS A 258 -18.47 -2.37 17.61
C LYS A 258 -18.33 -2.67 19.10
N GLY A 259 -17.93 -1.63 19.85
CA GLY A 259 -18.09 -1.63 21.30
C GLY A 259 -17.06 -2.46 22.04
N VAL A 260 -17.21 -2.49 23.36
CA VAL A 260 -16.31 -3.29 24.17
C VAL A 260 -17.08 -4.53 24.63
N CYS A 261 -16.64 -5.69 24.14
CA CYS A 261 -17.14 -7.00 24.55
C CYS A 261 -16.22 -7.53 25.64
N THR A 262 -16.66 -7.42 26.88
CA THR A 262 -15.76 -7.79 27.96
C THR A 262 -16.54 -8.57 29.00
N GLU A 263 -15.82 -9.48 29.65
CA GLU A 263 -16.31 -10.19 30.80
C GLU A 263 -16.25 -9.32 32.04
N ALA A 264 -15.09 -8.74 32.30
CA ALA A 264 -14.89 -7.89 33.46
C ALA A 264 -14.42 -6.51 33.01
N MET A 265 -14.76 -5.50 33.80
CA MET A 265 -14.42 -4.13 33.46
C MET A 265 -14.29 -3.32 34.75
N GLY A 266 -13.05 -3.10 35.19
CA GLY A 266 -12.79 -2.16 36.27
C GLY A 266 -11.48 -1.38 36.14
N GLY A 267 -10.82 -1.14 37.27
CA GLY A 267 -9.56 -0.44 37.24
C GLY A 267 -8.43 -1.41 37.00
N PHE A 268 -7.22 -0.88 37.02
CA PHE A 268 -6.03 -1.71 36.83
C PHE A 268 -6.01 -2.76 37.92
N ASP A 269 -5.96 -4.02 37.52
CA ASP A 269 -6.17 -5.18 38.39
C ASP A 269 -4.89 -5.89 38.79
N LEU A 270 -3.80 -5.17 39.09
CA LEU A 270 -2.57 -5.86 39.43
C LEU A 270 -1.85 -5.16 40.57
N SER A 271 -1.40 -5.96 41.52
CA SER A 271 -0.45 -5.54 42.52
C SER A 271 0.92 -5.99 42.04
N ASP A 272 1.94 -5.22 42.40
CA ASP A 272 3.30 -5.46 41.93
C ASP A 272 3.33 -5.58 40.41
N PRO A 273 2.84 -4.58 39.70
CA PRO A 273 2.88 -4.71 38.27
C PRO A 273 4.23 -4.28 37.83
N PRO A 274 4.70 -4.87 36.75
CA PRO A 274 6.00 -4.67 36.13
C PRO A 274 6.07 -3.40 35.37
N PRO A 275 7.21 -2.74 35.44
CA PRO A 275 7.45 -1.52 34.71
C PRO A 275 7.96 -1.85 33.33
N PHE A 276 8.04 -0.87 32.46
CA PHE A 276 8.53 -1.12 31.14
C PHE A 276 9.96 -1.49 31.31
N PRO A 277 10.35 -2.62 30.78
CA PRO A 277 11.71 -3.08 30.95
C PRO A 277 12.68 -2.26 30.14
N THR A 278 13.76 -1.87 30.78
CA THR A 278 14.75 -1.02 30.14
C THR A 278 16.14 -1.62 30.36
N LEU A 279 17.04 -1.34 29.41
CA LEU A 279 18.39 -1.87 29.48
C LEU A 279 19.11 -1.45 30.76
N ASP A 280 18.82 -0.26 31.30
CA ASP A 280 19.55 0.24 32.46
C ASP A 280 18.88 -0.03 33.79
N ALA A 281 17.84 -0.86 33.81
CA ALA A 281 17.22 -1.24 35.06
C ALA A 281 17.38 -2.75 35.24
N LYS A 282 17.34 -3.19 36.49
CA LYS A 282 17.41 -4.61 36.77
C LYS A 282 16.24 -5.29 36.09
N LEU A 283 16.50 -6.44 35.46
CA LEU A 283 15.41 -7.18 34.83
C LEU A 283 15.35 -8.49 35.58
N ASP A 284 14.32 -8.70 36.35
CA ASP A 284 14.41 -9.87 37.20
C ASP A 284 13.77 -10.98 36.34
N SER A 285 14.61 -11.88 35.85
CA SER A 285 14.22 -12.95 34.97
C SER A 285 15.15 -14.10 35.28
N ASP A 286 14.81 -15.29 34.80
CA ASP A 286 15.62 -16.45 35.19
C ASP A 286 17.04 -16.29 34.72
N ALA A 287 17.28 -15.58 33.63
CA ALA A 287 18.64 -15.44 33.13
C ALA A 287 19.31 -14.17 33.60
N CYS A 288 18.55 -13.12 33.93
CA CYS A 288 19.18 -11.83 34.17
C CYS A 288 19.03 -11.27 35.58
N SER A 289 18.53 -12.05 36.54
CA SER A 289 18.21 -11.46 37.84
C SER A 289 19.45 -11.17 38.67
N ALA A 290 20.54 -11.94 38.50
CA ALA A 290 21.77 -11.66 39.23
C ALA A 290 22.47 -10.38 38.77
N TYR A 291 22.26 -9.94 37.49
CA TYR A 291 23.01 -8.78 37.06
C TYR A 291 22.33 -7.50 37.53
N PRO A 292 23.11 -6.44 37.78
CA PRO A 292 22.50 -5.18 38.23
C PRO A 292 21.58 -4.59 37.20
N THR A 293 21.89 -4.73 35.92
CA THR A 293 21.00 -4.21 34.89
C THR A 293 20.81 -5.25 33.80
N TRP A 294 19.69 -5.14 33.07
CA TRP A 294 19.48 -5.98 31.90
C TRP A 294 20.66 -5.84 30.94
N ARG A 295 21.16 -4.61 30.73
CA ARG A 295 22.29 -4.45 29.82
C ARG A 295 23.51 -5.23 30.30
N ALA A 296 23.80 -5.18 31.60
CA ALA A 296 24.93 -5.94 32.16
C ALA A 296 24.75 -7.44 31.93
N CYS A 297 23.49 -7.87 31.88
CA CYS A 297 23.18 -9.28 31.62
C CYS A 297 23.49 -9.68 30.19
N LEU A 298 23.06 -8.88 29.24
CA LEU A 298 23.29 -9.19 27.84
C LEU A 298 24.75 -9.19 27.57
N GLN A 299 25.43 -8.22 28.11
CA GLN A 299 26.85 -8.12 27.93
C GLN A 299 27.55 -9.33 28.44
N GLY A 300 27.18 -9.76 29.63
CA GLY A 300 27.80 -10.90 30.23
C GLY A 300 27.39 -12.26 29.72
N LYS A 301 26.20 -12.41 29.17
CA LYS A 301 25.82 -13.71 28.72
C LYS A 301 25.92 -13.89 27.23
N ALA A 302 26.44 -12.90 26.56
CA ALA A 302 26.57 -12.95 25.14
C ALA A 302 27.61 -13.90 24.68
N ALA A 303 27.32 -14.60 23.61
CA ALA A 303 28.27 -15.50 23.05
C ALA A 303 29.15 -14.64 22.18
N LEU A 304 28.54 -13.89 21.30
CA LEU A 304 29.23 -13.01 20.41
C LEU A 304 28.86 -11.63 20.84
N ARG A 305 29.83 -10.80 21.14
CA ARG A 305 29.54 -9.46 21.54
C ARG A 305 30.55 -8.51 21.00
N ILE A 306 30.11 -7.53 20.22
CA ILE A 306 30.98 -6.56 19.60
C ILE A 306 30.59 -5.16 19.95
N GLN A 307 31.55 -4.31 20.26
CA GLN A 307 31.23 -2.94 20.58
C GLN A 307 31.79 -2.04 19.54
N ARG A 308 31.27 -0.83 19.48
CA ARG A 308 31.75 0.10 18.52
C ARG A 308 31.66 1.50 18.95
N ILE A 309 32.80 2.02 19.31
CA ILE A 309 33.02 3.38 19.76
C ILE A 309 33.66 4.08 18.57
N GLY A 310 32.90 4.97 17.92
CA GLY A 310 33.28 5.70 16.71
C GLY A 310 33.60 4.82 15.51
N ASN A 311 34.85 4.77 15.11
CA ASN A 311 35.35 3.86 14.07
C ASN A 311 36.06 2.63 14.61
N ILE A 312 36.21 2.51 15.93
CA ILE A 312 36.82 1.29 16.44
C ILE A 312 35.73 0.27 16.67
N LEU A 313 36.06 -0.97 16.37
CA LEU A 313 35.21 -2.08 16.57
C LEU A 313 35.95 -2.96 17.54
N SER A 314 35.54 -3.00 18.80
CA SER A 314 36.20 -3.83 19.78
C SER A 314 35.49 -5.12 20.07
N VAL A 315 36.13 -6.25 19.89
CA VAL A 315 35.47 -7.49 20.20
C VAL A 315 35.61 -7.82 21.66
N ALA A 316 34.51 -8.13 22.32
CA ALA A 316 34.56 -8.43 23.72
C ALA A 316 34.25 -9.87 24.00
N SER A 317 33.70 -10.56 23.04
CA SER A 317 33.38 -11.94 23.21
C SER A 317 33.22 -12.48 21.85
N PRO A 318 33.80 -13.64 21.56
CA PRO A 318 34.41 -14.64 22.41
C PRO A 318 35.82 -14.26 22.77
N PRO A 319 36.13 -14.22 24.04
CA PRO A 319 37.44 -13.75 24.50
C PRO A 319 38.56 -14.73 24.31
N ASN A 320 38.25 -16.01 24.05
CA ASN A 320 39.25 -17.07 23.90
C ASN A 320 39.00 -17.87 22.62
N ALA A 321 38.40 -17.23 21.62
CA ALA A 321 38.12 -17.88 20.36
C ALA A 321 38.24 -16.83 19.27
N THR A 322 38.72 -17.26 18.11
CA THR A 322 39.04 -16.37 17.00
C THR A 322 37.83 -16.09 16.14
N LEU A 323 37.84 -14.92 15.50
CA LEU A 323 36.82 -14.53 14.53
C LEU A 323 37.40 -14.42 13.13
N SER A 324 36.52 -14.51 12.14
CA SER A 324 36.96 -14.28 10.75
C SER A 324 36.88 -12.79 10.41
N PRO A 325 37.87 -12.26 9.68
CA PRO A 325 37.79 -10.83 9.28
C PRO A 325 36.57 -10.49 8.42
N SER A 326 36.04 -11.43 7.65
CA SER A 326 34.76 -11.21 6.96
C SER A 326 33.71 -10.67 7.95
N CYS A 327 33.63 -11.29 9.13
CA CYS A 327 32.63 -10.90 10.11
C CYS A 327 32.80 -9.43 10.49
N LEU A 328 34.01 -9.04 10.91
CA LEU A 328 34.23 -7.66 11.33
C LEU A 328 34.17 -6.66 10.17
N GLN A 329 34.53 -7.08 8.94
CA GLN A 329 34.37 -6.20 7.79
C GLN A 329 32.92 -5.74 7.65
N ALA A 330 31.96 -6.63 7.90
CA ALA A 330 30.57 -6.30 7.63
C ALA A 330 30.04 -5.14 8.49
N MET A 331 30.65 -4.88 9.62
CA MET A 331 30.10 -3.85 10.48
C MET A 331 30.94 -2.65 10.57
N GLN A 332 31.87 -2.53 9.65
CA GLN A 332 32.80 -1.42 9.58
C GLN A 332 32.18 -0.07 9.76
N SER A 333 31.13 0.15 9.01
CA SER A 333 30.37 1.37 8.98
C SER A 333 29.59 1.76 10.18
N GLY A 334 29.25 0.79 11.03
CA GLY A 334 28.39 1.06 12.16
C GLY A 334 26.99 0.60 11.90
N THR A 335 26.78 -0.02 10.75
CA THR A 335 25.48 -0.55 10.34
C THR A 335 25.77 -1.88 9.65
N LEU A 336 25.20 -2.93 10.20
CA LEU A 336 25.32 -4.28 9.68
C LEU A 336 24.12 -4.48 8.78
N THR A 337 24.34 -4.59 7.48
CA THR A 337 23.24 -4.87 6.60
C THR A 337 23.54 -6.22 6.06
N LEU A 338 22.56 -7.07 6.02
CA LEU A 338 22.82 -8.43 5.56
C LEU A 338 22.75 -8.45 4.03
N ASP A 339 21.57 -8.50 3.43
CA ASP A 339 21.41 -8.37 1.95
C ASP A 339 22.12 -9.50 1.20
N THR A 340 22.86 -9.20 0.13
CA THR A 340 23.32 -10.15 -0.88
C THR A 340 24.74 -10.71 -0.72
N GLN A 341 25.50 -10.35 0.33
CA GLN A 341 26.80 -11.00 0.50
C GLN A 341 26.88 -11.71 1.84
N SER A 342 27.20 -12.99 1.79
CA SER A 342 27.25 -13.82 2.99
C SER A 342 28.26 -13.32 3.99
N VAL A 343 27.90 -13.46 5.26
CA VAL A 343 28.73 -13.02 6.37
C VAL A 343 28.76 -14.15 7.39
N ASP A 344 29.95 -14.53 7.81
CA ASP A 344 30.14 -15.64 8.74
C ASP A 344 30.71 -15.07 10.05
N CYS A 345 29.84 -14.83 11.02
CA CYS A 345 30.29 -14.42 12.34
C CYS A 345 30.28 -15.57 13.33
N THR A 346 30.69 -16.76 12.93
CA THR A 346 30.74 -17.86 13.88
C THR A 346 32.17 -18.10 14.35
N PHE A 347 32.27 -18.82 15.46
CA PHE A 347 33.54 -19.21 16.04
C PHE A 347 33.33 -20.57 16.69
N THR A 348 34.41 -21.28 16.97
CA THR A 348 34.26 -22.59 17.58
C THR A 348 34.85 -22.60 18.94
N ARG A 349 34.10 -23.13 19.88
CA ARG A 349 34.56 -23.19 21.24
C ARG A 349 35.54 -24.30 21.50
N LEU A 350 36.00 -24.32 22.74
CA LEU A 350 36.93 -25.29 23.25
C LEU A 350 36.42 -26.68 22.97
N ASP A 351 35.19 -26.93 23.39
CA ASP A 351 34.55 -28.22 23.22
C ASP A 351 33.89 -28.52 21.89
N GLY A 352 34.30 -27.87 20.82
CA GLY A 352 33.73 -28.16 19.53
C GLY A 352 32.33 -27.64 19.29
N SER A 353 31.89 -26.68 20.10
CA SER A 353 30.58 -26.11 19.91
C SER A 353 30.76 -24.84 19.13
N ARG A 354 29.78 -24.49 18.33
CA ARG A 354 29.85 -23.27 17.55
C ARG A 354 29.21 -22.11 18.28
N GLY A 355 29.50 -20.90 17.84
CA GLY A 355 28.92 -19.71 18.45
C GLY A 355 28.96 -18.55 17.49
N GLY A 356 28.04 -17.61 17.71
CA GLY A 356 27.92 -16.43 16.88
C GLY A 356 26.75 -16.53 15.93
N PHE A 357 26.85 -15.87 14.79
CA PHE A 357 25.81 -15.99 13.78
C PHE A 357 26.46 -16.14 12.42
N ARG A 358 25.69 -16.69 11.49
CA ARG A 358 26.18 -16.95 10.14
C ARG A 358 25.04 -16.67 9.18
N TYR A 359 25.31 -15.93 8.10
CA TYR A 359 24.27 -15.52 7.17
C TYR A 359 24.64 -15.94 5.75
N THR A 360 24.06 -17.04 5.28
CA THR A 360 24.30 -17.50 3.91
C THR A 360 23.34 -16.80 2.95
N TYR A 361 23.73 -16.75 1.67
CA TYR A 361 22.90 -16.23 0.60
C TYR A 361 22.77 -17.30 -0.49
N THR A 362 21.54 -17.48 -0.97
CA THR A 362 21.11 -18.60 -1.80
C THR A 362 20.82 -18.23 -3.25
N GLY A 363 20.21 -17.09 -3.49
CA GLY A 363 19.57 -16.83 -4.77
C GLY A 363 18.08 -16.83 -4.56
N GLY A 364 17.60 -17.74 -3.73
CA GLY A 364 16.17 -17.80 -3.45
C GLY A 364 15.87 -17.27 -2.07
N GLN A 365 15.98 -18.23 -1.16
CA GLN A 365 15.47 -18.18 0.20
C GLN A 365 16.62 -18.25 1.21
N GLU A 366 17.14 -17.10 1.67
CA GLU A 366 18.31 -17.04 2.56
C GLU A 366 18.33 -17.74 3.90
N LEU A 367 19.45 -17.66 4.58
CA LEU A 367 19.58 -18.33 5.84
C LEU A 367 20.43 -17.56 6.80
N LEU A 368 20.00 -17.52 8.05
CA LEU A 368 20.68 -16.81 9.09
C LEU A 368 20.60 -17.67 10.30
N GLU A 369 21.69 -18.34 10.63
CA GLU A 369 21.70 -19.22 11.77
C GLU A 369 22.34 -18.50 12.89
N VAL A 370 21.82 -18.71 14.09
CA VAL A 370 22.37 -18.06 15.26
C VAL A 370 22.66 -19.11 16.33
N PHE A 371 23.90 -19.18 16.82
CA PHE A 371 24.27 -20.16 17.83
C PHE A 371 24.64 -19.43 19.08
N GLY A 372 23.77 -19.49 20.08
CA GLY A 372 23.91 -18.72 21.30
C GLY A 372 23.38 -17.32 21.03
N ASP A 373 23.61 -16.44 21.99
CA ASP A 373 23.11 -15.07 21.88
C ASP A 373 24.19 -14.10 21.42
N VAL A 374 23.82 -13.16 20.57
CA VAL A 374 24.74 -12.19 20.03
C VAL A 374 24.29 -10.77 20.23
N VAL A 375 25.14 -9.90 20.72
CA VAL A 375 24.77 -8.52 20.90
C VAL A 375 25.80 -7.57 20.32
N LEU A 376 25.33 -6.65 19.49
CA LEU A 376 26.13 -5.64 18.84
C LEU A 376 25.83 -4.31 19.42
N GLU A 377 26.79 -3.67 20.06
CA GLU A 377 26.54 -2.38 20.63
C GLU A 377 27.09 -1.28 19.77
N GLY A 378 26.28 -0.26 19.51
CA GLY A 378 26.69 0.87 18.72
C GLY A 378 26.70 0.51 17.26
N ILE A 379 25.80 -0.34 16.89
CA ILE A 379 25.71 -0.88 15.55
C ILE A 379 24.24 -0.97 15.22
N ASP A 380 23.85 -0.56 14.03
CA ASP A 380 22.50 -0.83 13.58
C ASP A 380 22.51 -2.10 12.75
N ALA A 381 21.34 -2.69 12.59
CA ALA A 381 21.22 -3.88 11.77
C ALA A 381 20.06 -3.69 10.82
N VAL A 382 20.26 -4.07 9.55
CA VAL A 382 19.15 -4.14 8.61
C VAL A 382 19.28 -5.50 7.93
N LEU A 383 18.18 -6.25 7.87
CA LEU A 383 18.07 -7.46 7.08
C LEU A 383 17.22 -7.07 5.89
N ASN A 384 17.84 -7.06 4.72
CA ASN A 384 17.23 -6.43 3.57
C ASN A 384 16.58 -7.41 2.62
N ARG A 385 16.54 -8.70 2.94
CA ARG A 385 15.91 -9.65 2.03
C ARG A 385 15.26 -10.75 2.86
N PRO A 386 14.23 -11.42 2.32
CA PRO A 386 13.61 -12.55 3.04
C PRO A 386 14.64 -13.57 3.50
N VAL A 387 14.46 -14.03 4.71
CA VAL A 387 15.44 -14.89 5.30
C VAL A 387 14.83 -15.85 6.29
N ASP A 388 15.26 -17.08 6.24
CA ASP A 388 14.81 -18.13 7.10
C ASP A 388 15.77 -18.17 8.24
N TYR A 389 15.32 -18.46 9.44
CA TYR A 389 16.27 -18.50 10.51
C TYR A 389 16.30 -19.81 11.19
N ARG A 390 17.38 -20.07 11.88
CA ARG A 390 17.58 -21.27 12.63
C ARG A 390 18.32 -20.79 13.84
N ALA A 391 17.89 -21.17 15.02
CA ALA A 391 18.56 -20.70 16.21
C ALA A 391 18.62 -21.71 17.31
N GLN A 392 19.72 -21.75 18.02
CA GLN A 392 19.83 -22.68 19.12
C GLN A 392 20.82 -22.20 20.11
N SER A 393 20.73 -22.73 21.31
CA SER A 393 21.65 -22.39 22.36
C SER A 393 21.88 -23.69 23.04
N GLY A 394 22.71 -24.51 22.42
CA GLY A 394 22.98 -25.82 22.95
C GLY A 394 21.79 -26.75 22.80
N SER A 395 21.04 -26.92 23.90
CA SER A 395 19.89 -27.82 23.92
C SER A 395 18.66 -27.15 23.28
N ALA A 396 18.28 -25.98 23.80
CA ALA A 396 17.09 -25.28 23.34
C ALA A 396 17.32 -24.66 21.96
N LYS A 397 16.24 -24.53 21.21
CA LYS A 397 16.27 -23.95 19.86
C LYS A 397 15.79 -22.51 19.86
N SER A 398 16.51 -21.67 20.60
CA SER A 398 16.14 -20.27 20.71
C SER A 398 17.42 -19.47 20.80
N ALA A 399 17.30 -18.18 20.54
CA ALA A 399 18.49 -17.34 20.59
C ALA A 399 18.02 -15.90 20.53
N THR A 400 18.96 -14.97 20.70
CA THR A 400 18.66 -13.56 20.69
C THR A 400 19.71 -12.80 19.88
N LEU A 401 19.26 -11.75 19.22
CA LEU A 401 20.10 -10.75 18.58
C LEU A 401 19.81 -9.45 19.29
N ALA A 402 20.83 -8.83 19.84
CA ALA A 402 20.65 -7.52 20.45
C ALA A 402 21.42 -6.49 19.63
N VAL A 403 20.77 -5.38 19.34
CA VAL A 403 21.42 -4.18 18.86
C VAL A 403 21.19 -3.13 19.94
N LEU A 404 22.26 -2.75 20.61
CA LEU A 404 22.21 -1.81 21.72
C LEU A 404 22.86 -0.49 21.34
N LYS A 405 22.45 0.57 22.02
CA LYS A 405 23.11 1.85 21.79
C LYS A 405 24.42 1.91 22.56
N LEU A 406 25.38 2.62 21.99
CA LEU A 406 26.65 2.83 22.64
C LEU A 406 27.07 4.26 22.34
N GLY A 407 27.13 5.10 23.37
CA GLY A 407 27.36 6.52 23.17
C GLY A 407 26.30 7.19 22.30
N GLY A 408 25.05 6.77 22.45
CA GLY A 408 23.94 7.32 21.69
C GLY A 408 23.85 6.84 20.26
N ASN A 409 24.83 6.06 19.78
CA ASN A 409 24.87 5.53 18.44
C ASN A 409 24.45 4.07 18.44
N GLY A 410 23.84 3.66 17.35
CA GLY A 410 23.48 2.28 17.15
C GLY A 410 22.15 1.96 17.77
N GLY A 411 21.89 0.65 17.83
CA GLY A 411 20.74 0.13 18.54
C GLY A 411 19.46 0.00 17.74
N ASN A 412 19.49 0.31 16.44
CA ASN A 412 18.26 0.24 15.65
C ASN A 412 18.29 -1.01 14.77
N LEU A 413 17.09 -1.44 14.39
CA LEU A 413 16.88 -2.69 13.66
C LEU A 413 15.86 -2.45 12.55
N ASP A 414 16.15 -3.00 11.37
CA ASP A 414 15.27 -2.88 10.20
C ASP A 414 15.11 -4.28 9.62
N ILE A 415 13.85 -4.74 9.48
CA ILE A 415 13.54 -6.04 8.91
C ILE A 415 12.68 -5.76 7.67
N ASN A 416 13.30 -5.76 6.49
CA ASN A 416 12.59 -5.28 5.32
C ASN A 416 12.05 -6.40 4.44
N GLY A 417 12.53 -7.63 4.64
CA GLY A 417 11.99 -8.80 4.01
C GLY A 417 11.31 -9.67 5.05
N ASN A 418 10.81 -10.81 4.58
CA ASN A 418 10.18 -11.74 5.50
C ASN A 418 11.24 -12.37 6.40
N LEU A 419 10.81 -12.77 7.59
CA LEU A 419 11.72 -13.28 8.62
C LEU A 419 10.99 -14.42 9.31
N LEU A 420 11.23 -15.64 8.85
CA LEU A 420 10.54 -16.81 9.41
C LEU A 420 11.53 -17.83 9.91
N PRO A 421 11.07 -18.74 10.74
CA PRO A 421 11.99 -19.80 11.14
C PRO A 421 12.04 -20.80 10.04
N ASP A 422 13.15 -21.51 9.90
CA ASP A 422 13.23 -22.50 8.85
C ASP A 422 12.51 -23.75 9.29
N ALA A 423 11.55 -24.14 8.48
CA ALA A 423 10.73 -25.32 8.73
C ALA A 423 11.54 -26.56 9.05
N THR A 424 12.56 -26.80 8.24
CA THR A 424 13.41 -27.95 8.39
C THR A 424 13.95 -28.04 9.78
N PHE A 425 14.51 -26.95 10.27
CA PHE A 425 15.09 -27.01 11.59
C PHE A 425 14.08 -27.25 12.68
N GLY A 426 13.19 -26.29 12.89
CA GLY A 426 12.18 -26.41 13.93
C GLY A 426 10.98 -25.57 13.57
N LEU A 427 9.91 -25.68 14.34
CA LEU A 427 8.70 -24.93 14.04
C LEU A 427 8.29 -24.08 15.23
N PHE A 428 7.69 -22.94 14.91
CA PHE A 428 7.22 -22.00 15.92
C PHE A 428 6.08 -22.62 16.73
N PRO A 429 6.06 -22.42 18.05
CA PRO A 429 7.06 -21.62 18.75
C PRO A 429 8.11 -22.48 19.45
N ASN A 430 8.34 -23.65 18.91
CA ASN A 430 9.38 -24.43 19.46
C ASN A 430 10.65 -24.01 18.72
N HIS A 431 10.71 -22.86 18.11
CA HIS A 431 11.90 -22.45 17.42
C HIS A 431 11.72 -20.99 17.23
N ALA A 432 12.37 -20.19 18.06
CA ALA A 432 12.19 -18.77 17.97
C ALA A 432 13.44 -17.96 18.05
N LEU A 433 13.45 -16.86 17.32
CA LEU A 433 14.56 -15.94 17.34
C LEU A 433 14.04 -14.62 17.87
N GLY A 434 14.66 -14.12 18.92
CA GLY A 434 14.22 -12.90 19.56
C GLY A 434 15.09 -11.73 19.17
N PHE A 435 14.50 -10.53 19.25
CA PHE A 435 15.22 -9.32 18.86
C PHE A 435 15.08 -8.28 19.95
N VAL A 436 16.20 -7.84 20.48
CA VAL A 436 16.24 -6.72 21.42
C VAL A 436 16.87 -5.57 20.67
N ALA A 437 16.15 -4.46 20.58
CA ALA A 437 16.68 -3.24 19.98
C ALA A 437 16.50 -2.09 20.98
N GLU A 438 17.60 -1.50 21.42
CA GLU A 438 17.48 -0.40 22.39
C GLU A 438 16.88 0.82 21.72
N GLY A 439 16.99 0.92 20.40
CA GLY A 439 16.45 2.06 19.70
C GLY A 439 15.10 1.68 19.09
N ASP A 440 14.95 1.90 17.79
CA ASP A 440 13.71 1.67 17.08
C ASP A 440 13.75 0.39 16.24
N ILE A 441 12.56 -0.11 15.93
CA ILE A 441 12.39 -1.25 15.02
C ILE A 441 11.41 -0.85 13.92
N TYR A 442 11.82 -1.06 12.69
CA TYR A 442 10.98 -0.82 11.53
C TYR A 442 10.86 -2.15 10.80
N GLN A 443 9.63 -2.64 10.68
CA GLN A 443 9.35 -3.83 9.88
C GLN A 443 8.64 -3.44 8.58
N ARG A 444 9.34 -3.62 7.45
CA ARG A 444 8.67 -3.49 6.16
C ARG A 444 8.46 -4.84 5.45
N GLY A 445 9.02 -5.94 5.99
CA GLY A 445 8.67 -7.26 5.51
C GLY A 445 7.24 -7.65 5.85
N GLN A 446 6.65 -8.49 5.01
CA GLN A 446 5.23 -8.71 5.20
C GLN A 446 4.95 -9.62 6.39
N HIS A 447 5.80 -10.62 6.62
CA HIS A 447 5.60 -11.58 7.69
C HIS A 447 6.91 -11.77 8.41
N VAL A 448 6.95 -11.44 9.71
CA VAL A 448 8.08 -11.80 10.54
C VAL A 448 7.55 -12.46 11.80
N MET A 449 8.21 -13.52 12.22
CA MET A 449 7.72 -14.37 13.30
C MET A 449 8.82 -14.40 14.34
N ALA A 450 8.68 -13.53 15.33
CA ALA A 450 9.69 -13.38 16.35
C ALA A 450 9.13 -12.59 17.52
N PRO A 451 9.54 -12.88 18.76
CA PRO A 451 9.23 -11.95 19.85
C PRO A 451 10.23 -10.80 19.76
N VAL A 452 9.73 -9.59 19.88
CA VAL A 452 10.49 -8.39 19.61
C VAL A 452 10.44 -7.40 20.77
N TYR A 453 11.58 -6.80 21.11
CA TYR A 453 11.67 -5.69 22.06
C TYR A 453 12.32 -4.48 21.39
N ALA A 454 11.65 -3.34 21.47
CA ALA A 454 12.18 -2.07 21.01
C ALA A 454 12.14 -1.07 22.16
N GLY A 455 13.33 -0.69 22.65
CA GLY A 455 13.40 0.34 23.67
C GLY A 455 12.76 1.65 23.24
N GLY A 456 12.78 1.95 21.94
CA GLY A 456 12.18 3.18 21.46
C GLY A 456 10.81 2.93 20.90
N THR A 457 10.62 2.98 19.58
CA THR A 457 9.29 2.74 19.02
C THR A 457 9.38 1.59 18.01
N PHE A 458 8.30 0.91 17.80
CA PHE A 458 8.29 -0.14 16.82
C PHE A 458 7.38 0.26 15.73
N ARG A 459 7.91 0.48 14.54
CA ARG A 459 7.14 0.89 13.38
C ARG A 459 6.83 -0.27 12.50
N VAL A 460 5.71 -0.17 11.82
CA VAL A 460 5.29 -1.22 10.94
C VAL A 460 4.43 -0.58 9.88
N VAL A 461 4.39 -1.19 8.71
CA VAL A 461 3.65 -0.68 7.57
C VAL A 461 2.29 -1.38 7.49
N LYS A 462 1.27 -0.64 7.04
CA LYS A 462 -0.03 -1.24 6.77
C LYS A 462 0.12 -2.53 5.95
N GLY A 463 -0.57 -3.58 6.35
CA GLY A 463 -0.61 -4.81 5.58
C GLY A 463 0.29 -5.91 6.07
N ASN A 464 1.31 -5.56 6.84
CA ASN A 464 2.28 -6.51 7.34
C ASN A 464 1.87 -6.96 8.72
N VAL A 465 2.16 -8.21 9.03
CA VAL A 465 1.74 -8.81 10.27
C VAL A 465 2.97 -9.37 10.99
N LEU A 466 3.01 -9.19 12.30
CA LEU A 466 4.08 -9.70 13.14
C LEU A 466 3.49 -10.73 14.08
N PHE A 467 4.06 -11.92 14.05
CA PHE A 467 3.65 -12.99 14.94
C PHE A 467 4.68 -13.15 16.02
N GLY A 468 4.22 -13.27 17.26
CA GLY A 468 5.12 -13.24 18.38
C GLY A 468 4.56 -12.27 19.39
N SER A 469 5.22 -11.11 19.58
CA SER A 469 4.78 -10.09 20.53
C SER A 469 5.69 -8.89 20.35
N VAL A 470 5.19 -7.69 20.67
CA VAL A 470 6.11 -6.55 20.70
C VAL A 470 5.98 -5.95 22.07
N ILE A 471 7.12 -5.77 22.71
CA ILE A 471 7.33 -4.92 23.87
C ILE A 471 8.03 -3.68 23.37
N SER A 472 7.38 -2.54 23.51
CA SER A 472 8.03 -1.33 23.05
C SER A 472 7.42 -0.13 23.74
N ASN A 473 8.18 0.95 23.74
CA ASN A 473 7.74 2.14 24.43
C ASN A 473 6.66 2.87 23.65
N GLN A 474 6.66 2.68 22.32
CA GLN A 474 5.65 3.25 21.43
C GLN A 474 5.48 2.32 20.23
N PHE A 475 4.27 2.26 19.72
CA PHE A 475 3.92 1.46 18.56
C PHE A 475 3.37 2.43 17.56
N CYS A 476 3.73 2.26 16.30
CA CYS A 476 3.32 3.18 15.26
C CYS A 476 3.16 2.51 13.91
N THR A 477 2.17 2.95 13.15
CA THR A 477 1.91 2.38 11.85
C THR A 477 2.13 3.40 10.80
N THR A 478 2.60 3.00 9.64
CA THR A 478 2.86 3.98 8.62
C THR A 478 2.24 3.61 7.34
N SER A 479 2.09 4.60 6.46
CA SER A 479 1.47 4.36 5.17
C SER A 479 2.37 3.55 4.26
N ALA A 480 3.67 3.84 4.24
CA ALA A 480 4.58 3.15 3.34
C ALA A 480 5.97 3.06 3.95
N GLY A 481 6.79 2.17 3.41
CA GLY A 481 8.16 2.03 3.90
C GLY A 481 8.94 3.33 3.83
N ASN A 482 8.68 4.13 2.79
CA ASN A 482 9.17 5.49 2.65
C ASN A 482 8.95 6.35 3.89
N GLN A 483 7.90 6.05 4.60
CA GLN A 483 7.49 6.91 5.67
C GLN A 483 7.96 6.64 7.04
N MET A 484 7.94 7.68 7.84
CA MET A 484 8.29 7.56 9.22
C MET A 484 7.34 8.38 10.07
N SER A 485 6.28 8.89 9.46
CA SER A 485 5.27 9.67 10.13
C SER A 485 4.24 8.69 10.60
N CYS A 486 3.92 8.82 11.87
CA CYS A 486 3.02 7.91 12.53
C CYS A 486 1.57 8.02 12.19
N ASN A 487 1.10 9.19 11.78
CA ASN A 487 -0.31 9.27 11.48
C ASN A 487 -0.68 8.37 10.33
N ALA A 488 -1.30 7.25 10.65
CA ALA A 488 -1.75 6.33 9.65
C ALA A 488 -3.16 5.98 9.98
N SER A 489 -3.89 5.55 8.96
CA SER A 489 -5.27 5.23 9.14
C SER A 489 -5.54 3.84 8.69
N GLN A 490 -4.63 3.22 7.95
CA GLN A 490 -4.87 1.82 7.65
C GLN A 490 -4.28 0.99 8.75
N LYS A 491 -4.40 -0.29 8.57
CA LYS A 491 -4.17 -1.19 9.69
C LYS A 491 -2.98 -2.09 9.42
N ALA A 492 -2.09 -2.15 10.41
CA ALA A 492 -1.13 -3.23 10.57
C ALA A 492 -1.67 -4.19 11.61
N GLU A 493 -1.09 -5.39 11.69
CA GLU A 493 -1.64 -6.41 12.59
C GLU A 493 -0.55 -7.13 13.38
N VAL A 494 -0.86 -7.45 14.63
CA VAL A 494 0.05 -8.19 15.48
C VAL A 494 -0.69 -9.41 15.99
N VAL A 495 -0.06 -10.57 15.90
CA VAL A 495 -0.71 -11.80 16.27
C VAL A 495 0.08 -12.40 17.42
N TYR A 496 -0.53 -12.42 18.60
CA TYR A 496 0.19 -12.92 19.75
C TYR A 496 0.25 -14.42 19.68
N ILE A 497 1.46 -14.97 19.71
CA ILE A 497 1.68 -16.40 19.76
C ILE A 497 2.49 -16.70 21.01
N ARG A 498 1.87 -17.39 21.95
CA ARG A 498 2.54 -17.73 23.20
C ARG A 498 3.76 -18.59 22.88
N ILE A 499 4.87 -18.30 23.54
CA ILE A 499 6.07 -19.11 23.45
C ILE A 499 6.27 -19.78 24.80
N PRO A 500 6.28 -21.12 24.87
CA PRO A 500 6.41 -21.84 26.15
C PRO A 500 7.69 -21.44 26.89
N LYS A 501 7.60 -21.40 28.24
CA LYS A 501 8.69 -20.79 29.00
C LYS A 501 10.02 -21.47 28.68
N GLU A 502 10.03 -22.80 28.58
CA GLU A 502 11.19 -23.48 28.04
C GLU A 502 11.22 -23.20 26.56
N ASN A 503 12.42 -23.05 26.01
CA ASN A 503 12.60 -22.78 24.58
C ASN A 503 12.03 -21.40 24.22
N ARG A 504 12.14 -20.45 25.14
CA ARG A 504 11.87 -19.03 25.03
C ARG A 504 13.18 -18.27 25.07
N PRO A 505 13.44 -17.28 24.19
CA PRO A 505 14.75 -16.61 24.23
C PRO A 505 15.06 -16.08 25.62
N ALA A 506 16.08 -16.69 26.25
CA ALA A 506 16.45 -16.36 27.62
C ALA A 506 16.67 -14.87 27.82
N LEU A 507 17.23 -14.17 26.81
CA LEU A 507 17.61 -12.81 27.15
C LEU A 507 16.52 -11.78 26.85
N LEU A 508 15.31 -12.23 26.64
CA LEU A 508 14.15 -11.37 26.50
C LEU A 508 13.51 -11.17 27.88
N PRO A 509 12.69 -10.14 28.06
CA PRO A 509 12.00 -9.96 29.35
C PRO A 509 10.92 -11.01 29.56
N SER A 510 10.74 -11.46 30.81
CA SER A 510 9.58 -12.30 31.15
C SER A 510 8.75 -11.53 32.19
N LEU A 511 7.80 -10.75 31.70
CA LEU A 511 7.01 -9.82 32.50
C LEU A 511 5.95 -10.56 33.32
N ARG A 512 5.91 -10.27 34.63
CA ARG A 512 5.02 -10.95 35.58
C ARG A 512 3.98 -9.97 36.10
N GLY A 513 2.74 -10.48 36.23
CA GLY A 513 1.66 -9.67 36.80
C GLY A 513 1.86 -9.36 38.27
N GLY A 514 2.32 -10.34 39.06
CA GLY A 514 2.56 -10.09 40.46
C GLY A 514 3.66 -11.01 40.94
N LYS A 515 4.04 -10.84 42.22
CA LYS A 515 5.11 -11.63 42.85
C LYS A 515 4.59 -13.00 43.31
N PRO A 516 5.38 -14.07 43.17
CA PRO A 516 4.94 -15.40 43.62
C PRO A 516 5.06 -15.57 45.14
N VAL A 517 3.96 -15.94 45.79
CA VAL A 517 3.94 -16.11 47.24
C VAL A 517 3.06 -17.32 47.59
N PHE A 518 3.59 -18.18 48.47
CA PHE A 518 2.84 -19.23 49.15
C PHE A 518 3.29 -19.17 50.61
N GLN A 519 2.59 -18.40 51.43
CA GLN A 519 3.07 -18.17 52.78
C GLN A 519 2.02 -18.51 53.83
N VAL A 520 2.45 -19.15 54.92
CA VAL A 520 1.56 -19.53 56.02
C VAL A 520 1.42 -18.35 56.97
N LEU A 521 0.19 -17.87 57.15
CA LEU A 521 -0.05 -16.74 58.04
C LEU A 521 -0.41 -17.20 59.45
N SER A 522 -0.96 -18.39 59.59
CA SER A 522 -1.34 -18.89 60.90
C SER A 522 -1.59 -20.38 60.84
N TYR A 523 -1.46 -21.01 62.00
CA TYR A 523 -1.79 -22.43 62.08
C TYR A 523 -2.37 -22.74 63.44
N GLU A 524 -3.41 -23.57 63.44
CA GLU A 524 -4.14 -23.80 64.67
C GLU A 524 -4.70 -25.22 64.75
N ARG A 525 -4.66 -25.82 65.94
CA ARG A 525 -5.32 -27.10 66.17
C ARG A 525 -6.10 -27.03 67.48
N ARG A 526 -7.38 -27.41 67.46
CA ARG A 526 -8.21 -27.38 68.66
C ARG A 526 -8.86 -28.74 68.83
N LEU A 527 -8.89 -29.22 70.07
CA LEU A 527 -9.61 -30.44 70.40
C LEU A 527 -11.05 -30.07 70.66
N GLU A 528 -12.00 -30.77 70.03
CA GLU A 528 -13.39 -30.36 70.21
C GLU A 528 -14.27 -31.33 70.98
N HIS A 529 -13.83 -32.58 71.20
CA HIS A 529 -14.68 -33.60 71.85
C HIS A 529 -13.75 -34.64 72.46
N HIS A 530 -13.89 -34.88 73.77
CA HIS A 530 -13.06 -35.80 74.61
C HIS A 530 -11.56 -35.84 74.34
N ILE B 3 43.14 32.58 -51.46
CA ILE B 3 43.70 33.59 -52.35
C ILE B 3 45.12 33.25 -52.87
N GLU B 4 45.34 33.54 -54.15
CA GLU B 4 46.62 33.27 -54.82
C GLU B 4 47.12 34.55 -55.47
N LEU B 5 48.31 34.98 -55.11
CA LEU B 5 48.91 36.22 -55.57
C LEU B 5 50.23 35.91 -56.26
N TRP B 6 50.46 36.50 -57.43
CA TRP B 6 51.75 36.28 -58.04
C TRP B 6 52.15 37.49 -58.87
N THR B 7 53.42 37.54 -59.21
CA THR B 7 53.95 38.60 -60.01
C THR B 7 54.45 37.99 -61.29
N THR B 8 54.20 38.66 -62.39
CA THR B 8 54.61 38.15 -63.66
C THR B 8 55.02 39.27 -64.57
N ARG B 9 55.49 38.92 -65.74
CA ARG B 9 55.88 39.92 -66.69
C ARG B 9 55.03 39.81 -67.91
N ASN B 10 53.92 39.12 -67.84
CA ASN B 10 53.08 38.93 -68.99
C ASN B 10 52.33 40.16 -69.45
N ASP B 11 51.77 40.06 -70.65
CA ASP B 11 51.03 41.15 -71.25
C ASP B 11 49.67 41.19 -70.64
N THR B 12 49.21 42.39 -70.33
CA THR B 12 47.94 42.62 -69.69
C THR B 12 46.77 41.82 -70.18
N THR B 13 46.69 41.54 -71.46
CA THR B 13 45.55 40.73 -71.89
C THR B 13 45.59 39.35 -71.24
N SER B 14 46.74 38.68 -71.29
CA SER B 14 46.77 37.35 -70.70
C SER B 14 46.52 37.43 -69.19
N VAL B 15 47.05 38.46 -68.54
CA VAL B 15 46.81 38.62 -67.12
C VAL B 15 45.32 38.72 -66.82
N GLN B 16 44.59 39.52 -67.60
CA GLN B 16 43.16 39.63 -67.34
C GLN B 16 42.43 38.31 -67.58
N ALA B 17 43.01 37.42 -68.37
CA ALA B 17 42.41 36.10 -68.54
C ALA B 17 42.68 35.22 -67.31
N PHE B 18 43.90 35.28 -66.78
CA PHE B 18 44.24 34.58 -65.55
C PHE B 18 43.37 35.07 -64.40
N TYR B 19 43.28 36.37 -64.22
CA TYR B 19 42.50 36.94 -63.13
C TYR B 19 41.06 36.45 -63.17
N ALA B 20 40.46 36.40 -64.35
CA ALA B 20 39.08 35.95 -64.45
C ALA B 20 38.95 34.47 -64.07
N ALA B 21 39.86 33.62 -64.56
CA ALA B 21 39.78 32.21 -64.22
C ALA B 21 39.99 32.03 -62.72
N GLU B 22 41.01 32.69 -62.15
CA GLU B 22 41.31 32.46 -60.75
C GLU B 22 40.25 33.04 -59.84
N ALA B 23 39.50 34.00 -60.33
CA ALA B 23 38.35 34.47 -59.57
C ALA B 23 37.30 33.37 -59.37
N GLY B 24 37.00 32.62 -60.42
CA GLY B 24 36.03 31.54 -60.29
C GLY B 24 36.58 30.43 -59.40
N LEU B 25 37.82 30.05 -59.62
CA LEU B 25 38.44 28.99 -58.82
C LEU B 25 38.40 29.32 -57.33
N GLN B 26 38.66 30.57 -56.96
CA GLN B 26 38.72 30.85 -55.53
C GLN B 26 37.35 31.03 -54.93
N LYS B 27 36.36 31.42 -55.71
CA LYS B 27 35.01 31.54 -55.17
C LYS B 27 34.47 30.16 -54.81
N TYR B 28 34.56 29.22 -55.75
CA TYR B 28 33.93 27.93 -55.53
C TYR B 28 34.83 26.96 -54.82
N LYS B 29 36.11 27.28 -54.68
CA LYS B 29 36.91 26.55 -53.72
C LYS B 29 36.49 26.92 -52.29
N ALA B 30 36.12 28.17 -52.06
CA ALA B 30 35.53 28.50 -50.78
C ALA B 30 34.18 27.80 -50.62
N ALA B 31 33.36 27.79 -51.67
CA ALA B 31 32.09 27.08 -51.58
C ALA B 31 32.33 25.59 -51.33
N LEU B 32 33.38 25.01 -51.93
CA LEU B 32 33.62 23.59 -51.73
C LEU B 32 33.95 23.29 -50.27
N PHE B 33 34.83 24.11 -49.68
CA PHE B 33 35.14 23.95 -48.27
C PHE B 33 33.89 24.12 -47.40
N GLN B 34 32.99 25.02 -47.80
CA GLN B 34 31.78 25.23 -47.02
C GLN B 34 30.86 24.01 -47.08
N GLN B 35 30.84 23.35 -48.22
CA GLN B 35 30.04 22.14 -48.29
C GLN B 35 30.64 21.05 -47.41
N TYR B 36 31.94 21.11 -47.23
CA TYR B 36 32.62 20.14 -46.43
C TYR B 36 32.40 20.41 -44.99
N VAL B 37 32.29 21.67 -44.65
CA VAL B 37 32.09 22.03 -43.28
C VAL B 37 30.67 21.72 -42.92
N TRP B 38 29.77 21.93 -43.85
CA TRP B 38 28.35 21.67 -43.65
C TRP B 38 28.08 20.18 -43.61
N ARG B 39 28.90 19.37 -44.26
CA ARG B 39 28.77 17.92 -44.26
C ARG B 39 29.25 17.36 -42.96
N GLU B 40 30.13 18.09 -42.30
CA GLU B 40 30.53 17.77 -40.96
C GLU B 40 29.50 18.42 -40.03
N GLN B 41 29.54 18.09 -38.77
CA GLN B 41 28.58 18.66 -37.82
C GLN B 41 27.12 18.44 -38.21
N ARG B 42 26.71 17.19 -38.07
CA ARG B 42 25.37 16.69 -38.37
C ARG B 42 25.10 16.97 -39.83
N CYS B 51 20.75 10.70 -42.10
CA CYS B 51 21.82 9.76 -42.38
C CYS B 51 23.03 10.48 -42.92
N PHE B 52 24.19 9.87 -42.80
CA PHE B 52 25.36 10.53 -43.31
C PHE B 52 25.53 10.19 -44.76
N THR B 53 25.66 11.21 -45.56
CA THR B 53 25.91 11.01 -46.95
C THR B 53 27.23 11.64 -47.25
N SER B 54 27.96 11.03 -48.15
CA SER B 54 29.25 11.50 -48.55
C SER B 54 29.21 12.69 -49.45
N LEU B 55 30.36 13.22 -49.79
CA LEU B 55 30.39 14.37 -50.65
C LEU B 55 30.22 13.97 -52.07
N ALA B 56 30.54 12.74 -52.39
CA ALA B 56 30.41 12.19 -53.72
C ALA B 56 29.00 11.97 -54.17
N ARG B 57 28.04 11.94 -53.25
CA ARG B 57 26.68 11.78 -53.60
C ARG B 57 25.95 13.09 -53.83
N GLY B 58 26.66 14.19 -53.98
CA GLY B 58 25.99 15.44 -54.26
C GLY B 58 26.27 16.55 -53.29
N LEU B 59 25.86 17.76 -53.64
CA LEU B 59 26.10 18.89 -52.78
C LEU B 59 24.82 19.52 -52.32
N ASP B 60 24.91 20.41 -51.36
CA ASP B 60 23.75 21.11 -50.80
C ASP B 60 23.84 22.60 -51.16
N LEU B 61 23.51 22.92 -52.40
CA LEU B 61 23.48 24.30 -52.83
C LEU B 61 22.19 24.96 -52.35
N ASP B 62 21.09 24.18 -52.32
CA ASP B 62 19.79 24.56 -51.79
C ASP B 62 19.42 25.94 -52.36
N GLY B 65 18.88 21.56 -47.57
CA GLY B 65 18.40 20.20 -47.41
C GLY B 65 18.06 19.49 -48.71
N THR B 66 18.06 20.25 -49.80
CA THR B 66 17.83 19.69 -51.11
C THR B 66 19.21 19.31 -51.59
N ILE B 67 19.37 18.13 -52.16
CA ILE B 67 20.68 17.71 -52.63
C ILE B 67 20.77 17.59 -54.12
N THR B 68 21.89 17.97 -54.70
CA THR B 68 22.05 17.87 -56.14
C THR B 68 23.30 17.09 -56.45
N PRO B 69 23.15 15.89 -56.97
CA PRO B 69 24.22 14.96 -57.29
C PRO B 69 24.91 15.26 -58.57
N PHE B 70 25.94 14.48 -58.84
CA PHE B 70 26.74 14.67 -60.01
C PHE B 70 26.21 14.00 -61.24
N VAL B 71 26.13 14.72 -62.33
CA VAL B 71 25.73 14.12 -63.59
C VAL B 71 26.99 13.72 -64.35
N ASN B 72 27.21 12.39 -64.55
CA ASN B 72 28.40 11.99 -65.29
C ASN B 72 29.68 12.47 -64.61
N ASN B 73 29.72 12.32 -63.28
CA ASN B 73 30.89 12.65 -62.46
C ASN B 73 31.22 14.14 -62.54
N ARG B 74 30.20 14.96 -62.77
CA ARG B 74 30.45 16.36 -63.09
C ARG B 74 29.30 17.19 -62.53
N LEU B 75 29.61 18.44 -62.20
CA LEU B 75 28.58 19.31 -61.62
C LEU B 75 28.97 20.76 -61.88
N VAL B 76 28.16 21.45 -62.69
CA VAL B 76 28.45 22.81 -63.11
C VAL B 76 27.93 23.77 -62.05
N LEU B 77 28.84 24.54 -61.44
CA LEU B 77 28.51 25.50 -60.38
C LEU B 77 28.24 26.91 -60.88
N ALA B 78 28.73 27.27 -62.07
CA ALA B 78 28.52 28.63 -62.55
C ALA B 78 28.85 28.70 -64.04
N GLN B 79 27.94 29.29 -64.83
CA GLN B 79 28.08 29.41 -66.28
C GLN B 79 28.19 30.89 -66.64
N ASN B 80 29.30 31.27 -67.24
CA ASN B 80 29.52 32.64 -67.73
C ASN B 80 29.24 33.69 -66.64
N GLU B 81 29.71 33.41 -65.43
CA GLU B 81 29.65 34.42 -64.38
C GLU B 81 30.67 35.52 -64.71
N VAL B 82 30.23 36.76 -64.62
CA VAL B 82 31.05 37.89 -65.04
C VAL B 82 31.84 38.43 -63.86
N VAL B 83 33.14 38.61 -64.07
CA VAL B 83 34.03 39.33 -63.14
C VAL B 83 33.98 40.81 -63.45
N THR B 84 34.07 41.64 -62.42
CA THR B 84 33.98 43.09 -62.57
C THR B 84 35.21 43.78 -62.00
N ASP B 85 35.50 44.96 -62.53
CA ASP B 85 36.54 45.81 -61.98
C ASP B 85 35.98 46.53 -60.76
N ALA B 86 36.71 47.53 -60.24
CA ALA B 86 36.26 48.23 -59.05
C ALA B 86 35.00 49.05 -59.30
N ASN B 87 34.80 49.50 -60.54
CA ASN B 87 33.64 50.30 -60.89
C ASN B 87 32.47 49.47 -61.41
N GLY B 88 32.54 48.15 -61.34
CA GLY B 88 31.44 47.32 -61.79
C GLY B 88 31.31 47.15 -63.29
N ASN B 89 32.43 47.28 -64.05
CA ASN B 89 32.30 46.95 -65.44
C ASN B 89 32.92 45.60 -65.74
N PRO B 90 32.49 44.94 -66.81
CA PRO B 90 32.94 43.56 -67.06
C PRO B 90 34.39 43.52 -67.51
N VAL B 91 35.21 42.78 -66.79
CA VAL B 91 36.59 42.51 -67.21
C VAL B 91 36.78 41.09 -67.71
N GLY B 92 35.81 40.22 -67.52
CA GLY B 92 35.95 38.84 -67.98
C GLY B 92 34.84 38.01 -67.39
N ARG B 93 34.75 36.78 -67.88
CA ARG B 93 33.80 35.82 -67.36
C ARG B 93 34.49 34.49 -67.06
N TYR B 94 33.82 33.63 -66.30
CA TYR B 94 34.32 32.28 -66.06
C TYR B 94 33.18 31.28 -65.97
N THR B 95 33.53 30.01 -66.16
CA THR B 95 32.62 28.90 -65.94
C THR B 95 33.29 27.92 -65.00
N ALA B 96 32.69 27.74 -63.81
CA ALA B 96 33.25 26.88 -62.77
C ALA B 96 32.51 25.55 -62.79
N THR B 97 33.27 24.45 -62.89
CA THR B 97 32.64 23.13 -62.88
C THR B 97 33.39 22.20 -61.92
N LEU B 98 32.65 21.36 -61.21
CA LEU B 98 33.18 20.45 -60.19
C LEU B 98 33.11 19.01 -60.67
N TYR B 99 34.25 18.31 -60.64
CA TYR B 99 34.35 16.94 -61.09
C TYR B 99 34.68 15.96 -59.96
N LYS B 100 33.98 14.83 -59.96
CA LYS B 100 34.24 13.75 -59.03
C LYS B 100 35.07 12.68 -59.73
N ASP B 101 35.95 12.04 -58.98
CA ASP B 101 36.65 10.88 -59.53
C ASP B 101 35.71 9.70 -59.58
N ALA B 102 35.76 8.97 -60.70
CA ALA B 102 34.89 7.82 -60.86
C ALA B 102 35.24 6.72 -59.85
N GLN B 103 36.54 6.50 -59.60
CA GLN B 103 36.97 5.46 -58.69
C GLN B 103 36.88 5.94 -57.23
N ASP B 104 37.61 7.01 -56.90
CA ASP B 104 37.81 7.43 -55.52
C ASP B 104 36.74 8.47 -55.13
N ASP B 105 35.92 8.13 -54.15
CA ASP B 105 34.87 9.04 -53.73
C ASP B 105 35.38 10.23 -52.90
N GLN B 106 36.70 10.37 -52.77
CA GLN B 106 37.29 11.47 -52.00
C GLN B 106 38.05 12.47 -52.88
N LEU B 107 38.32 12.10 -54.13
CA LEU B 107 39.07 12.92 -55.08
C LEU B 107 38.09 13.83 -55.82
N PHE B 108 38.33 15.15 -55.71
CA PHE B 108 37.54 16.12 -56.45
C PHE B 108 38.46 17.10 -57.17
N THR B 109 38.06 17.46 -58.40
CA THR B 109 38.74 18.44 -59.22
C THR B 109 37.79 19.59 -59.54
N LEU B 110 38.20 20.79 -59.18
CA LEU B 110 37.49 22.03 -59.48
C LEU B 110 38.19 22.70 -60.65
N VAL B 111 37.45 23.00 -61.72
CA VAL B 111 38.06 23.61 -62.91
C VAL B 111 37.35 24.92 -63.19
N SER B 112 38.12 25.98 -63.39
CA SER B 112 37.59 27.33 -63.64
C SER B 112 38.11 27.82 -64.98
N GLU B 113 37.21 28.01 -65.94
CA GLU B 113 37.63 28.46 -67.26
C GLU B 113 37.26 29.93 -67.40
N GLY B 114 38.27 30.77 -67.61
CA GLY B 114 38.09 32.21 -67.61
C GLY B 114 38.39 32.78 -68.98
N THR B 115 37.60 33.76 -69.38
CA THR B 115 37.83 34.46 -70.63
C THR B 115 37.81 35.96 -70.37
N SER B 116 38.62 36.69 -71.12
CA SER B 116 38.66 38.14 -70.99
C SER B 116 39.24 38.69 -72.29
N GLY B 117 38.36 39.23 -73.14
CA GLY B 117 38.73 39.85 -74.39
C GLY B 117 39.44 38.94 -75.38
N GLY B 118 38.83 37.80 -75.73
CA GLY B 118 39.48 36.88 -76.65
C GLY B 118 40.73 36.19 -76.15
N ALA B 119 40.98 36.22 -74.84
CA ALA B 119 42.10 35.52 -74.22
C ALA B 119 41.54 34.47 -73.27
N LYS B 120 42.07 33.27 -73.32
CA LYS B 120 41.49 32.26 -72.47
C LYS B 120 42.52 31.66 -71.52
N ALA B 121 42.14 31.49 -70.25
CA ALA B 121 42.99 30.85 -69.26
C ALA B 121 42.18 29.80 -68.53
N ARG B 122 42.88 28.82 -68.01
CA ARG B 122 42.22 27.75 -67.27
C ARG B 122 42.98 27.52 -65.98
N VAL B 123 42.23 27.47 -64.86
CA VAL B 123 42.86 27.14 -63.59
C VAL B 123 42.11 25.98 -62.96
N GLN B 124 42.83 25.14 -62.24
CA GLN B 124 42.16 24.00 -61.66
C GLN B 124 42.94 23.48 -60.47
N ALA B 125 42.20 22.89 -59.53
CA ALA B 125 42.76 22.34 -58.30
C ALA B 125 42.08 21.01 -58.02
N THR B 126 42.87 20.04 -57.56
CA THR B 126 42.32 18.76 -57.13
C THR B 126 42.46 18.66 -55.63
N PHE B 127 41.42 18.13 -54.99
CA PHE B 127 41.36 17.99 -53.53
C PHE B 127 41.20 16.54 -53.12
N ARG B 128 41.59 16.26 -51.88
CA ARG B 128 41.16 15.06 -51.18
C ARG B 128 40.24 15.53 -50.06
N ILE B 129 39.01 15.06 -50.06
CA ILE B 129 38.02 15.50 -49.09
C ILE B 129 37.37 14.26 -48.46
N SER B 130 37.43 14.16 -47.14
CA SER B 130 36.78 13.08 -46.41
C SER B 130 36.18 13.62 -45.12
N ASN B 131 34.98 13.20 -44.82
CA ASN B 131 34.34 13.60 -43.58
C ASN B 131 34.59 12.57 -42.48
N SER B 132 34.28 12.98 -41.24
CA SER B 132 34.57 12.16 -40.08
C SER B 132 33.89 10.80 -40.16
N ASP B 133 32.61 10.77 -40.57
CA ASP B 133 31.84 9.54 -40.57
C ASP B 133 31.85 8.89 -39.18
N TYR B 134 31.19 9.58 -38.26
CA TYR B 134 31.02 9.08 -36.90
C TYR B 134 30.20 7.80 -36.90
N LEU B 135 30.79 6.71 -36.42
CA LEU B 135 30.04 5.46 -36.35
C LEU B 135 28.91 5.57 -35.34
N GLU B 136 27.74 5.05 -35.73
CA GLU B 136 26.51 5.20 -34.94
C GLU B 136 25.86 3.82 -34.85
N GLN B 137 26.01 3.13 -33.71
CA GLN B 137 25.46 1.78 -33.54
C GLN B 137 24.94 1.63 -32.13
N ALA B 138 24.03 0.66 -31.98
CA ALA B 138 23.55 0.35 -30.66
C ALA B 138 24.56 -0.49 -29.90
N ILE B 139 25.23 -1.42 -30.58
CA ILE B 139 26.17 -2.34 -29.97
C ILE B 139 27.47 -2.32 -30.79
N PHE B 140 28.58 -1.99 -30.12
CA PHE B 140 29.93 -2.07 -30.67
C PHE B 140 30.67 -3.14 -29.87
N ALA B 141 30.76 -4.33 -30.42
CA ALA B 141 31.42 -5.46 -29.76
C ALA B 141 32.90 -5.52 -30.13
N GLY B 142 33.67 -6.18 -29.26
CA GLY B 142 35.11 -6.28 -29.41
C GLY B 142 35.58 -7.65 -29.81
N ALA B 143 36.39 -8.31 -28.97
CA ALA B 143 37.04 -9.57 -29.29
C ALA B 143 36.48 -10.72 -28.44
N GLY B 144 37.25 -11.80 -28.36
CA GLY B 144 36.90 -12.93 -27.50
C GLY B 144 38.10 -13.79 -27.11
N ASN B 147 34.98 -16.92 -25.56
CA ASN B 147 35.18 -16.99 -27.01
C ASN B 147 34.15 -16.20 -27.81
N LYS B 148 32.88 -16.53 -27.61
CA LYS B 148 31.83 -15.88 -28.36
C LYS B 148 31.60 -14.45 -27.87
N TRP B 149 31.04 -13.66 -28.79
CA TRP B 149 30.86 -12.22 -28.71
C TRP B 149 29.42 -11.83 -28.37
N LEU B 150 28.48 -12.71 -28.66
CA LEU B 150 27.10 -12.41 -28.39
C LEU B 150 26.50 -13.68 -27.90
N ASN B 151 25.66 -13.60 -26.89
CA ASN B 151 25.04 -14.78 -26.37
C ASN B 151 23.74 -14.40 -25.69
N GLY B 152 22.65 -14.51 -26.42
CA GLY B 152 21.36 -14.18 -25.86
C GLY B 152 20.39 -13.60 -26.84
N GLY B 153 19.13 -13.56 -26.47
CA GLY B 153 18.14 -13.05 -27.37
C GLY B 153 18.23 -11.56 -27.31
N ALA B 154 18.12 -10.92 -28.46
CA ALA B 154 18.20 -9.49 -28.45
C ALA B 154 17.41 -8.89 -29.56
N THR B 155 16.74 -7.80 -29.23
CA THR B 155 15.98 -7.07 -30.17
C THR B 155 16.73 -5.80 -30.08
N ILE B 156 17.57 -5.54 -31.05
CA ILE B 156 18.37 -4.34 -31.07
C ILE B 156 17.88 -3.31 -32.03
N ARG B 157 17.33 -2.22 -31.56
CA ARG B 157 16.86 -1.21 -32.48
C ARG B 157 17.97 -0.22 -32.75
N GLY B 158 18.92 -0.64 -33.57
CA GLY B 158 20.05 0.17 -33.93
C GLY B 158 21.06 -0.68 -34.67
N GLY B 159 22.20 -0.11 -34.99
CA GLY B 159 23.20 -0.84 -35.71
C GLY B 159 24.02 -1.78 -34.87
N VAL B 160 24.78 -2.62 -35.52
CA VAL B 160 25.61 -3.55 -34.80
C VAL B 160 26.97 -3.56 -35.46
N TYR B 161 28.01 -3.41 -34.65
CA TYR B 161 29.37 -3.41 -35.16
C TYR B 161 30.18 -4.37 -34.34
N VAL B 162 30.68 -5.41 -34.97
CA VAL B 162 31.53 -6.40 -34.33
C VAL B 162 32.91 -6.29 -34.95
N VAL B 163 33.95 -6.33 -34.11
CA VAL B 163 35.29 -6.39 -34.68
C VAL B 163 35.67 -7.83 -34.99
N GLY B 164 35.46 -8.73 -34.03
CA GLY B 164 35.77 -10.13 -34.23
C GLY B 164 37.19 -10.47 -33.86
N ASN B 165 37.55 -11.73 -34.14
CA ASN B 165 38.88 -12.25 -33.83
C ASN B 165 39.70 -12.29 -35.10
N PRO B 166 40.83 -11.55 -35.17
CA PRO B 166 41.61 -11.51 -36.41
C PRO B 166 42.30 -12.82 -36.75
N ASN B 167 42.52 -13.71 -35.79
CA ASN B 167 43.30 -14.92 -36.01
C ASN B 167 42.35 -16.04 -36.47
N ASP B 168 42.35 -16.30 -37.78
CA ASP B 168 41.54 -17.27 -38.51
C ASP B 168 40.05 -16.94 -38.41
N PRO B 169 39.62 -15.78 -38.95
CA PRO B 169 38.23 -15.27 -38.82
C PRO B 169 37.25 -15.90 -39.81
N ASP B 170 36.82 -17.13 -39.52
CA ASP B 170 35.85 -17.82 -40.36
C ASP B 170 34.60 -18.13 -39.57
N GLN B 171 34.25 -17.23 -38.65
CA GLN B 171 33.08 -17.41 -37.81
C GLN B 171 31.84 -16.69 -38.37
N VAL B 173 30.72 -15.67 -35.57
CA VAL B 173 30.60 -14.70 -34.52
C VAL B 173 29.15 -14.35 -34.25
N ILE B 174 28.24 -14.73 -35.13
CA ILE B 174 26.83 -14.63 -34.79
C ILE B 174 26.08 -15.85 -35.32
N GLU B 175 25.78 -16.80 -34.45
CA GLU B 175 25.01 -17.95 -34.89
C GLU B 175 23.59 -17.72 -34.42
N ALA B 176 23.05 -16.57 -34.80
CA ALA B 176 21.70 -16.21 -34.41
C ALA B 176 20.62 -17.02 -35.11
N ASN B 177 19.95 -17.82 -34.31
CA ASN B 177 18.90 -18.69 -34.76
C ASN B 177 17.54 -18.08 -34.49
N GLY B 178 17.38 -16.80 -34.79
CA GLY B 178 16.11 -16.14 -34.56
C GLY B 178 16.02 -15.45 -33.22
N ASN B 179 17.05 -15.64 -32.40
CA ASN B 179 17.07 -14.99 -31.13
C ASN B 179 17.28 -13.53 -31.43
N PHE B 180 18.37 -13.23 -32.12
CA PHE B 180 18.71 -11.86 -32.48
C PHE B 180 17.70 -11.25 -33.43
N ALA B 181 17.52 -9.94 -33.35
CA ALA B 181 16.60 -9.25 -34.24
C ALA B 181 16.97 -7.79 -34.22
N LEU B 182 16.98 -7.14 -35.38
CA LEU B 182 17.34 -5.73 -35.38
C LEU B 182 16.57 -4.88 -36.34
N TYR B 183 15.97 -3.83 -35.82
CA TYR B 183 15.15 -2.93 -36.60
C TYR B 183 15.90 -1.66 -36.96
N ASN B 184 15.24 -0.71 -37.59
CA ASN B 184 15.87 0.55 -37.97
C ASN B 184 15.05 1.75 -37.58
N ARG B 185 14.10 1.54 -36.68
CA ARG B 185 13.32 2.66 -36.19
C ARG B 185 12.85 2.32 -34.80
N TYR B 186 12.39 3.33 -34.09
CA TYR B 186 11.93 3.06 -32.76
C TYR B 186 10.89 4.07 -32.36
N ASP B 187 9.94 3.60 -31.57
CA ASP B 187 8.90 4.47 -31.04
C ASP B 187 8.92 4.24 -29.54
N LEU B 188 9.12 5.31 -28.78
CA LEU B 188 9.36 5.16 -27.36
C LEU B 188 8.11 5.48 -26.52
N THR B 189 6.97 5.70 -27.17
CA THR B 189 5.68 5.56 -26.50
C THR B 189 5.38 4.09 -26.19
N THR B 190 6.15 3.19 -26.82
CA THR B 190 6.08 1.73 -26.68
C THR B 190 6.56 1.28 -25.30
N TYR B 191 7.15 2.18 -24.50
CA TYR B 191 7.69 1.83 -23.19
C TYR B 191 7.11 2.71 -22.08
N SER B 192 7.05 2.15 -20.88
CA SER B 192 6.47 2.79 -19.70
C SER B 192 7.32 3.95 -19.22
N GLU B 193 6.77 5.16 -19.30
CA GLU B 193 7.37 6.38 -18.77
C GLU B 193 8.79 6.56 -19.26
N VAL B 194 8.92 6.50 -20.57
CA VAL B 194 10.17 6.82 -21.24
C VAL B 194 10.03 8.05 -22.14
N THR B 195 8.82 8.51 -22.48
CA THR B 195 8.73 9.61 -23.44
C THR B 195 8.97 10.99 -22.88
N ASN B 196 8.74 11.24 -21.59
CA ASN B 196 8.99 12.61 -21.17
C ASN B 196 10.42 12.83 -20.76
N ARG B 197 11.25 11.79 -20.78
CA ARG B 197 12.67 11.95 -20.54
C ARG B 197 13.44 12.34 -21.80
N VAL B 198 12.86 12.15 -22.99
CA VAL B 198 13.53 12.35 -24.26
C VAL B 198 12.92 13.55 -24.99
N GLU B 199 13.78 14.33 -25.65
CA GLU B 199 13.34 15.49 -26.41
C GLU B 199 12.41 15.08 -27.54
N PRO B 200 11.38 15.90 -27.85
CA PRO B 200 10.44 15.57 -28.92
C PRO B 200 11.06 15.01 -30.20
N SER B 201 12.04 15.71 -30.77
CA SER B 201 12.63 15.26 -32.04
C SER B 201 13.25 13.87 -31.93
N TYR B 202 13.35 13.33 -30.73
CA TYR B 202 13.99 12.05 -30.55
C TYR B 202 13.05 10.98 -30.05
N ARG B 203 11.76 11.29 -29.85
CA ARG B 203 10.88 10.28 -29.29
C ARG B 203 10.40 9.32 -30.36
N GLN B 204 10.23 9.81 -31.57
CA GLN B 204 9.80 8.95 -32.67
C GLN B 204 10.69 9.22 -33.83
N VAL B 205 11.50 8.25 -34.20
CA VAL B 205 12.37 8.45 -35.34
C VAL B 205 12.26 7.21 -36.20
N GLN B 206 12.37 7.41 -37.50
CA GLN B 206 12.24 6.33 -38.47
C GLN B 206 13.51 5.93 -39.18
N ASP B 207 14.47 6.84 -39.27
CA ASP B 207 15.74 6.58 -39.91
C ASP B 207 16.81 6.60 -38.84
N LEU B 208 17.49 5.47 -38.67
CA LEU B 208 18.51 5.32 -37.64
C LEU B 208 19.84 4.96 -38.23
N CYS B 209 19.87 4.76 -39.53
CA CYS B 209 21.06 4.36 -40.26
C CYS B 209 21.62 3.12 -39.65
N ALA B 210 20.78 2.11 -39.47
CA ALA B 210 21.23 0.89 -38.88
C ALA B 210 21.97 0.09 -39.90
N SER B 211 22.97 -0.67 -39.48
CA SER B 211 23.81 -1.51 -40.32
C SER B 211 24.33 -2.67 -39.47
N LEU B 212 24.75 -3.73 -40.15
CA LEU B 212 25.46 -4.83 -39.48
C LEU B 212 26.84 -4.96 -40.10
N ARG B 213 27.89 -4.69 -39.30
CA ARG B 213 29.27 -4.76 -39.77
C ARG B 213 30.08 -5.71 -38.91
N VAL B 214 30.78 -6.64 -39.57
CA VAL B 214 31.77 -7.53 -38.95
C VAL B 214 33.01 -7.45 -39.81
N GLN B 215 34.10 -6.88 -39.27
CA GLN B 215 35.27 -6.79 -40.11
C GLN B 215 36.05 -8.10 -40.18
N TYR B 216 36.25 -8.72 -39.04
CA TYR B 216 36.92 -10.01 -39.04
C TYR B 216 35.91 -11.04 -38.61
N GLY B 223 18.19 -18.17 -39.27
CA GLY B 223 16.90 -18.83 -39.15
C GLY B 223 15.86 -17.99 -38.44
N SER B 224 15.03 -17.30 -39.23
CA SER B 224 14.00 -16.37 -38.76
C SER B 224 14.67 -15.36 -37.89
N THR B 225 15.87 -14.98 -38.27
CA THR B 225 16.62 -14.01 -37.53
C THR B 225 16.50 -12.76 -38.35
N GLN B 226 15.30 -12.20 -38.36
CA GLN B 226 15.02 -11.02 -39.16
C GLN B 226 15.90 -9.81 -38.91
N ILE B 227 16.67 -9.45 -39.91
CA ILE B 227 17.54 -8.28 -39.86
C ILE B 227 16.97 -7.25 -40.79
N GLY B 228 16.34 -6.22 -40.26
CA GLY B 228 15.74 -5.20 -41.08
C GLY B 228 14.28 -5.51 -41.28
N GLU B 229 13.54 -4.54 -41.81
CA GLU B 229 12.13 -4.75 -42.04
C GLU B 229 11.80 -4.37 -43.45
N PRO B 230 10.81 -5.05 -44.03
CA PRO B 230 10.42 -4.76 -45.43
C PRO B 230 10.16 -3.29 -45.70
N ASN B 231 9.53 -2.60 -44.76
CA ASN B 231 9.33 -1.19 -44.93
C ASN B 231 10.65 -0.57 -44.59
N ASN B 232 11.05 -0.65 -43.32
CA ASN B 232 12.30 -0.08 -42.88
C ASN B 232 13.33 -1.17 -43.03
N LYS B 233 14.44 -0.80 -43.65
CA LYS B 233 15.47 -1.75 -43.92
C LYS B 233 16.80 -1.05 -44.13
N LYS B 235 21.28 0.63 -43.64
CA LYS B 235 21.66 0.68 -45.03
C LYS B 235 22.83 -0.22 -45.29
N GLY B 236 22.60 -1.51 -45.40
CA GLY B 236 23.71 -2.38 -45.72
C GLY B 236 24.20 -3.23 -44.60
N VAL B 237 24.52 -4.46 -44.97
CA VAL B 237 25.04 -5.49 -44.07
C VAL B 237 26.40 -5.92 -44.62
N PHE B 238 27.44 -5.20 -44.20
CA PHE B 238 28.79 -5.33 -44.76
C PHE B 238 29.69 -6.13 -43.81
N VAL B 239 30.07 -7.31 -44.27
CA VAL B 239 31.00 -8.14 -43.55
C VAL B 239 32.18 -8.39 -44.47
N ALA B 243 31.08 -10.71 -48.04
CA ALA B 243 30.14 -11.49 -48.85
C ALA B 243 30.79 -12.81 -49.29
N GLN B 244 32.08 -12.85 -49.02
CA GLN B 244 32.99 -13.94 -49.37
C GLN B 244 32.50 -15.30 -48.88
N ASP B 245 31.94 -15.35 -47.65
CA ASP B 245 31.46 -16.62 -47.08
C ASP B 245 30.25 -16.40 -46.15
N ILE B 246 29.52 -15.32 -46.35
CA ILE B 246 28.29 -15.02 -45.62
C ILE B 246 27.18 -15.99 -46.05
N THR B 247 27.12 -17.17 -45.42
CA THR B 247 26.10 -18.15 -45.79
C THR B 247 24.86 -17.99 -44.91
N GLY B 248 23.77 -18.65 -45.32
CA GLY B 248 22.50 -18.60 -44.63
C GLY B 248 21.36 -18.62 -45.63
N GLU B 249 20.13 -18.83 -45.15
CA GLU B 249 18.98 -18.84 -46.06
C GLU B 249 18.82 -17.56 -46.86
N ASN B 250 19.38 -16.45 -46.37
CA ASN B 250 18.99 -15.13 -46.87
C ASN B 250 20.06 -14.48 -47.72
N VAL B 253 16.11 -12.45 -49.80
CA VAL B 253 15.11 -13.06 -48.92
C VAL B 253 14.74 -12.08 -47.81
N CYS B 254 13.95 -11.07 -48.17
CA CYS B 254 13.68 -9.96 -47.24
C CYS B 254 12.19 -9.99 -47.14
N ARG B 255 11.69 -10.72 -46.15
CA ARG B 255 10.27 -10.85 -45.87
C ARG B 255 9.97 -10.21 -44.50
N ASN B 256 8.75 -10.43 -44.00
CA ASN B 256 8.37 -9.81 -42.73
C ASN B 256 9.09 -10.46 -41.53
N ASN B 257 9.54 -11.69 -41.67
CA ASN B 257 10.38 -12.22 -40.58
C ASN B 257 11.63 -12.92 -41.14
N VAL B 260 16.74 -11.07 -44.71
CA VAL B 260 17.47 -9.83 -44.46
C VAL B 260 16.93 -8.73 -45.36
N CYS B 261 16.28 -7.71 -44.81
CA CYS B 261 15.87 -6.54 -45.59
C CYS B 261 17.00 -5.53 -45.46
N THR B 262 17.80 -5.39 -46.51
CA THR B 262 18.98 -4.53 -46.52
C THR B 262 19.02 -3.83 -47.88
N GLU B 263 19.63 -2.64 -47.92
CA GLU B 263 19.88 -1.97 -49.19
C GLU B 263 21.11 -2.52 -49.90
N ALA B 264 22.23 -2.63 -49.18
CA ALA B 264 23.47 -3.14 -49.73
C ALA B 264 23.99 -4.32 -48.90
N MET B 265 24.78 -5.19 -49.56
CA MET B 265 25.31 -6.40 -48.91
C MET B 265 26.61 -6.82 -49.60
N GLY B 266 27.74 -6.52 -48.98
CA GLY B 266 29.03 -6.99 -49.46
C GLY B 266 29.97 -7.41 -48.35
N GLY B 267 31.23 -7.03 -48.51
CA GLY B 267 32.20 -7.22 -47.47
C GLY B 267 32.29 -5.95 -46.67
N PHE B 268 33.20 -6.00 -45.72
CA PHE B 268 33.43 -4.94 -44.78
C PHE B 268 33.94 -3.65 -45.48
N ASP B 269 33.23 -2.54 -45.30
CA ASP B 269 33.40 -1.34 -46.15
C ASP B 269 34.17 -0.16 -45.54
N SER B 271 38.25 1.26 -44.49
CA SER B 271 39.28 2.30 -44.50
C SER B 271 39.53 2.80 -43.08
N ASP B 272 40.71 2.53 -42.57
CA ASP B 272 41.00 2.88 -41.17
C ASP B 272 39.91 2.52 -40.16
N PRO B 273 39.65 1.24 -39.94
CA PRO B 273 38.63 0.87 -38.99
C PRO B 273 39.09 1.17 -37.58
N PRO B 274 38.22 1.77 -36.76
CA PRO B 274 38.62 2.05 -35.38
C PRO B 274 38.83 0.74 -34.66
N PRO B 275 39.86 0.65 -33.86
CA PRO B 275 40.03 -0.54 -33.02
C PRO B 275 39.14 -0.44 -31.80
N PHE B 276 38.91 -1.58 -31.17
CA PHE B 276 38.11 -1.58 -29.96
C PHE B 276 38.80 -0.72 -28.91
N PRO B 277 38.10 0.23 -28.29
CA PRO B 277 38.75 1.06 -27.26
C PRO B 277 39.10 0.25 -26.02
N THR B 278 40.34 0.42 -25.55
CA THR B 278 40.83 -0.26 -24.36
C THR B 278 41.52 0.76 -23.46
N LEU B 279 41.44 0.54 -22.14
CA LEU B 279 42.04 1.50 -21.24
C LEU B 279 43.54 1.66 -21.47
N ASP B 280 44.23 0.59 -21.84
CA ASP B 280 45.69 0.59 -21.92
C ASP B 280 46.22 0.99 -23.28
N ALA B 281 45.35 1.48 -24.16
CA ALA B 281 45.73 2.00 -25.47
C ALA B 281 45.35 3.47 -25.58
N LYS B 282 46.01 4.18 -26.48
CA LYS B 282 45.67 5.56 -26.77
C LYS B 282 44.26 5.65 -27.32
N LEU B 283 43.51 6.65 -26.85
CA LEU B 283 42.17 6.90 -27.37
C LEU B 283 42.15 8.27 -28.04
N ASP B 284 41.93 8.29 -29.36
CA ASP B 284 42.02 9.55 -30.09
C ASP B 284 40.66 10.22 -30.09
N SER B 285 40.57 11.30 -29.32
CA SER B 285 39.32 12.02 -29.12
C SER B 285 39.66 13.46 -28.74
N ASP B 286 38.64 14.32 -28.77
CA ASP B 286 38.84 15.73 -28.45
C ASP B 286 39.37 15.94 -27.02
N ALA B 287 39.08 15.03 -26.08
CA ALA B 287 39.57 15.22 -24.72
C ALA B 287 40.79 14.36 -24.39
N CYS B 288 41.04 13.29 -25.13
CA CYS B 288 42.05 12.33 -24.71
C CYS B 288 43.21 12.12 -25.69
N SER B 289 43.33 12.95 -26.74
CA SER B 289 44.35 12.71 -27.76
C SER B 289 45.74 13.10 -27.30
N ALA B 290 45.85 14.06 -26.37
CA ALA B 290 47.16 14.43 -25.85
C ALA B 290 47.73 13.35 -24.91
N TYR B 291 46.84 12.56 -24.19
CA TYR B 291 47.35 11.60 -23.23
C TYR B 291 47.79 10.33 -23.95
N PRO B 292 48.83 9.66 -23.43
CA PRO B 292 49.32 8.43 -24.09
C PRO B 292 48.31 7.28 -24.08
N THR B 293 47.53 7.14 -23.00
CA THR B 293 46.51 6.09 -22.93
C THR B 293 45.19 6.66 -22.44
N TRP B 294 44.10 5.97 -22.81
CA TRP B 294 42.77 6.37 -22.38
C TRP B 294 42.70 6.44 -20.87
N ARG B 295 43.30 5.45 -20.21
CA ARG B 295 43.29 5.44 -18.75
C ARG B 295 43.96 6.69 -18.20
N ALA B 296 45.12 7.06 -18.77
CA ALA B 296 45.83 8.27 -18.35
C ALA B 296 44.97 9.52 -18.53
N CYS B 297 44.12 9.52 -19.56
CA CYS B 297 43.20 10.64 -19.74
C CYS B 297 42.15 10.67 -18.64
N LEU B 298 41.52 9.53 -18.36
CA LEU B 298 40.51 9.49 -17.32
C LEU B 298 41.08 9.96 -15.98
N GLN B 299 42.31 9.56 -15.64
CA GLN B 299 42.83 9.94 -14.33
C GLN B 299 43.25 11.40 -14.30
N GLY B 300 43.62 11.96 -15.46
CA GLY B 300 44.10 13.33 -15.48
C GLY B 300 42.99 14.36 -15.54
N LYS B 301 41.84 13.96 -16.07
CA LYS B 301 40.74 14.89 -16.27
C LYS B 301 39.60 14.68 -15.28
N ALA B 302 39.68 13.67 -14.42
CA ALA B 302 38.65 13.46 -13.43
C ALA B 302 38.62 14.63 -12.45
N ALA B 303 37.41 15.06 -12.10
CA ALA B 303 37.26 16.04 -11.03
C ALA B 303 37.44 15.38 -9.66
N LEU B 304 37.01 14.13 -9.55
CA LEU B 304 37.11 13.34 -8.34
C LEU B 304 37.72 11.99 -8.70
N ARG B 305 38.79 11.63 -8.01
CA ARG B 305 39.50 10.42 -8.38
C ARG B 305 40.04 9.75 -7.13
N ILE B 306 39.45 8.60 -6.79
CA ILE B 306 39.76 7.83 -5.59
C ILE B 306 40.39 6.54 -6.04
N GLN B 307 41.47 6.15 -5.41
CA GLN B 307 42.07 4.87 -5.71
C GLN B 307 42.02 4.03 -4.48
N ARG B 308 42.06 2.73 -4.64
CA ARG B 308 42.04 1.86 -3.51
C ARG B 308 43.04 0.77 -3.63
N ILE B 309 44.11 0.86 -2.89
CA ILE B 309 45.10 -0.18 -2.90
C ILE B 309 44.77 -1.07 -1.73
N GLY B 310 44.33 -2.28 -2.01
CA GLY B 310 43.92 -3.21 -0.99
C GLY B 310 42.92 -2.56 -0.05
N ASN B 311 43.37 -2.27 1.16
CA ASN B 311 42.48 -1.69 2.16
C ASN B 311 42.60 -0.17 2.30
N ILE B 312 43.67 0.42 1.80
CA ILE B 312 43.85 1.85 1.92
C ILE B 312 43.22 2.62 0.78
N LEU B 313 42.62 3.77 1.08
CA LEU B 313 41.95 4.59 0.11
C LEU B 313 42.68 5.88 -0.07
N SER B 314 43.04 6.21 -1.30
CA SER B 314 43.78 7.43 -1.55
C SER B 314 43.05 8.38 -2.44
N VAL B 315 42.90 9.63 -2.03
CA VAL B 315 42.26 10.61 -2.89
C VAL B 315 43.30 11.25 -3.82
N ALA B 316 43.20 10.99 -5.11
CA ALA B 316 44.12 11.64 -6.06
C ALA B 316 43.68 13.03 -6.48
N SER B 317 42.36 13.22 -6.65
CA SER B 317 41.70 14.47 -7.03
C SER B 317 40.35 14.54 -6.31
N PRO B 318 39.93 15.73 -5.85
CA PRO B 318 40.55 17.04 -6.10
C PRO B 318 41.75 17.26 -5.21
N PRO B 319 42.83 17.79 -5.78
CA PRO B 319 44.06 17.96 -4.98
C PRO B 319 44.04 19.17 -4.07
N ASN B 320 43.12 20.11 -4.26
CA ASN B 320 43.10 21.35 -3.50
C ASN B 320 41.73 21.61 -2.88
N ALA B 321 40.99 20.55 -2.59
CA ALA B 321 39.65 20.72 -2.05
C ALA B 321 39.35 19.58 -1.08
N THR B 322 38.55 19.89 -0.08
CA THR B 322 38.23 18.91 0.95
C THR B 322 37.04 18.07 0.50
N LEU B 323 37.00 16.83 0.99
CA LEU B 323 35.88 15.92 0.79
C LEU B 323 35.15 15.67 2.10
N SER B 324 33.92 15.20 1.99
CA SER B 324 33.28 14.84 3.25
C SER B 324 33.67 13.42 3.65
N PRO B 325 33.97 13.20 4.94
CA PRO B 325 34.32 11.83 5.38
C PRO B 325 33.22 10.81 5.15
N SER B 326 31.95 11.23 5.15
CA SER B 326 30.88 10.34 4.70
C SER B 326 31.22 9.71 3.38
N CYS B 327 31.63 10.52 2.42
CA CYS B 327 31.94 10.03 1.10
C CYS B 327 32.96 8.95 1.11
N LEU B 328 34.09 9.23 1.71
CA LEU B 328 35.16 8.24 1.77
C LEU B 328 34.76 6.98 2.45
N GLN B 329 34.01 7.08 3.55
CA GLN B 329 33.55 5.92 4.28
C GLN B 329 32.81 4.92 3.42
N ALA B 330 31.94 5.42 2.55
CA ALA B 330 31.17 4.62 1.62
C ALA B 330 31.94 3.69 0.71
N MET B 331 33.17 4.03 0.41
CA MET B 331 33.93 3.22 -0.52
C MET B 331 34.86 2.23 0.14
N GLN B 332 35.04 2.37 1.43
CA GLN B 332 35.98 1.50 2.17
C GLN B 332 35.87 -0.01 2.01
N SER B 333 34.71 -0.52 1.66
CA SER B 333 34.51 -1.93 1.42
C SER B 333 35.07 -2.32 0.09
N GLY B 334 35.13 -1.38 -0.82
CA GLY B 334 35.63 -1.65 -2.15
C GLY B 334 34.52 -1.87 -3.13
N THR B 335 33.34 -1.42 -2.75
CA THR B 335 32.15 -1.50 -3.54
C THR B 335 31.31 -0.42 -2.99
N LEU B 336 31.01 0.55 -3.81
CA LEU B 336 30.20 1.72 -3.44
C LEU B 336 28.77 1.38 -3.78
N THR B 337 27.93 1.26 -2.76
CA THR B 337 26.51 0.92 -2.90
C THR B 337 25.73 2.17 -2.55
N LEU B 338 24.84 2.62 -3.43
CA LEU B 338 24.14 3.86 -3.08
C LEU B 338 22.91 3.57 -2.21
N ASP B 339 21.90 2.91 -2.77
CA ASP B 339 20.80 2.34 -1.99
C ASP B 339 20.13 3.23 -0.93
N THR B 340 20.22 2.90 0.36
CA THR B 340 19.36 3.59 1.30
C THR B 340 19.97 4.83 1.94
N GLN B 341 21.26 5.09 1.82
CA GLN B 341 21.80 6.25 2.51
C GLN B 341 22.44 7.22 1.53
N SER B 342 22.10 8.49 1.71
CA SER B 342 22.69 9.55 0.90
C SER B 342 24.19 9.63 1.14
N VAL B 343 24.91 9.98 0.10
CA VAL B 343 26.35 10.16 0.16
C VAL B 343 26.71 11.40 -0.65
N ASP B 344 27.55 12.25 -0.08
CA ASP B 344 27.96 13.50 -0.69
C ASP B 344 29.45 13.38 -0.99
N CYS B 345 29.77 13.05 -2.23
CA CYS B 345 31.17 13.06 -2.67
C CYS B 345 31.45 14.31 -3.48
N THR B 346 30.88 15.44 -3.10
CA THR B 346 31.20 16.68 -3.80
C THR B 346 32.19 17.52 -3.02
N PHE B 347 32.77 18.48 -3.73
CA PHE B 347 33.72 19.43 -3.16
C PHE B 347 33.56 20.75 -3.91
N THR B 348 34.04 21.82 -3.30
CA THR B 348 33.99 23.12 -3.93
C THR B 348 35.42 23.52 -4.29
N ARG B 349 35.66 23.78 -5.57
CA ARG B 349 36.94 24.34 -5.92
C ARG B 349 36.95 25.79 -5.44
N LEU B 350 38.13 26.42 -5.47
CA LEU B 350 38.26 27.81 -5.06
C LEU B 350 37.58 28.81 -6.01
N ASP B 351 37.24 28.41 -7.25
CA ASP B 351 36.20 29.15 -7.99
C ASP B 351 35.05 29.57 -7.07
N GLY B 352 34.46 28.61 -6.40
CA GLY B 352 33.10 28.61 -5.97
C GLY B 352 32.24 27.58 -6.69
N SER B 353 32.78 26.80 -7.62
CA SER B 353 32.00 25.78 -8.31
C SER B 353 32.27 24.41 -7.71
N ARG B 354 31.26 23.55 -7.78
CA ARG B 354 31.32 22.23 -7.19
C ARG B 354 31.83 21.17 -8.18
N GLY B 355 32.24 20.04 -7.62
CA GLY B 355 32.74 18.92 -8.40
C GLY B 355 32.53 17.62 -7.65
N GLY B 356 32.53 16.52 -8.40
CA GLY B 356 32.33 15.20 -7.81
C GLY B 356 30.96 14.66 -8.09
N PHE B 357 30.39 13.86 -7.18
CA PHE B 357 29.01 13.39 -7.31
C PHE B 357 28.34 13.38 -5.95
N ARG B 358 27.00 13.44 -5.96
CA ARG B 358 26.23 13.43 -4.73
C ARG B 358 24.93 12.66 -4.94
N TYR B 359 24.61 11.76 -4.02
CA TYR B 359 23.48 10.86 -4.18
C TYR B 359 22.53 11.02 -3.00
N THR B 360 21.46 11.80 -3.18
CA THR B 360 20.49 12.01 -2.13
C THR B 360 19.48 10.87 -2.11
N TYR B 361 18.88 10.62 -0.95
CA TYR B 361 17.85 9.61 -0.86
C TYR B 361 16.61 10.20 -0.20
N THR B 362 15.46 10.03 -0.86
CA THR B 362 14.20 10.58 -0.38
C THR B 362 13.23 9.48 0.05
N GLY B 363 13.39 8.26 -0.47
CA GLY B 363 12.43 7.21 -0.27
C GLY B 363 11.68 6.93 -1.54
N GLY B 364 11.12 7.98 -2.13
CA GLY B 364 10.33 7.84 -3.33
C GLY B 364 11.15 7.83 -4.59
N GLN B 365 11.67 9.00 -4.97
CA GLN B 365 12.42 9.18 -6.22
C GLN B 365 13.78 9.77 -5.88
N GLU B 366 14.84 8.97 -5.96
CA GLU B 366 16.15 9.44 -5.55
C GLU B 366 16.91 10.08 -6.71
N LEU B 367 18.06 10.69 -6.38
CA LEU B 367 18.71 11.63 -7.28
C LEU B 367 20.23 11.50 -7.27
N LEU B 368 20.82 11.38 -8.46
CA LEU B 368 22.27 11.26 -8.62
C LEU B 368 22.81 12.44 -9.41
N GLU B 369 23.34 13.45 -8.72
CA GLU B 369 23.94 14.59 -9.37
C GLU B 369 25.44 14.36 -9.54
N VAL B 370 25.94 14.63 -10.75
CA VAL B 370 27.35 14.45 -11.10
C VAL B 370 27.85 15.79 -11.61
N PHE B 371 28.88 16.33 -10.94
CA PHE B 371 29.54 17.58 -11.30
C PHE B 371 30.95 17.24 -11.72
N GLY B 372 31.24 17.39 -13.00
CA GLY B 372 32.51 16.94 -13.48
C GLY B 372 32.53 15.43 -13.64
N ASP B 373 33.71 14.91 -13.90
CA ASP B 373 33.92 13.51 -14.17
C ASP B 373 34.45 12.85 -12.91
N VAL B 374 34.04 11.60 -12.68
CA VAL B 374 34.37 10.83 -11.47
C VAL B 374 35.10 9.56 -11.89
N VAL B 375 36.22 9.26 -11.23
CA VAL B 375 36.99 8.06 -11.54
C VAL B 375 37.32 7.33 -10.24
N LEU B 376 36.90 6.07 -10.16
CA LEU B 376 37.05 5.23 -8.96
C LEU B 376 37.91 4.03 -9.34
N GLU B 377 39.11 3.94 -8.77
CA GLU B 377 40.01 2.85 -9.09
C GLU B 377 40.04 1.81 -7.97
N GLY B 378 39.92 0.53 -8.34
CA GLY B 378 39.90 -0.57 -7.39
C GLY B 378 38.61 -0.67 -6.61
N ILE B 379 37.51 -0.22 -7.20
CA ILE B 379 36.24 -0.05 -6.51
C ILE B 379 35.14 -0.48 -7.47
N ASP B 380 34.19 -1.27 -6.99
CA ASP B 380 32.99 -1.55 -7.77
C ASP B 380 31.90 -0.54 -7.44
N ALA B 381 30.93 -0.41 -8.34
CA ALA B 381 29.85 0.54 -8.10
C ALA B 381 28.54 -0.19 -8.32
N VAL B 382 27.58 0.02 -7.41
CA VAL B 382 26.25 -0.50 -7.60
C VAL B 382 25.26 0.59 -7.21
N LEU B 383 24.27 0.80 -8.06
CA LEU B 383 23.14 1.66 -7.78
C LEU B 383 21.97 0.75 -7.49
N ASN B 384 21.47 0.74 -6.26
CA ASN B 384 20.52 -0.29 -5.89
C ASN B 384 19.06 0.19 -5.89
N ARG B 385 18.78 1.38 -6.37
CA ARG B 385 17.42 1.91 -6.33
C ARG B 385 17.15 2.73 -7.59
N PRO B 386 15.87 2.89 -7.94
CA PRO B 386 15.53 3.79 -9.05
C PRO B 386 16.17 5.14 -8.80
N VAL B 387 16.82 5.69 -9.81
CA VAL B 387 17.59 6.91 -9.62
C VAL B 387 17.45 7.75 -10.87
N ASP B 388 17.02 9.00 -10.71
CA ASP B 388 17.13 10.03 -11.75
C ASP B 388 18.45 10.79 -11.56
N TYR B 389 19.10 11.14 -12.67
CA TYR B 389 20.44 11.73 -12.61
C TYR B 389 20.47 13.14 -13.21
N ARG B 390 21.53 13.88 -12.88
CA ARG B 390 21.75 15.24 -13.40
C ARG B 390 23.25 15.40 -13.69
N ALA B 391 23.62 15.33 -14.97
CA ALA B 391 25.02 15.42 -15.39
C ALA B 391 25.34 16.87 -15.73
N GLN B 392 26.53 17.31 -15.32
CA GLN B 392 26.90 18.71 -15.51
C GLN B 392 28.41 18.81 -15.50
N SER B 393 28.94 19.58 -16.46
CA SER B 393 30.34 19.95 -16.50
C SER B 393 30.37 21.42 -16.86
N GLY B 394 29.98 22.27 -15.91
CA GLY B 394 29.91 23.70 -16.15
C GLY B 394 28.80 24.08 -17.12
N SER B 395 29.13 24.23 -18.39
CA SER B 395 28.14 24.58 -19.38
C SER B 395 27.43 23.33 -19.86
N ALA B 396 28.20 22.39 -20.40
CA ALA B 396 27.66 21.15 -20.91
C ALA B 396 26.86 20.41 -19.87
N LYS B 397 25.76 19.82 -20.29
CA LYS B 397 24.93 19.08 -19.37
C LYS B 397 25.25 17.62 -19.53
N SER B 398 26.48 17.24 -19.26
CA SER B 398 26.86 15.85 -19.36
C SER B 398 28.05 15.58 -18.47
N ALA B 399 28.30 14.30 -18.24
CA ALA B 399 29.42 13.82 -17.44
C ALA B 399 29.58 12.34 -17.60
N THR B 400 30.59 11.79 -16.96
CA THR B 400 30.80 10.36 -16.98
C THR B 400 31.31 9.87 -15.63
N LEU B 401 30.93 8.64 -15.29
CA LEU B 401 31.47 7.94 -14.13
C LEU B 401 32.26 6.74 -14.62
N ALA B 402 33.52 6.64 -14.18
CA ALA B 402 34.39 5.54 -14.52
C ALA B 402 34.74 4.72 -13.27
N VAL B 403 34.70 3.40 -13.41
CA VAL B 403 35.26 2.49 -12.43
C VAL B 403 36.32 1.64 -13.14
N LEU B 404 37.58 1.79 -12.75
CA LEU B 404 38.70 1.02 -13.30
C LEU B 404 39.21 0.01 -12.27
N LYS B 405 39.88 -1.01 -12.79
CA LYS B 405 40.52 -2.05 -11.99
C LYS B 405 41.82 -1.51 -11.41
N LEU B 406 42.19 -1.98 -10.22
CA LEU B 406 43.49 -1.62 -9.64
C LEU B 406 44.03 -2.87 -8.96
N GLY B 407 45.13 -3.40 -9.48
CA GLY B 407 45.62 -4.68 -8.98
C GLY B 407 44.58 -5.77 -9.08
N GLY B 408 43.80 -5.76 -10.15
CA GLY B 408 42.77 -6.77 -10.35
C GLY B 408 41.50 -6.60 -9.55
N ASN B 409 41.41 -5.57 -8.71
CA ASN B 409 40.22 -5.33 -7.92
C ASN B 409 39.41 -4.21 -8.53
N GLY B 410 38.10 -4.31 -8.40
CA GLY B 410 37.23 -3.26 -8.87
C GLY B 410 36.95 -3.39 -10.34
N GLY B 411 36.44 -2.30 -10.90
CA GLY B 411 36.21 -2.13 -12.32
C GLY B 411 34.85 -2.60 -12.80
N ASN B 412 34.00 -3.12 -11.91
CA ASN B 412 32.68 -3.64 -12.25
C ASN B 412 31.58 -2.70 -11.80
N LEU B 413 30.43 -2.76 -12.47
CA LEU B 413 29.34 -1.84 -12.13
C LEU B 413 28.01 -2.55 -12.28
N ASP B 414 27.08 -2.23 -11.38
CA ASP B 414 25.77 -2.87 -11.32
C ASP B 414 24.68 -1.79 -11.26
N ILE B 415 23.67 -1.92 -12.13
CA ILE B 415 22.51 -1.03 -12.18
C ILE B 415 21.26 -1.88 -11.95
N ASN B 416 20.70 -1.85 -10.72
CA ASN B 416 19.58 -2.75 -10.36
C ASN B 416 18.21 -2.06 -10.28
N GLY B 417 18.17 -0.74 -10.23
CA GLY B 417 16.97 0.02 -10.43
C GLY B 417 17.12 0.81 -11.73
N ASN B 418 16.09 1.55 -12.06
CA ASN B 418 16.14 2.33 -13.29
C ASN B 418 17.09 3.53 -13.17
N LEU B 419 17.58 3.98 -14.30
CA LEU B 419 18.56 5.05 -14.34
C LEU B 419 18.17 5.96 -15.49
N LEU B 420 17.44 7.03 -15.17
CA LEU B 420 16.92 7.97 -16.15
C LEU B 420 17.44 9.36 -15.84
N PRO B 421 17.43 10.24 -16.82
CA PRO B 421 17.75 11.64 -16.54
C PRO B 421 16.56 12.32 -15.87
N ASP B 422 16.89 13.35 -15.11
CA ASP B 422 15.89 14.09 -14.37
C ASP B 422 15.28 15.12 -15.32
N ALA B 423 13.97 15.04 -15.54
CA ALA B 423 13.34 15.83 -16.59
C ALA B 423 13.46 17.33 -16.36
N THR B 424 13.40 17.79 -15.11
CA THR B 424 13.55 19.22 -14.85
C THR B 424 14.89 19.75 -15.36
N PHE B 425 15.97 18.99 -15.19
CA PHE B 425 17.31 19.44 -15.59
C PHE B 425 17.47 19.43 -17.10
N GLY B 426 17.42 18.25 -17.72
CA GLY B 426 17.57 18.15 -19.15
C GLY B 426 16.90 16.90 -19.66
N LEU B 427 16.92 16.75 -20.98
CA LEU B 427 16.26 15.63 -21.64
C LEU B 427 17.25 14.94 -22.57
N PHE B 428 17.13 13.64 -22.71
CA PHE B 428 18.05 12.90 -23.56
C PHE B 428 17.85 13.30 -24.98
N PRO B 429 18.93 13.40 -25.75
CA PRO B 429 20.29 13.13 -25.36
C PRO B 429 21.00 14.42 -25.22
N ASN B 430 20.29 15.44 -24.77
CA ASN B 430 20.88 16.74 -24.57
C ASN B 430 21.26 16.94 -23.12
N HIS B 431 21.26 15.85 -22.36
CA HIS B 431 21.58 15.79 -20.99
C HIS B 431 21.86 14.34 -20.84
N ALA B 432 23.12 13.93 -20.93
CA ALA B 432 23.45 12.52 -20.82
C ALA B 432 24.48 12.25 -19.78
N LEU B 433 24.64 10.99 -19.42
CA LEU B 433 25.58 10.59 -18.42
C LEU B 433 26.24 9.36 -18.93
N GLY B 434 27.55 9.34 -18.91
CA GLY B 434 28.31 8.23 -19.44
C GLY B 434 28.83 7.28 -18.37
N PHE B 435 29.06 6.05 -18.78
CA PHE B 435 29.58 5.04 -17.86
C PHE B 435 30.71 4.28 -18.52
N VAL B 436 31.85 4.29 -17.86
CA VAL B 436 32.98 3.46 -18.24
C VAL B 436 33.23 2.48 -17.10
N ALA B 437 33.22 1.20 -17.40
CA ALA B 437 33.61 0.17 -16.43
C ALA B 437 34.71 -0.66 -17.07
N GLU B 438 35.86 -0.77 -16.42
CA GLU B 438 36.90 -1.56 -17.05
C GLU B 438 36.56 -3.04 -17.09
N GLY B 439 35.75 -3.49 -16.13
CA GLY B 439 35.37 -4.90 -16.07
C GLY B 439 33.99 -5.09 -16.62
N ASP B 440 33.11 -5.73 -15.84
CA ASP B 440 31.78 -6.08 -16.32
C ASP B 440 30.74 -5.08 -15.84
N ILE B 441 29.64 -5.01 -16.58
CA ILE B 441 28.50 -4.17 -16.23
C ILE B 441 27.27 -5.06 -16.15
N TYR B 442 26.46 -4.93 -15.11
CA TYR B 442 25.24 -5.71 -15.01
C TYR B 442 24.07 -4.81 -14.78
N GLN B 443 23.11 -4.85 -15.69
CA GLN B 443 21.94 -4.04 -15.58
C GLN B 443 20.70 -4.84 -15.28
N ARG B 444 20.26 -4.83 -14.03
CA ARG B 444 18.99 -5.48 -13.69
C ARG B 444 17.84 -4.50 -13.60
N GLY B 445 18.10 -3.20 -13.72
CA GLY B 445 17.05 -2.22 -13.92
C GLY B 445 16.39 -2.35 -15.29
N GLN B 446 15.14 -1.88 -15.35
CA GLN B 446 14.25 -1.93 -16.51
C GLN B 446 14.68 -0.97 -17.60
N HIS B 447 14.96 0.26 -17.21
CA HIS B 447 15.16 1.40 -18.10
C HIS B 447 16.38 2.15 -17.61
N VAL B 448 17.40 2.26 -18.45
CA VAL B 448 18.48 3.22 -18.21
C VAL B 448 18.81 3.93 -19.52
N MET B 449 19.12 5.22 -19.41
CA MET B 449 19.37 6.07 -20.56
C MET B 449 20.77 6.64 -20.40
N ALA B 450 21.72 5.94 -20.98
CA ALA B 450 23.10 6.35 -20.86
C ALA B 450 23.95 5.61 -21.88
N PRO B 451 24.99 6.28 -22.39
CA PRO B 451 26.03 5.56 -23.11
C PRO B 451 26.97 4.91 -22.10
N VAL B 452 27.24 3.63 -22.30
CA VAL B 452 28.01 2.87 -21.33
C VAL B 452 29.09 2.14 -22.09
N TYR B 453 30.24 1.98 -21.46
CA TYR B 453 31.34 1.18 -21.97
C TYR B 453 31.72 0.09 -20.98
N ALA B 454 31.89 -1.12 -21.46
CA ALA B 454 32.37 -2.21 -20.63
C ALA B 454 33.64 -2.79 -21.24
N GLY B 455 34.77 -2.59 -20.57
CA GLY B 455 36.01 -3.21 -21.02
C GLY B 455 35.93 -4.72 -21.07
N GLY B 456 35.06 -5.32 -20.23
CA GLY B 456 34.84 -6.74 -20.18
C GLY B 456 33.57 -7.24 -20.85
N THR B 457 32.53 -7.47 -20.07
CA THR B 457 31.27 -7.98 -20.62
C THR B 457 30.11 -7.18 -20.11
N PHE B 458 29.08 -7.05 -20.94
CA PHE B 458 27.88 -6.35 -20.57
C PHE B 458 26.85 -7.40 -20.25
N ARG B 459 26.01 -7.17 -19.26
CA ARG B 459 24.99 -8.15 -18.93
C ARG B 459 23.73 -7.45 -18.59
N VAL B 460 22.65 -7.93 -19.15
CA VAL B 460 21.36 -7.36 -18.91
C VAL B 460 20.36 -8.50 -18.94
N VAL B 461 19.31 -8.40 -18.15
CA VAL B 461 18.30 -9.44 -18.13
C VAL B 461 17.16 -9.16 -19.07
N LYS B 462 16.62 -10.23 -19.65
CA LYS B 462 15.51 -10.21 -20.56
C LYS B 462 14.40 -9.35 -20.05
N GLY B 463 13.95 -8.42 -20.85
CA GLY B 463 12.89 -7.57 -20.40
C GLY B 463 13.35 -6.19 -20.12
N ASN B 464 14.65 -6.03 -19.88
CA ASN B 464 15.22 -4.72 -19.63
C ASN B 464 15.60 -4.05 -20.93
N VAL B 465 15.51 -2.73 -20.93
CA VAL B 465 15.78 -1.93 -22.11
C VAL B 465 16.91 -0.96 -21.77
N LEU B 466 17.82 -0.82 -22.71
CA LEU B 466 18.92 0.13 -22.63
C LEU B 466 18.69 1.16 -23.73
N PHE B 467 18.57 2.42 -23.34
CA PHE B 467 18.49 3.51 -24.30
C PHE B 467 19.85 4.19 -24.30
N GLY B 468 20.37 4.46 -25.50
CA GLY B 468 21.68 5.06 -25.64
C GLY B 468 22.55 4.26 -26.58
N SER B 469 23.61 3.64 -26.06
CA SER B 469 24.51 2.84 -26.89
C SER B 469 25.42 2.10 -25.92
N VAL B 470 25.87 0.92 -26.33
CA VAL B 470 26.81 0.17 -25.51
C VAL B 470 28.03 -0.23 -26.34
N ILE B 471 29.21 0.13 -25.85
CA ILE B 471 30.49 -0.38 -26.33
C ILE B 471 31.06 -1.36 -25.30
N SER B 472 31.24 -2.62 -25.70
CA SER B 472 31.83 -3.57 -24.76
C SER B 472 32.44 -4.74 -25.51
N ASN B 473 33.31 -5.46 -24.85
CA ASN B 473 34.02 -6.53 -25.47
C ASN B 473 33.25 -7.82 -25.62
N GLN B 474 32.15 -7.93 -24.89
CA GLN B 474 31.31 -9.12 -24.93
C GLN B 474 29.94 -8.68 -24.53
N PHE B 475 28.93 -9.32 -25.08
CA PHE B 475 27.57 -8.94 -24.77
C PHE B 475 26.79 -10.21 -24.50
N CYS B 476 26.00 -10.19 -23.43
CA CYS B 476 25.20 -11.35 -23.11
C CYS B 476 23.89 -11.07 -22.38
N THR B 477 22.95 -12.00 -22.51
CA THR B 477 21.66 -11.85 -21.90
C THR B 477 21.43 -12.93 -20.89
N THR B 478 20.86 -12.55 -19.76
CA THR B 478 20.61 -13.49 -18.69
C THR B 478 19.16 -13.80 -18.52
N SER B 479 18.90 -14.90 -17.84
CA SER B 479 17.57 -15.39 -17.56
C SER B 479 16.84 -14.63 -16.47
N ALA B 480 17.52 -14.29 -15.38
CA ALA B 480 16.80 -13.62 -14.31
C ALA B 480 17.50 -12.55 -13.53
N GLY B 481 18.77 -12.71 -13.30
CA GLY B 481 19.46 -11.71 -12.53
C GLY B 481 20.42 -12.41 -11.61
N ASN B 482 20.01 -13.55 -11.11
CA ASN B 482 20.88 -14.32 -10.25
C ASN B 482 21.82 -15.11 -11.08
N GLN B 483 21.42 -15.42 -12.30
CA GLN B 483 22.25 -16.18 -13.15
C GLN B 483 23.23 -15.29 -13.83
N MET B 484 24.42 -15.83 -14.05
CA MET B 484 25.45 -15.14 -14.79
C MET B 484 25.71 -15.89 -16.09
N SER B 485 25.20 -17.10 -16.14
CA SER B 485 25.32 -17.91 -17.32
C SER B 485 24.56 -17.12 -18.35
N CYS B 486 25.22 -16.88 -19.46
CA CYS B 486 24.66 -16.02 -20.47
C CYS B 486 23.74 -16.61 -21.51
N ASN B 487 23.09 -17.72 -21.24
CA ASN B 487 22.21 -18.28 -22.26
C ASN B 487 20.74 -18.10 -21.96
N ALA B 488 20.09 -17.29 -22.78
CA ALA B 488 18.67 -17.05 -22.61
C ALA B 488 18.00 -17.13 -23.97
N SER B 489 16.72 -17.43 -23.97
CA SER B 489 16.00 -17.55 -25.21
C SER B 489 15.05 -16.38 -25.35
N GLN B 490 14.85 -15.70 -24.23
CA GLN B 490 14.03 -14.52 -24.21
C GLN B 490 14.94 -13.33 -24.60
N LYS B 491 14.34 -12.18 -24.83
CA LYS B 491 15.10 -11.06 -25.34
C LYS B 491 15.32 -9.79 -24.54
N ALA B 492 16.56 -9.34 -24.47
CA ALA B 492 16.80 -8.03 -23.91
C ALA B 492 16.87 -7.07 -25.07
N GLU B 493 16.75 -5.80 -24.79
CA GLU B 493 16.70 -4.88 -25.90
C GLU B 493 17.53 -3.66 -25.61
N VAL B 494 18.23 -3.18 -26.63
CA VAL B 494 18.98 -1.94 -26.61
C VAL B 494 18.56 -1.15 -27.84
N VAL B 495 18.21 0.12 -27.64
CA VAL B 495 17.75 0.97 -28.72
C VAL B 495 18.69 2.16 -28.81
N TYR B 496 19.40 2.27 -29.92
CA TYR B 496 20.39 3.31 -30.10
C TYR B 496 19.72 4.68 -30.22
N ILE B 497 20.16 5.62 -29.40
CA ILE B 497 19.72 7.00 -29.49
C ILE B 497 20.95 7.83 -29.78
N ARG B 498 20.97 8.41 -30.97
CA ARG B 498 22.06 9.23 -31.42
C ARG B 498 22.29 10.33 -30.42
N ILE B 499 23.54 10.51 -30.05
CA ILE B 499 23.91 11.54 -29.12
C ILE B 499 24.65 12.57 -29.93
N PRO B 500 24.15 13.79 -29.88
CA PRO B 500 24.74 14.89 -30.63
C PRO B 500 26.19 15.04 -30.26
N LYS B 501 27.05 15.25 -31.25
CA LYS B 501 28.48 15.42 -31.03
C LYS B 501 28.84 16.44 -29.96
N GLU B 502 28.15 17.58 -29.91
CA GLU B 502 28.39 18.61 -28.92
C GLU B 502 27.84 18.31 -27.53
N ASN B 503 27.06 17.25 -27.39
CA ASN B 503 26.48 16.92 -26.12
C ASN B 503 27.05 15.65 -25.56
N ARG B 504 27.91 15.00 -26.31
CA ARG B 504 28.51 13.74 -25.91
C ARG B 504 29.43 13.90 -24.73
N PRO B 505 29.54 12.84 -23.93
CA PRO B 505 30.40 12.78 -22.75
C PRO B 505 31.83 12.59 -23.18
N ALA B 506 32.57 13.66 -22.97
CA ALA B 506 33.95 13.76 -23.34
C ALA B 506 34.87 12.59 -23.12
N LEU B 507 34.70 11.89 -22.03
CA LEU B 507 35.69 10.88 -21.72
C LEU B 507 35.31 9.51 -22.24
N LEU B 508 34.29 9.44 -23.07
CA LEU B 508 33.95 8.21 -23.74
C LEU B 508 34.49 8.22 -25.15
N PRO B 509 34.66 7.05 -25.77
CA PRO B 509 35.18 7.01 -27.14
C PRO B 509 34.16 7.57 -28.12
N SER B 510 34.65 8.34 -29.08
CA SER B 510 33.80 8.75 -30.22
C SER B 510 34.41 8.12 -31.49
N LEU B 511 33.91 6.94 -31.84
CA LEU B 511 34.49 6.13 -32.89
C LEU B 511 34.13 6.68 -34.28
N ARG B 512 35.14 6.80 -35.12
CA ARG B 512 35.04 7.43 -36.43
C ARG B 512 35.35 6.43 -37.53
N GLY B 513 34.64 6.55 -38.65
CA GLY B 513 34.97 5.75 -39.82
C GLY B 513 36.30 6.16 -40.42
N GLY B 514 36.57 7.45 -40.50
CA GLY B 514 37.86 7.93 -40.96
C GLY B 514 38.11 9.31 -40.38
N LYS B 515 39.25 9.80 -40.63
CA LYS B 515 39.55 11.14 -40.16
C LYS B 515 39.04 12.19 -41.16
N PRO B 516 38.54 13.33 -40.68
CA PRO B 516 38.10 14.40 -41.59
C PRO B 516 39.30 15.14 -42.19
N VAL B 517 39.32 15.26 -43.52
CA VAL B 517 40.44 15.87 -44.23
C VAL B 517 39.90 16.77 -45.33
N PHE B 518 40.51 17.93 -45.47
CA PHE B 518 40.29 18.81 -46.63
C PHE B 518 41.66 19.26 -47.11
N GLN B 519 42.21 18.57 -48.11
CA GLN B 519 43.58 18.81 -48.55
C GLN B 519 43.63 19.09 -50.05
N VAL B 520 44.49 20.05 -50.45
CA VAL B 520 44.71 20.35 -51.86
C VAL B 520 45.91 19.55 -52.37
N LEU B 521 45.68 18.75 -53.41
CA LEU B 521 46.74 17.91 -53.96
C LEU B 521 47.48 18.57 -55.11
N SER B 522 46.84 19.48 -55.83
CA SER B 522 47.47 20.10 -56.98
C SER B 522 46.77 21.39 -57.33
N TYR B 523 47.53 22.29 -57.95
CA TYR B 523 46.97 23.51 -58.50
C TYR B 523 47.69 23.85 -59.79
N GLU B 524 46.95 24.26 -60.82
CA GLU B 524 47.62 24.55 -62.09
C GLU B 524 46.94 25.69 -62.84
N ARG B 525 47.74 26.49 -63.53
CA ARG B 525 47.30 27.67 -64.27
C ARG B 525 47.79 27.55 -65.70
N ARG B 526 46.89 27.67 -66.67
CA ARG B 526 47.27 27.49 -68.07
C ARG B 526 46.65 28.56 -68.95
N LEU B 527 47.43 29.06 -69.90
CA LEU B 527 46.94 29.95 -70.95
C LEU B 527 46.47 29.12 -72.11
N GLU B 528 45.29 29.44 -72.64
CA GLU B 528 44.82 28.68 -73.81
C GLU B 528 44.75 29.58 -75.05
N ILE C 3 -43.69 -21.21 20.12
CA ILE C 3 -44.24 -22.05 21.17
C ILE C 3 -43.24 -23.09 21.61
N GLU C 4 -43.35 -23.49 22.87
CA GLU C 4 -42.47 -24.46 23.46
C GLU C 4 -43.27 -25.55 24.15
N LEU C 5 -42.92 -26.80 23.89
CA LEU C 5 -43.64 -27.90 24.47
C LEU C 5 -42.67 -28.91 25.03
N TRP C 6 -42.91 -29.36 26.26
CA TRP C 6 -42.04 -30.36 26.84
C TRP C 6 -42.80 -31.37 27.69
N THR C 7 -42.14 -32.50 27.93
CA THR C 7 -42.67 -33.56 28.75
C THR C 7 -41.90 -33.52 30.03
N THR C 8 -42.57 -33.75 31.13
CA THR C 8 -41.94 -33.71 32.45
C THR C 8 -42.49 -34.83 33.32
N ARG C 9 -41.91 -35.00 34.52
CA ARG C 9 -42.50 -35.88 35.50
C ARG C 9 -42.89 -35.13 36.76
N ASN C 10 -42.87 -33.81 36.71
CA ASN C 10 -43.22 -32.94 37.82
C ASN C 10 -44.74 -32.92 38.04
N ASP C 11 -45.15 -32.53 39.27
CA ASP C 11 -46.58 -32.50 39.61
C ASP C 11 -47.36 -31.49 38.80
N THR C 12 -48.68 -31.66 38.86
CA THR C 12 -49.58 -30.75 38.21
C THR C 12 -49.42 -29.35 38.76
N THR C 13 -49.23 -29.24 40.05
CA THR C 13 -49.15 -27.93 40.68
C THR C 13 -48.05 -27.09 40.11
N SER C 14 -46.92 -27.70 39.86
CA SER C 14 -45.83 -26.98 39.29
C SER C 14 -46.22 -26.55 37.92
N VAL C 15 -46.50 -27.54 37.09
CA VAL C 15 -46.87 -27.35 35.73
C VAL C 15 -47.85 -26.25 35.47
N GLN C 16 -48.78 -26.07 36.38
CA GLN C 16 -49.77 -25.06 36.19
C GLN C 16 -49.18 -23.70 36.34
N ALA C 17 -47.99 -23.62 36.88
CA ALA C 17 -47.40 -22.31 37.04
C ALA C 17 -46.56 -22.05 35.82
N PHE C 18 -45.85 -23.08 35.43
CA PHE C 18 -45.03 -23.09 34.27
C PHE C 18 -45.92 -22.71 33.14
N TYR C 19 -47.13 -23.24 33.13
CA TYR C 19 -48.01 -22.89 32.06
C TYR C 19 -48.34 -21.44 32.14
N ALA C 20 -48.68 -20.94 33.30
CA ALA C 20 -49.04 -19.54 33.46
C ALA C 20 -47.89 -18.64 33.04
N ALA C 21 -46.67 -18.98 33.45
CA ALA C 21 -45.51 -18.14 33.11
C ALA C 21 -45.23 -18.16 31.61
N GLU C 22 -45.15 -19.36 31.00
CA GLU C 22 -44.81 -19.39 29.59
C GLU C 22 -45.97 -18.94 28.72
N ALA C 23 -47.16 -18.94 29.27
CA ALA C 23 -48.27 -18.28 28.58
C ALA C 23 -48.01 -16.80 28.38
N GLY C 24 -47.46 -16.15 29.41
CA GLY C 24 -47.11 -14.75 29.27
C GLY C 24 -45.92 -14.57 28.35
N LEU C 25 -44.90 -15.41 28.51
CA LEU C 25 -43.68 -15.30 27.72
C LEU C 25 -43.98 -15.36 26.23
N GLN C 26 -44.86 -16.25 25.82
CA GLN C 26 -45.06 -16.37 24.38
C GLN C 26 -46.04 -15.32 23.84
N LYS C 27 -46.90 -14.74 24.69
CA LYS C 27 -47.77 -13.67 24.23
C LYS C 27 -46.98 -12.44 23.87
N TYR C 28 -46.08 -12.02 24.76
CA TYR C 28 -45.32 -10.80 24.52
C TYR C 28 -44.03 -11.04 23.75
N LYS C 29 -43.60 -12.31 23.57
CA LYS C 29 -42.56 -12.59 22.59
C LYS C 29 -43.11 -12.44 21.18
N ALA C 30 -44.38 -12.77 21.00
CA ALA C 30 -45.07 -12.45 19.75
C ALA C 30 -45.26 -10.94 19.62
N ALA C 31 -45.64 -10.28 20.71
CA ALA C 31 -45.84 -8.84 20.66
C ALA C 31 -44.55 -8.11 20.37
N LEU C 32 -43.44 -8.61 20.91
CA LEU C 32 -42.15 -7.96 20.70
C LEU C 32 -41.71 -8.05 19.25
N PHE C 33 -41.83 -9.24 18.65
CA PHE C 33 -41.52 -9.39 17.23
C PHE C 33 -42.39 -8.51 16.37
N GLN C 34 -43.64 -8.31 16.77
CA GLN C 34 -44.54 -7.49 15.98
C GLN C 34 -44.17 -6.02 16.09
N GLN C 35 -43.67 -5.58 17.25
CA GLN C 35 -43.21 -4.21 17.38
C GLN C 35 -41.98 -4.01 16.49
N TYR C 36 -41.21 -5.07 16.25
CA TYR C 36 -40.06 -5.00 15.38
C TYR C 36 -40.48 -5.00 13.91
N VAL C 37 -41.54 -5.71 13.62
CA VAL C 37 -42.05 -5.77 12.28
C VAL C 37 -42.62 -4.43 11.98
N TRP C 38 -43.31 -3.86 12.95
CA TRP C 38 -43.92 -2.57 12.77
C TRP C 38 -42.95 -1.41 12.60
N ARG C 39 -41.73 -1.56 13.09
CA ARG C 39 -40.74 -0.53 12.95
C ARG C 39 -40.02 -0.67 11.61
N GLU C 40 -40.34 -1.69 10.83
CA GLU C 40 -39.72 -1.80 9.51
C GLU C 40 -40.26 -0.88 8.37
N CYS C 51 -41.64 10.02 11.44
CA CYS C 51 -40.21 9.83 11.60
C CYS C 51 -39.87 8.42 12.06
N PHE C 52 -38.60 8.16 12.29
CA PHE C 52 -38.15 6.83 12.69
C PHE C 52 -37.48 6.83 14.03
N THR C 53 -37.93 5.95 14.91
CA THR C 53 -37.35 5.85 16.23
C THR C 53 -37.04 4.40 16.49
N SER C 54 -35.94 4.16 17.19
CA SER C 54 -35.52 2.80 17.50
C SER C 54 -36.44 2.16 18.56
N LEU C 55 -36.37 0.83 18.62
CA LEU C 55 -37.15 0.09 19.61
C LEU C 55 -36.76 0.45 21.03
N ALA C 56 -35.51 0.77 21.24
CA ALA C 56 -35.04 1.12 22.57
C ALA C 56 -35.64 2.42 23.07
N ARG C 57 -36.37 3.18 22.25
CA ARG C 57 -36.90 4.45 22.68
C ARG C 57 -38.40 4.40 22.94
N GLY C 58 -38.93 3.20 23.05
CA GLY C 58 -40.29 2.97 23.45
C GLY C 58 -41.02 2.12 22.44
N LEU C 59 -42.19 1.64 22.84
CA LEU C 59 -42.98 0.78 22.02
C LEU C 59 -44.20 1.50 21.49
N ASP C 60 -44.59 1.21 20.26
CA ASP C 60 -45.75 1.84 19.67
C ASP C 60 -46.83 0.84 19.91
N LEU C 61 -47.37 0.86 21.11
CA LEU C 61 -48.35 -0.10 21.54
C LEU C 61 -49.45 -0.49 20.60
N ASP C 62 -50.08 0.46 19.95
CA ASP C 62 -51.16 0.10 19.05
C ASP C 62 -51.11 0.80 17.72
N ARG C 63 -49.90 1.12 17.25
CA ARG C 63 -49.68 1.81 16.00
C ARG C 63 -50.54 3.03 15.88
N ASP C 64 -50.55 3.88 16.89
CA ASP C 64 -51.38 5.07 16.82
C ASP C 64 -50.56 6.34 16.90
N GLY C 65 -49.27 6.18 16.72
CA GLY C 65 -48.36 7.31 16.72
C GLY C 65 -47.75 7.62 18.05
N THR C 66 -48.26 6.99 19.09
CA THR C 66 -47.74 7.24 20.41
C THR C 66 -46.71 6.23 20.82
N ILE C 67 -45.62 6.71 21.35
CA ILE C 67 -44.54 5.81 21.76
C ILE C 67 -44.44 5.89 23.27
N THR C 68 -44.46 4.73 23.92
CA THR C 68 -44.34 4.72 25.37
C THR C 68 -42.92 4.31 25.74
N PRO C 69 -42.16 5.17 26.41
CA PRO C 69 -40.74 4.90 26.62
C PRO C 69 -40.50 4.02 27.84
N PHE C 70 -39.23 3.66 27.99
CA PHE C 70 -38.75 2.89 29.12
C PHE C 70 -38.38 3.81 30.30
N VAL C 71 -38.77 3.39 31.50
CA VAL C 71 -38.27 4.02 32.72
C VAL C 71 -37.22 3.10 33.34
N ASN C 72 -35.99 3.60 33.39
CA ASN C 72 -34.87 2.88 34.02
C ASN C 72 -34.68 1.50 33.42
N ASN C 73 -34.67 1.45 32.11
CA ASN C 73 -34.40 0.21 31.35
C ASN C 73 -35.45 -0.85 31.50
N ARG C 74 -36.71 -0.49 31.79
CA ARG C 74 -37.70 -1.53 32.05
C ARG C 74 -39.07 -1.03 31.68
N LEU C 75 -39.96 -1.96 31.38
CA LEU C 75 -41.35 -1.64 31.03
C LEU C 75 -42.24 -2.84 31.29
N VAL C 76 -43.21 -2.70 32.19
CA VAL C 76 -44.10 -3.80 32.55
C VAL C 76 -45.22 -3.84 31.53
N LEU C 77 -45.38 -4.98 30.85
CA LEU C 77 -46.36 -5.13 29.80
C LEU C 77 -47.71 -5.66 30.29
N ALA C 78 -47.76 -6.36 31.42
CA ALA C 78 -49.00 -6.86 31.99
C ALA C 78 -48.71 -7.28 33.41
N GLN C 79 -49.49 -6.87 34.39
CA GLN C 79 -49.05 -7.44 35.66
C GLN C 79 -50.26 -8.12 36.26
N ASN C 80 -50.07 -9.37 36.65
CA ASN C 80 -51.12 -10.23 37.19
C ASN C 80 -52.28 -10.37 36.22
N GLU C 81 -51.97 -10.48 34.95
CA GLU C 81 -52.98 -10.85 33.98
C GLU C 81 -53.29 -12.34 34.09
N VAL C 82 -54.57 -12.68 34.15
CA VAL C 82 -55.00 -14.04 34.43
C VAL C 82 -55.21 -14.80 33.12
N VAL C 83 -54.54 -15.97 33.00
CA VAL C 83 -54.76 -16.93 31.92
C VAL C 83 -55.90 -17.87 32.30
N THR C 84 -56.68 -18.30 31.29
CA THR C 84 -57.87 -19.09 31.53
C THR C 84 -57.82 -20.45 30.84
N ASP C 85 -58.49 -21.41 31.44
CA ASP C 85 -58.65 -22.73 30.84
C ASP C 85 -59.73 -22.64 29.75
N ALA C 86 -60.20 -23.79 29.28
CA ALA C 86 -61.22 -23.77 28.24
C ALA C 86 -62.54 -23.24 28.76
N ASN C 87 -62.83 -23.42 30.05
CA ASN C 87 -64.08 -22.95 30.62
C ASN C 87 -63.97 -21.53 31.15
N GLY C 88 -62.85 -20.87 30.95
CA GLY C 88 -62.75 -19.50 31.39
C GLY C 88 -62.63 -19.32 32.88
N ASN C 89 -62.14 -20.32 33.58
CA ASN C 89 -61.86 -20.07 34.98
C ASN C 89 -60.37 -19.92 35.19
N PRO C 90 -59.95 -19.23 36.25
CA PRO C 90 -58.53 -18.88 36.37
C PRO C 90 -57.68 -20.11 36.65
N VAL C 91 -56.64 -20.30 35.83
CA VAL C 91 -55.67 -21.35 36.10
C VAL C 91 -54.41 -20.74 36.71
N GLY C 92 -54.24 -19.43 36.60
CA GLY C 92 -53.08 -18.75 37.16
C GLY C 92 -52.99 -17.35 36.59
N ARG C 93 -52.07 -16.58 37.16
CA ARG C 93 -51.78 -15.25 36.66
C ARG C 93 -50.29 -15.14 36.31
N TYR C 94 -49.97 -14.09 35.55
CA TYR C 94 -48.57 -13.79 35.26
C TYR C 94 -48.35 -12.29 35.15
N THR C 95 -47.08 -11.88 35.33
CA THR C 95 -46.63 -10.51 35.08
C THR C 95 -45.44 -10.51 34.12
N ALA C 96 -45.65 -9.96 32.94
CA ALA C 96 -44.62 -9.94 31.92
C ALA C 96 -43.88 -8.62 31.96
N THR C 97 -42.59 -8.73 32.01
CA THR C 97 -41.76 -7.56 32.06
C THR C 97 -40.68 -7.63 30.99
N LEU C 98 -40.45 -6.51 30.32
CA LEU C 98 -39.39 -6.43 29.31
C LEU C 98 -38.30 -5.50 29.81
N TYR C 99 -37.07 -5.99 29.86
CA TYR C 99 -35.93 -5.19 30.31
C TYR C 99 -35.10 -4.82 29.10
N LYS C 100 -34.68 -3.57 29.10
CA LYS C 100 -33.82 -3.01 28.09
C LYS C 100 -32.39 -2.89 28.60
N ASP C 101 -31.43 -3.15 27.74
CA ASP C 101 -30.06 -2.85 28.16
C ASP C 101 -29.81 -1.35 28.02
N ALA C 102 -29.18 -0.74 29.04
CA ALA C 102 -28.93 0.70 29.00
C ALA C 102 -27.92 1.06 27.92
N GLN C 103 -26.95 0.21 27.76
CA GLN C 103 -25.90 0.47 26.83
C GLN C 103 -26.33 0.18 25.42
N ASP C 104 -26.66 -1.08 25.17
CA ASP C 104 -27.01 -1.60 23.87
C ASP C 104 -28.50 -1.49 23.57
N ASP C 105 -28.85 -0.68 22.61
CA ASP C 105 -30.26 -0.52 22.25
C ASP C 105 -30.81 -1.72 21.52
N GLN C 106 -30.07 -2.84 21.42
CA GLN C 106 -30.56 -4.01 20.69
C GLN C 106 -30.86 -5.20 21.59
N LEU C 107 -30.31 -5.25 22.80
CA LEU C 107 -30.53 -6.39 23.70
C LEU C 107 -31.73 -6.15 24.59
N PHE C 108 -32.66 -7.06 24.52
CA PHE C 108 -33.81 -7.03 25.38
C PHE C 108 -33.96 -8.38 26.07
N THR C 109 -34.35 -8.33 27.35
CA THR C 109 -34.64 -9.52 28.12
C THR C 109 -36.11 -9.49 28.47
N LEU C 110 -36.81 -10.57 28.14
CA LEU C 110 -38.22 -10.74 28.49
C LEU C 110 -38.35 -11.70 29.66
N VAL C 111 -39.02 -11.28 30.74
CA VAL C 111 -39.25 -12.12 31.92
C VAL C 111 -40.75 -12.26 32.16
N SER C 112 -41.21 -13.47 32.37
CA SER C 112 -42.60 -13.73 32.73
C SER C 112 -42.64 -14.52 34.05
N GLU C 113 -43.23 -13.93 35.08
CA GLU C 113 -43.34 -14.58 36.36
C GLU C 113 -44.76 -15.07 36.51
N GLY C 114 -44.90 -16.37 36.70
CA GLY C 114 -46.21 -16.93 36.80
C GLY C 114 -46.45 -17.67 38.08
N THR C 115 -47.66 -17.54 38.59
CA THR C 115 -48.04 -18.18 39.83
C THR C 115 -49.32 -18.96 39.66
N SER C 116 -49.42 -20.07 40.36
CA SER C 116 -50.61 -20.89 40.28
C SER C 116 -50.76 -21.70 41.52
N GLY C 117 -51.62 -21.25 42.42
CA GLY C 117 -51.84 -22.03 43.62
C GLY C 117 -50.60 -22.23 44.45
N GLY C 118 -50.01 -21.15 44.93
CA GLY C 118 -48.83 -21.28 45.74
C GLY C 118 -47.69 -22.03 45.08
N ALA C 119 -47.61 -21.88 43.78
CA ALA C 119 -46.54 -22.46 43.02
C ALA C 119 -46.11 -21.30 42.17
N LYS C 120 -44.81 -21.00 42.20
CA LYS C 120 -44.26 -19.90 41.44
C LYS C 120 -43.27 -20.38 40.43
N ALA C 121 -43.31 -19.79 39.26
CA ALA C 121 -42.38 -20.19 38.24
C ALA C 121 -41.95 -19.03 37.41
N ARG C 122 -40.75 -19.13 36.87
CA ARG C 122 -40.20 -18.07 36.04
C ARG C 122 -39.58 -18.52 34.73
N VAL C 123 -39.89 -17.78 33.69
CA VAL C 123 -39.32 -18.03 32.37
C VAL C 123 -38.85 -16.73 31.81
N GLN C 124 -37.79 -16.80 31.01
CA GLN C 124 -37.20 -15.60 30.46
C GLN C 124 -36.50 -15.95 29.14
N ALA C 125 -36.46 -14.95 28.25
CA ALA C 125 -35.79 -15.03 26.95
C ALA C 125 -35.07 -13.72 26.70
N THR C 126 -33.86 -13.81 26.14
CA THR C 126 -33.10 -12.63 25.77
C THR C 126 -33.03 -12.55 24.25
N PHE C 127 -33.22 -11.35 23.73
CA PHE C 127 -33.22 -11.11 22.29
C PHE C 127 -32.16 -10.11 21.87
N ARG C 128 -31.70 -10.22 20.62
CA ARG C 128 -30.94 -9.18 19.95
C ARG C 128 -31.83 -8.72 18.81
N ILE C 129 -32.20 -7.45 18.83
CA ILE C 129 -33.15 -6.90 17.88
C ILE C 129 -32.58 -5.61 17.27
N SER C 130 -32.52 -5.54 15.94
CA SER C 130 -32.11 -4.32 15.27
C SER C 130 -32.92 -4.09 14.01
N ASN C 131 -33.33 -2.86 13.77
CA ASN C 131 -34.05 -2.52 12.56
C ASN C 131 -33.12 -2.03 11.45
N SER C 132 -33.70 -1.95 10.25
CA SER C 132 -32.92 -1.52 9.11
C SER C 132 -32.51 -0.06 9.25
N ASP C 133 -33.46 0.80 9.63
CA ASP C 133 -33.30 2.26 9.64
C ASP C 133 -32.81 2.74 8.27
N TYR C 134 -33.74 2.68 7.34
CA TYR C 134 -33.49 3.13 5.97
C TYR C 134 -33.07 4.59 6.01
N LEU C 135 -31.88 4.90 5.52
CA LEU C 135 -31.42 6.27 5.55
C LEU C 135 -32.33 7.18 4.78
N GLU C 136 -32.54 8.38 5.28
CA GLU C 136 -33.44 9.29 4.62
C GLU C 136 -32.88 10.68 4.44
N GLN C 137 -31.98 10.88 3.50
CA GLN C 137 -31.44 12.21 3.27
C GLN C 137 -31.63 12.75 1.87
N ALA C 138 -31.43 14.04 1.72
CA ALA C 138 -31.52 14.70 0.42
C ALA C 138 -30.29 14.41 -0.42
N ILE C 139 -29.16 14.42 0.22
CA ILE C 139 -27.95 14.17 -0.47
C ILE C 139 -27.15 13.11 0.26
N PHE C 140 -26.68 12.12 -0.47
CA PHE C 140 -25.75 11.10 0.02
C PHE C 140 -24.47 11.25 -0.79
N ALA C 141 -23.46 11.91 -0.24
CA ALA C 141 -22.20 12.05 -0.97
C ALA C 141 -21.29 10.84 -0.74
N GLY C 142 -20.40 10.60 -1.71
CA GLY C 142 -19.54 9.43 -1.73
C GLY C 142 -18.09 9.68 -1.38
N ALA C 143 -17.19 9.43 -2.36
CA ALA C 143 -15.73 9.47 -2.15
C ALA C 143 -15.00 10.62 -2.87
N ASN C 147 -10.44 14.21 -4.55
CA ASN C 147 -11.31 15.23 -5.11
C ASN C 147 -12.06 15.89 -3.93
N LYS C 148 -13.09 16.67 -4.24
CA LYS C 148 -13.88 17.41 -3.26
C LYS C 148 -15.31 16.90 -3.30
N TRP C 149 -16.07 17.08 -2.21
CA TRP C 149 -17.38 16.44 -2.13
C TRP C 149 -18.61 17.32 -2.32
N LEU C 150 -18.59 18.59 -1.91
CA LEU C 150 -19.72 19.50 -2.14
C LEU C 150 -19.14 20.89 -2.32
N ASN C 151 -18.99 21.32 -3.57
CA ASN C 151 -18.41 22.62 -3.89
C ASN C 151 -19.46 23.48 -4.57
N GLY C 152 -19.83 24.59 -3.92
CA GLY C 152 -20.80 25.50 -4.47
C GLY C 152 -21.92 25.79 -3.48
N GLY C 153 -22.60 26.92 -3.58
CA GLY C 153 -23.70 27.21 -2.67
C GLY C 153 -24.89 26.28 -2.88
N ALA C 154 -25.57 25.95 -1.78
CA ALA C 154 -26.74 25.08 -1.85
C ALA C 154 -27.63 25.26 -0.62
N THR C 155 -28.94 25.18 -0.82
CA THR C 155 -29.90 25.01 0.26
C THR C 155 -30.35 23.57 0.16
N ILE C 156 -30.17 22.82 1.24
CA ILE C 156 -30.58 21.43 1.29
C ILE C 156 -31.67 21.32 2.33
N ARG C 157 -32.90 21.04 1.88
CA ARG C 157 -34.01 20.82 2.79
C ARG C 157 -34.09 19.30 2.95
N GLY C 158 -33.46 18.83 4.02
CA GLY C 158 -33.37 17.40 4.23
C GLY C 158 -31.99 17.04 4.72
N GLY C 159 -31.72 15.75 4.91
CA GLY C 159 -30.46 15.36 5.50
C GLY C 159 -29.29 15.40 4.54
N VAL C 160 -28.09 15.54 5.10
CA VAL C 160 -26.86 15.42 4.33
C VAL C 160 -26.03 14.31 4.95
N TYR C 161 -25.64 13.36 4.10
CA TYR C 161 -24.85 12.21 4.50
C TYR C 161 -23.62 12.19 3.59
N VAL C 162 -22.45 12.39 4.18
CA VAL C 162 -21.18 12.28 3.46
C VAL C 162 -20.43 11.10 4.04
N VAL C 163 -19.86 10.28 3.16
CA VAL C 163 -19.05 9.16 3.63
C VAL C 163 -17.64 9.63 3.95
N GLY C 164 -17.04 10.30 3.00
CA GLY C 164 -15.71 10.82 3.18
C GLY C 164 -14.62 9.88 2.76
N ASN C 165 -13.39 10.25 3.09
CA ASN C 165 -12.22 9.47 2.73
C ASN C 165 -11.61 8.77 3.92
N PRO C 166 -11.59 7.44 3.90
CA PRO C 166 -11.05 6.60 4.96
C PRO C 166 -9.62 6.90 5.25
N ASN C 167 -8.87 7.06 4.18
CA ASN C 167 -7.46 7.38 4.25
C ASN C 167 -7.20 8.90 4.22
N ASP C 168 -8.09 9.61 4.92
CA ASP C 168 -8.06 11.04 5.09
C ASP C 168 -9.07 11.50 6.13
N ASP C 170 -8.94 13.79 8.45
CA ASP C 170 -8.89 15.11 9.02
C ASP C 170 -9.06 16.15 7.93
N GLN C 171 -9.64 15.72 6.81
CA GLN C 171 -9.88 16.63 5.71
C GLN C 171 -11.30 17.09 5.76
N TYR C 172 -11.51 18.40 5.85
CA TYR C 172 -12.83 18.95 5.90
C TYR C 172 -13.54 18.62 4.62
N VAL C 173 -14.77 18.18 4.75
CA VAL C 173 -15.57 17.83 3.61
C VAL C 173 -16.68 18.85 3.40
N ILE C 174 -16.74 19.85 4.27
CA ILE C 174 -17.73 20.90 4.17
C ILE C 174 -17.10 22.15 4.73
N GLU C 175 -16.55 22.97 3.85
CA GLU C 175 -15.91 24.20 4.26
C GLU C 175 -16.85 25.39 4.08
N ALA C 176 -18.04 25.28 4.63
CA ALA C 176 -19.03 26.33 4.52
C ALA C 176 -18.69 27.62 5.24
N ASN C 177 -19.30 28.69 4.78
CA ASN C 177 -19.12 30.01 5.35
C ASN C 177 -20.25 30.91 4.87
N ASN C 179 -23.60 30.36 2.52
CA ASN C 179 -23.80 29.82 1.19
C ASN C 179 -24.40 28.45 1.27
N PHE C 180 -24.14 27.78 2.38
CA PHE C 180 -24.68 26.46 2.59
C PHE C 180 -25.85 26.62 3.54
N ALA C 181 -26.90 25.86 3.38
CA ALA C 181 -28.03 26.00 4.27
C ALA C 181 -28.75 24.71 4.30
N LEU C 182 -29.12 24.28 5.48
CA LEU C 182 -29.76 22.97 5.65
C LEU C 182 -30.94 23.14 6.57
N TYR C 183 -32.14 22.89 6.04
CA TYR C 183 -33.37 23.01 6.78
C TYR C 183 -33.97 21.62 6.96
N ASN C 184 -34.97 21.55 7.82
CA ASN C 184 -35.62 20.29 8.16
C ASN C 184 -37.09 20.32 7.76
N ARG C 185 -37.45 21.25 6.88
CA ARG C 185 -38.77 21.24 6.29
C ARG C 185 -38.81 22.05 5.00
N TYR C 186 -39.96 21.93 4.37
CA TYR C 186 -40.27 22.56 3.11
C TYR C 186 -41.76 22.71 3.02
N ASP C 187 -42.17 23.59 2.13
CA ASP C 187 -43.54 23.53 1.64
C ASP C 187 -43.48 23.87 0.17
N LEU C 188 -44.14 23.06 -0.66
CA LEU C 188 -43.86 23.18 -2.08
C LEU C 188 -44.70 24.26 -2.76
N THR C 189 -45.46 25.05 -1.97
CA THR C 189 -46.04 26.29 -2.48
C THR C 189 -44.99 27.33 -2.83
N THR C 190 -43.76 27.16 -2.34
CA THR C 190 -42.69 28.11 -2.61
C THR C 190 -42.21 28.06 -4.05
N TYR C 191 -42.65 27.07 -4.82
CA TYR C 191 -42.19 26.86 -6.18
C TYR C 191 -43.37 26.89 -7.16
N SER C 192 -43.10 27.44 -8.34
CA SER C 192 -44.13 27.72 -9.35
C SER C 192 -44.66 26.43 -9.97
N GLU C 193 -45.94 26.19 -9.79
CA GLU C 193 -46.63 25.04 -10.38
C GLU C 193 -45.91 23.73 -10.21
N VAL C 194 -45.69 23.31 -8.98
CA VAL C 194 -45.01 22.08 -8.70
C VAL C 194 -45.79 21.23 -7.76
N THR C 195 -46.73 21.83 -7.07
CA THR C 195 -47.54 21.15 -6.10
C THR C 195 -48.58 20.23 -6.68
N ASN C 196 -48.92 20.44 -7.94
CA ASN C 196 -49.91 19.64 -8.61
C ASN C 196 -49.39 18.26 -8.83
N ARG C 197 -48.10 18.14 -9.11
CA ARG C 197 -47.50 16.85 -9.36
C ARG C 197 -47.32 16.01 -8.13
N VAL C 198 -47.28 16.67 -6.99
CA VAL C 198 -47.09 15.96 -5.76
C VAL C 198 -48.39 15.68 -5.13
N GLU C 199 -48.51 14.54 -4.48
CA GLU C 199 -49.72 14.22 -3.80
C GLU C 199 -49.83 15.22 -2.67
N PRO C 200 -51.02 15.81 -2.48
CA PRO C 200 -51.39 16.81 -1.48
C PRO C 200 -50.73 16.57 -0.14
N SER C 201 -50.86 15.36 0.39
CA SER C 201 -50.30 14.91 1.66
C SER C 201 -48.78 14.92 1.90
N TYR C 202 -48.00 15.27 0.89
CA TYR C 202 -46.59 15.36 0.89
C TYR C 202 -46.19 16.72 0.37
N ARG C 203 -47.12 17.67 0.31
CA ARG C 203 -46.79 18.99 -0.22
C ARG C 203 -46.32 19.93 0.86
N GLN C 204 -46.67 19.57 2.09
CA GLN C 204 -46.35 20.34 3.28
C GLN C 204 -45.86 19.39 4.35
N VAL C 205 -44.57 19.32 4.58
CA VAL C 205 -44.06 18.44 5.62
C VAL C 205 -43.07 19.23 6.41
N GLN C 206 -43.10 19.13 7.72
CA GLN C 206 -42.15 19.96 8.48
C GLN C 206 -41.13 19.24 9.36
N ASP C 207 -41.24 17.93 9.53
CA ASP C 207 -40.17 17.15 10.13
C ASP C 207 -39.66 16.25 9.02
N LEU C 208 -38.52 16.61 8.45
CA LEU C 208 -37.93 15.79 7.40
C LEU C 208 -37.07 14.67 7.96
N CYS C 209 -36.86 14.64 9.28
CA CYS C 209 -35.93 13.74 9.94
C CYS C 209 -34.53 14.00 9.41
N ALA C 210 -34.20 15.27 9.25
CA ALA C 210 -32.92 15.66 8.69
C ALA C 210 -31.81 15.44 9.70
N SER C 211 -30.59 15.33 9.18
CA SER C 211 -29.41 15.13 9.99
C SER C 211 -28.21 15.50 9.12
N LEU C 212 -27.11 15.84 9.78
CA LEU C 212 -25.85 16.01 9.06
C LEU C 212 -24.96 14.89 9.57
N ARG C 213 -24.66 13.94 8.70
CA ARG C 213 -23.78 12.83 9.03
C ARG C 213 -22.61 12.83 8.06
N VAL C 214 -21.41 12.79 8.64
CA VAL C 214 -20.14 12.68 7.95
C VAL C 214 -19.45 11.49 8.59
N GLN C 215 -19.23 10.44 7.81
CA GLN C 215 -18.65 9.26 8.45
C GLN C 215 -17.16 9.46 8.69
N TYR C 216 -16.40 9.79 7.63
CA TYR C 216 -14.96 10.06 7.71
C TYR C 216 -14.70 11.49 7.25
N GLY C 217 -14.43 12.38 8.20
CA GLY C 217 -14.10 13.75 7.89
C GLY C 217 -14.44 14.66 9.04
N LYS C 218 -14.39 15.97 8.76
CA LYS C 218 -14.80 16.99 9.71
C LYS C 218 -15.74 17.95 8.99
N ILE C 219 -16.18 18.98 9.69
CA ILE C 219 -17.01 20.00 9.06
C ILE C 219 -16.68 21.32 9.71
N SER C 220 -16.61 22.40 8.94
CA SER C 220 -16.35 23.71 9.50
C SER C 220 -17.58 24.52 9.24
N VAL C 221 -18.05 25.27 10.22
CA VAL C 221 -19.26 26.03 10.03
C VAL C 221 -19.16 27.48 10.47
N GLY C 222 -19.36 28.38 9.54
CA GLY C 222 -19.30 29.80 9.85
C GLY C 222 -20.05 30.60 8.82
N GLY C 223 -19.68 31.87 8.68
CA GLY C 223 -20.32 32.73 7.72
C GLY C 223 -21.77 32.82 8.10
N SER C 224 -22.65 32.58 7.14
CA SER C 224 -24.08 32.65 7.39
C SER C 224 -24.73 31.31 7.20
N THR C 225 -23.91 30.27 7.11
CA THR C 225 -24.43 28.94 6.91
C THR C 225 -25.32 28.54 8.03
N GLN C 226 -26.38 27.82 7.73
CA GLN C 226 -27.30 27.51 8.79
C GLN C 226 -27.83 26.11 8.82
N ILE C 227 -27.40 25.34 9.79
CA ILE C 227 -27.88 23.96 9.89
C ILE C 227 -29.06 23.95 10.86
N GLY C 228 -30.27 23.93 10.32
CA GLY C 228 -31.46 23.88 11.14
C GLY C 228 -31.93 25.26 11.55
N GLU C 229 -33.15 25.28 12.09
CA GLU C 229 -33.78 26.50 12.55
C GLU C 229 -34.07 26.39 14.05
N PRO C 230 -34.02 27.51 14.77
CA PRO C 230 -34.28 27.46 16.23
C PRO C 230 -35.58 26.78 16.59
N ASN C 231 -36.64 27.11 15.86
CA ASN C 231 -37.95 26.51 16.06
C ASN C 231 -37.90 25.05 15.64
N ASN C 232 -37.78 24.80 14.35
CA ASN C 232 -37.73 23.44 13.82
C ASN C 232 -36.27 23.15 13.47
N LYS C 233 -35.65 22.25 14.21
CA LYS C 233 -34.22 22.04 14.10
C LYS C 233 -33.89 20.60 13.77
N VAL C 234 -32.66 20.45 13.28
CA VAL C 234 -32.20 19.20 12.72
C VAL C 234 -32.04 18.18 13.85
N LYS C 235 -32.30 16.93 13.52
CA LYS C 235 -32.31 15.86 14.51
C LYS C 235 -30.94 15.19 14.61
N GLY C 236 -29.94 16.01 14.93
CA GLY C 236 -28.60 15.52 15.13
C GLY C 236 -27.58 15.98 14.09
N VAL C 237 -26.35 16.16 14.55
CA VAL C 237 -25.20 16.49 13.72
C VAL C 237 -24.11 15.49 14.13
N PHE C 238 -24.10 14.33 13.48
CA PHE C 238 -23.18 13.26 13.84
C PHE C 238 -22.08 13.19 12.80
N VAL C 239 -20.93 13.78 13.09
CA VAL C 239 -19.87 13.86 12.09
C VAL C 239 -18.64 13.22 12.70
N GLY C 240 -18.07 12.27 11.96
CA GLY C 240 -16.81 11.61 12.22
C GLY C 240 -16.52 11.23 13.66
N ARG C 241 -15.46 11.83 14.19
CA ARG C 241 -14.96 11.47 15.51
C ARG C 241 -15.37 12.43 16.60
N GLY C 242 -16.58 12.99 16.50
CA GLY C 242 -17.14 13.75 17.58
C GLY C 242 -16.80 15.22 17.52
N ALA C 243 -16.94 15.89 18.67
CA ALA C 243 -16.68 17.32 18.75
C ALA C 243 -15.30 17.67 18.23
N GLN C 244 -14.39 16.71 18.21
CA GLN C 244 -13.08 16.91 17.61
C GLN C 244 -13.21 17.28 16.15
N ASP C 245 -14.21 16.74 15.47
CA ASP C 245 -14.42 16.93 14.04
C ASP C 245 -15.57 17.89 13.75
N ILE C 246 -16.00 18.65 14.75
CA ILE C 246 -17.00 19.70 14.60
C ILE C 246 -16.32 21.02 14.94
N THR C 247 -15.71 21.67 13.95
CA THR C 247 -15.11 22.97 14.18
C THR C 247 -16.08 24.06 13.76
N GLY C 248 -15.84 25.26 14.24
CA GLY C 248 -16.59 26.39 13.74
C GLY C 248 -17.09 27.42 14.74
N GLU C 249 -17.30 28.61 14.17
CA GLU C 249 -17.84 29.78 14.84
C GLU C 249 -19.29 29.54 15.27
N ASN C 250 -20.01 28.67 14.54
CA ASN C 250 -21.46 28.51 14.56
C ASN C 250 -21.90 27.18 15.18
N VAL C 251 -21.04 26.52 15.95
CA VAL C 251 -21.44 25.30 16.64
C VAL C 251 -22.28 25.63 17.88
N GLY C 252 -21.87 26.63 18.66
CA GLY C 252 -22.69 27.06 19.79
C GLY C 252 -23.92 27.83 19.35
N VAL C 253 -23.75 28.75 18.40
CA VAL C 253 -24.81 29.66 17.98
C VAL C 253 -26.07 28.89 17.59
N CYS C 254 -27.23 29.39 18.00
CA CYS C 254 -28.51 28.91 17.48
C CYS C 254 -29.59 29.99 17.67
N ASN C 257 -31.24 34.48 10.98
CA ASN C 257 -30.80 33.44 11.88
C ASN C 257 -29.57 32.77 11.30
N LYS C 258 -28.94 31.93 12.10
CA LYS C 258 -27.79 31.17 11.64
C LYS C 258 -27.47 30.12 12.72
N GLY C 259 -26.25 29.62 12.74
CA GLY C 259 -25.87 28.70 13.78
C GLY C 259 -26.30 27.28 13.49
N VAL C 260 -25.89 26.34 14.32
CA VAL C 260 -26.33 24.95 14.19
C VAL C 260 -27.40 24.73 15.23
N CYS C 261 -28.62 24.54 14.78
CA CYS C 261 -29.73 24.19 15.65
C CYS C 261 -29.91 22.67 15.56
N THR C 262 -29.51 21.99 16.64
CA THR C 262 -29.35 20.54 16.68
C THR C 262 -29.86 19.91 17.99
N GLU C 263 -30.40 18.68 17.86
CA GLU C 263 -30.75 17.88 19.03
C GLU C 263 -29.54 17.19 19.64
N ALA C 264 -28.80 16.49 18.81
CA ALA C 264 -27.63 15.74 19.23
C ALA C 264 -26.42 16.19 18.42
N MET C 265 -25.24 16.11 19.04
CA MET C 265 -24.01 16.52 18.36
C MET C 265 -22.87 15.70 18.95
N GLY C 266 -22.50 14.64 18.22
CA GLY C 266 -21.35 13.80 18.51
C GLY C 266 -20.63 13.33 17.27
N GLY C 267 -20.32 12.05 17.19
CA GLY C 267 -19.65 11.56 16.02
C GLY C 267 -20.51 10.59 15.27
N PHE C 268 -19.97 9.98 14.24
CA PHE C 268 -20.73 9.05 13.43
C PHE C 268 -21.38 7.96 14.23
N ASP C 269 -22.66 8.12 14.46
CA ASP C 269 -23.46 7.20 15.26
C ASP C 269 -24.02 5.93 14.64
N LEU C 270 -23.40 5.35 13.64
CA LEU C 270 -23.99 4.16 13.08
C LEU C 270 -23.08 2.99 12.87
N SER C 271 -23.56 1.85 13.30
CA SER C 271 -22.88 0.59 13.11
C SER C 271 -23.45 0.04 11.83
N ASP C 272 -22.68 -0.78 11.13
CA ASP C 272 -23.08 -1.31 9.81
C ASP C 272 -23.57 -0.19 8.88
N PRO C 273 -22.83 0.91 8.78
CA PRO C 273 -23.28 2.00 7.92
C PRO C 273 -22.98 1.55 6.54
N PRO C 274 -23.85 1.84 5.59
CA PRO C 274 -23.58 1.36 4.25
C PRO C 274 -22.58 2.20 3.56
N PRO C 275 -21.86 1.59 2.64
CA PRO C 275 -20.89 2.30 1.80
C PRO C 275 -21.57 2.87 0.57
N PHE C 276 -20.85 3.77 -0.11
CA PHE C 276 -21.39 4.37 -1.33
C PHE C 276 -21.67 3.26 -2.33
N PRO C 277 -22.89 3.16 -2.86
CA PRO C 277 -23.18 2.08 -3.81
C PRO C 277 -22.48 2.29 -5.15
N THR C 278 -21.92 1.20 -5.66
CA THR C 278 -21.12 1.16 -6.88
C THR C 278 -21.76 0.15 -7.81
N LEU C 279 -21.61 0.37 -9.11
CA LEU C 279 -22.07 -0.63 -10.07
C LEU C 279 -21.32 -1.94 -9.88
N ASP C 280 -20.03 -1.88 -9.50
CA ASP C 280 -19.14 -3.02 -9.48
C ASP C 280 -19.09 -3.75 -8.14
N ALA C 281 -19.93 -3.40 -7.18
CA ALA C 281 -20.04 -4.16 -5.94
C ALA C 281 -21.47 -4.63 -5.74
N LYS C 282 -21.64 -5.67 -4.95
CA LYS C 282 -22.97 -6.12 -4.60
C LYS C 282 -23.77 -5.01 -3.93
N LEU C 283 -25.00 -4.83 -4.36
CA LEU C 283 -25.92 -3.91 -3.69
C LEU C 283 -27.05 -4.73 -3.15
N ASP C 284 -27.19 -4.74 -1.84
CA ASP C 284 -28.12 -5.64 -1.19
C ASP C 284 -29.45 -4.91 -1.05
N SER C 285 -30.45 -5.38 -1.78
CA SER C 285 -31.76 -4.75 -1.84
C SER C 285 -32.78 -5.82 -2.21
N ASP C 286 -34.06 -5.43 -2.15
CA ASP C 286 -35.11 -6.40 -2.44
C ASP C 286 -35.02 -6.93 -3.87
N ALA C 287 -34.51 -6.14 -4.81
CA ALA C 287 -34.46 -6.63 -6.18
C ALA C 287 -33.09 -7.14 -6.59
N CYS C 288 -32.00 -6.62 -6.01
CA CYS C 288 -30.69 -6.86 -6.57
C CYS C 288 -29.78 -7.68 -5.66
N SER C 289 -30.36 -8.36 -4.67
CA SER C 289 -29.50 -9.11 -3.76
C SER C 289 -29.07 -10.44 -4.38
N ALA C 290 -29.88 -10.97 -5.30
CA ALA C 290 -29.56 -12.27 -5.85
C ALA C 290 -28.31 -12.25 -6.73
N TYR C 291 -28.06 -11.13 -7.37
CA TYR C 291 -26.99 -10.94 -8.32
C TYR C 291 -25.69 -10.59 -7.59
N PRO C 292 -24.55 -11.02 -8.13
CA PRO C 292 -23.27 -10.73 -7.44
C PRO C 292 -22.98 -9.25 -7.36
N THR C 293 -23.36 -8.50 -8.38
CA THR C 293 -23.16 -7.06 -8.40
C THR C 293 -24.45 -6.40 -8.86
N TRP C 294 -24.51 -5.10 -8.64
CA TRP C 294 -25.66 -4.30 -9.00
C TRP C 294 -25.79 -4.26 -10.48
N ARG C 295 -24.68 -4.13 -11.17
CA ARG C 295 -24.69 -4.07 -12.61
C ARG C 295 -25.34 -5.29 -13.20
N ALA C 296 -25.00 -6.46 -12.70
CA ALA C 296 -25.59 -7.65 -13.19
C ALA C 296 -27.06 -7.64 -12.93
N CYS C 297 -27.47 -7.04 -11.83
CA CYS C 297 -28.90 -7.03 -11.54
C CYS C 297 -29.64 -6.20 -12.58
N LEU C 298 -29.11 -5.01 -12.88
CA LEU C 298 -29.74 -4.16 -13.90
C LEU C 298 -29.82 -4.90 -15.23
N GLN C 299 -28.76 -5.61 -15.60
CA GLN C 299 -28.80 -6.23 -16.92
C GLN C 299 -29.79 -7.38 -16.99
N GLY C 300 -29.99 -8.11 -15.90
CA GLY C 300 -30.81 -9.29 -15.89
C GLY C 300 -32.28 -9.01 -15.65
N LYS C 301 -32.55 -7.90 -15.00
CA LYS C 301 -33.91 -7.53 -14.63
C LYS C 301 -34.48 -6.43 -15.52
N ALA C 302 -33.68 -5.88 -16.43
CA ALA C 302 -34.20 -4.88 -17.36
C ALA C 302 -35.15 -5.52 -18.37
N ALA C 303 -36.20 -4.79 -18.67
CA ALA C 303 -37.12 -5.22 -19.65
C ALA C 303 -36.56 -4.85 -21.02
N LEU C 304 -35.73 -3.83 -21.06
CA LEU C 304 -35.15 -3.36 -22.28
C LEU C 304 -33.74 -2.97 -22.00
N ARG C 305 -32.82 -3.64 -22.66
CA ARG C 305 -31.42 -3.39 -22.47
C ARG C 305 -30.68 -3.33 -23.77
N ILE C 306 -29.86 -2.30 -23.94
CA ILE C 306 -29.07 -2.08 -25.12
C ILE C 306 -27.65 -1.75 -24.78
N GLN C 307 -26.69 -2.44 -25.40
CA GLN C 307 -25.28 -2.10 -25.18
C GLN C 307 -24.72 -1.57 -26.47
N ARG C 308 -23.62 -0.84 -26.38
CA ARG C 308 -23.03 -0.27 -27.56
C ARG C 308 -21.54 -0.30 -27.52
N ILE C 309 -20.98 -1.29 -28.19
CA ILE C 309 -19.55 -1.45 -28.28
C ILE C 309 -19.13 -0.79 -29.54
N ASN C 311 -19.14 0.71 -32.41
CA ASN C 311 -20.12 1.19 -33.36
C ASN C 311 -21.22 0.21 -33.60
N ILE C 312 -21.21 -0.90 -32.87
CA ILE C 312 -22.26 -1.86 -33.06
C ILE C 312 -23.19 -1.76 -31.90
N LEU C 313 -24.44 -2.07 -32.13
CA LEU C 313 -25.44 -2.01 -31.12
C LEU C 313 -26.11 -3.34 -30.92
N SER C 314 -25.86 -4.01 -29.80
CA SER C 314 -26.52 -5.28 -29.55
C SER C 314 -27.61 -5.14 -28.52
N VAL C 315 -28.80 -5.53 -28.91
CA VAL C 315 -29.94 -5.49 -28.05
C VAL C 315 -29.99 -6.72 -27.17
N ALA C 316 -29.58 -6.58 -25.92
CA ALA C 316 -29.56 -7.71 -25.01
C ALA C 316 -30.94 -8.15 -24.56
N SER C 317 -31.85 -7.22 -24.38
CA SER C 317 -33.18 -7.57 -23.96
C SER C 317 -34.13 -6.60 -24.60
N PRO C 318 -35.34 -7.03 -24.91
CA PRO C 318 -36.07 -8.28 -24.67
C PRO C 318 -35.74 -9.35 -25.67
N PRO C 319 -35.48 -10.58 -25.19
CA PRO C 319 -35.03 -11.62 -26.12
C PRO C 319 -36.17 -12.25 -26.92
N ASN C 320 -37.43 -12.00 -26.58
CA ASN C 320 -38.57 -12.64 -27.24
C ASN C 320 -39.58 -11.62 -27.76
N ALA C 321 -39.14 -10.41 -28.09
CA ALA C 321 -40.04 -9.40 -28.61
C ALA C 321 -39.27 -8.50 -29.56
N THR C 322 -39.95 -8.04 -30.60
CA THR C 322 -39.27 -7.22 -31.59
C THR C 322 -39.28 -5.76 -31.19
N LEU C 323 -38.27 -5.05 -31.66
CA LEU C 323 -38.22 -3.61 -31.48
C LEU C 323 -38.44 -2.97 -32.83
N SER C 324 -38.87 -1.73 -32.77
CA SER C 324 -38.99 -1.05 -34.05
C SER C 324 -37.65 -0.44 -34.47
N PRO C 325 -37.32 -0.42 -35.76
CA PRO C 325 -36.06 0.23 -36.17
C PRO C 325 -35.99 1.68 -35.72
N SER C 326 -37.15 2.33 -35.50
CA SER C 326 -37.24 3.63 -34.82
C SER C 326 -36.46 3.66 -33.50
N CYS C 327 -36.58 2.65 -32.67
CA CYS C 327 -35.91 2.73 -31.40
C CYS C 327 -34.42 2.82 -31.55
N LEU C 328 -33.86 1.87 -32.25
CA LEU C 328 -32.44 1.75 -32.43
C LEU C 328 -31.73 2.87 -33.14
N GLN C 329 -32.44 3.55 -34.02
CA GLN C 329 -31.90 4.65 -34.79
C GLN C 329 -31.27 5.61 -33.86
N ALA C 330 -32.07 6.09 -32.92
CA ALA C 330 -31.65 7.07 -31.95
C ALA C 330 -30.35 6.81 -31.24
N MET C 331 -30.09 5.58 -30.84
CA MET C 331 -28.89 5.32 -30.10
C MET C 331 -27.64 5.10 -30.91
N GLN C 332 -27.75 5.06 -32.24
CA GLN C 332 -26.57 4.84 -33.10
C GLN C 332 -25.43 5.81 -32.84
N SER C 333 -25.80 7.06 -32.69
CA SER C 333 -24.93 8.16 -32.41
C SER C 333 -24.04 7.97 -31.21
N GLY C 334 -24.47 7.14 -30.27
CA GLY C 334 -23.75 6.99 -29.03
C GLY C 334 -24.25 7.92 -27.96
N THR C 335 -25.31 8.64 -28.27
CA THR C 335 -25.92 9.55 -27.35
C THR C 335 -27.34 9.62 -27.76
N LEU C 336 -28.26 9.24 -26.90
CA LEU C 336 -29.65 9.29 -27.28
C LEU C 336 -30.17 10.63 -26.85
N THR C 337 -30.74 11.39 -27.76
CA THR C 337 -31.26 12.71 -27.42
C THR C 337 -32.74 12.81 -27.56
N LEU C 338 -33.44 13.10 -26.48
CA LEU C 338 -34.87 13.18 -26.59
C LEU C 338 -35.33 14.58 -26.89
N ASP C 339 -35.07 15.04 -28.10
CA ASP C 339 -35.43 16.39 -28.51
C ASP C 339 -36.33 16.47 -29.71
N THR C 340 -37.56 16.91 -29.52
CA THR C 340 -38.54 17.06 -30.60
C THR C 340 -38.61 16.09 -31.78
N GLN C 341 -38.43 14.81 -31.53
CA GLN C 341 -38.54 13.80 -32.54
C GLN C 341 -38.92 12.58 -31.77
N SER C 342 -40.19 12.24 -31.80
CA SER C 342 -40.67 11.10 -31.06
C SER C 342 -39.90 9.81 -31.29
N VAL C 343 -39.55 9.13 -30.21
CA VAL C 343 -38.83 7.88 -30.27
C VAL C 343 -39.67 6.82 -29.63
N ASP C 344 -39.80 5.69 -30.29
CA ASP C 344 -40.65 4.60 -29.83
C ASP C 344 -39.76 3.39 -29.54
N CYS C 345 -39.36 3.23 -28.28
CA CYS C 345 -38.63 2.05 -27.85
C CYS C 345 -39.49 1.07 -27.07
N THR C 346 -40.75 0.91 -27.47
CA THR C 346 -41.59 -0.04 -26.76
C THR C 346 -41.68 -1.35 -27.52
N PHE C 347 -42.10 -2.38 -26.80
CA PHE C 347 -42.32 -3.69 -27.35
C PHE C 347 -43.46 -4.30 -26.58
N THR C 348 -44.10 -5.28 -27.20
CA THR C 348 -45.21 -6.02 -26.61
C THR C 348 -44.76 -7.45 -26.38
N ARG C 349 -44.85 -7.92 -25.14
CA ARG C 349 -44.57 -9.33 -24.93
C ARG C 349 -45.74 -10.20 -25.37
N LEU C 350 -45.48 -11.50 -25.42
CA LEU C 350 -46.49 -12.47 -25.82
C LEU C 350 -47.62 -12.51 -24.81
N ASP C 351 -47.33 -12.15 -23.56
CA ASP C 351 -48.37 -11.82 -22.58
C ASP C 351 -49.44 -10.91 -23.15
N GLY C 352 -49.07 -9.75 -23.69
CA GLY C 352 -50.07 -8.69 -23.78
C GLY C 352 -49.76 -7.56 -22.82
N SER C 353 -48.47 -7.24 -22.73
CA SER C 353 -47.98 -6.12 -21.91
C SER C 353 -46.83 -5.41 -22.61
N ARG C 354 -46.73 -4.10 -22.37
CA ARG C 354 -45.67 -3.33 -23.01
C ARG C 354 -44.42 -3.31 -22.14
N GLY C 355 -43.30 -2.98 -22.77
CA GLY C 355 -42.02 -2.85 -22.08
C GLY C 355 -41.17 -1.88 -22.85
N GLY C 356 -40.24 -1.25 -22.15
CA GLY C 356 -39.35 -0.29 -22.79
C GLY C 356 -39.72 1.14 -22.47
N PHE C 357 -39.45 2.07 -23.39
CA PHE C 357 -39.85 3.45 -23.16
C PHE C 357 -40.37 4.04 -24.47
N ARG C 358 -41.18 5.06 -24.35
CA ARG C 358 -41.78 5.73 -25.50
C ARG C 358 -41.81 7.21 -25.26
N TYR C 359 -41.15 7.97 -26.09
CA TYR C 359 -41.12 9.39 -25.89
C TYR C 359 -41.78 10.18 -26.99
N THR C 360 -43.03 10.56 -26.80
CA THR C 360 -43.82 11.33 -27.76
C THR C 360 -43.41 12.81 -27.83
N TYR C 361 -43.94 13.56 -28.78
CA TYR C 361 -43.67 14.99 -28.88
C TYR C 361 -44.90 15.63 -29.47
N THR C 362 -45.47 16.63 -28.80
CA THR C 362 -46.68 17.20 -29.33
C THR C 362 -46.65 18.72 -29.49
N GLY C 363 -45.55 19.30 -29.07
CA GLY C 363 -45.33 20.73 -29.16
C GLY C 363 -45.78 21.58 -27.97
N GLU C 366 -44.32 17.59 -23.06
CA GLU C 366 -43.76 16.43 -23.75
C GLU C 366 -43.76 15.21 -22.83
N LEU C 367 -43.81 13.98 -23.41
CA LEU C 367 -44.13 12.85 -22.52
C LEU C 367 -43.23 11.65 -22.74
N LEU C 368 -42.68 11.14 -21.62
CA LEU C 368 -41.73 10.03 -21.51
C LEU C 368 -42.44 8.90 -20.78
N GLU C 369 -42.94 7.93 -21.52
CA GLU C 369 -43.59 6.76 -20.93
C GLU C 369 -42.55 5.65 -20.79
N VAL C 370 -42.45 5.06 -19.61
CA VAL C 370 -41.47 4.02 -19.33
C VAL C 370 -42.23 2.79 -18.83
N PHE C 371 -42.08 1.67 -19.52
CA PHE C 371 -42.70 0.42 -19.13
C PHE C 371 -41.61 -0.55 -18.70
N GLY C 372 -41.52 -0.82 -17.40
CA GLY C 372 -40.43 -1.61 -16.88
C GLY C 372 -39.16 -0.77 -16.82
N ASP C 373 -38.05 -1.40 -16.49
CA ASP C 373 -36.83 -0.66 -16.37
C ASP C 373 -36.00 -0.78 -17.61
N VAL C 374 -35.25 0.28 -17.95
CA VAL C 374 -34.41 0.27 -19.12
C VAL C 374 -32.99 0.68 -18.85
N VAL C 375 -32.05 -0.06 -19.39
CA VAL C 375 -30.65 0.26 -19.19
C VAL C 375 -29.88 0.23 -20.49
N LEU C 376 -29.22 1.34 -20.80
CA LEU C 376 -28.47 1.47 -22.01
C LEU C 376 -27.04 1.56 -21.68
N GLU C 377 -26.25 0.58 -22.05
CA GLU C 377 -24.83 0.65 -21.74
C GLU C 377 -24.07 1.24 -22.91
N GLY C 378 -23.12 2.12 -22.61
CA GLY C 378 -22.33 2.75 -23.63
C GLY C 378 -23.12 3.73 -24.45
N ILE C 379 -24.10 4.35 -23.85
CA ILE C 379 -24.96 5.28 -24.52
C ILE C 379 -25.25 6.40 -23.56
N ASP C 380 -25.17 7.65 -23.98
CA ASP C 380 -25.50 8.74 -23.10
C ASP C 380 -26.89 9.18 -23.35
N ALA C 381 -27.38 10.03 -22.47
CA ALA C 381 -28.74 10.53 -22.62
C ALA C 381 -28.75 12.03 -22.38
N VAL C 382 -29.51 12.74 -23.19
CA VAL C 382 -29.87 14.10 -22.85
C VAL C 382 -31.36 14.19 -23.13
N LEU C 383 -32.11 14.70 -22.16
CA LEU C 383 -33.48 15.10 -22.35
C LEU C 383 -33.43 16.61 -22.40
N ASN C 384 -33.56 17.12 -23.61
CA ASN C 384 -33.43 18.51 -23.90
C ASN C 384 -34.63 19.39 -23.84
N ARG C 385 -35.79 18.86 -23.55
CA ARG C 385 -36.97 19.67 -23.48
C ARG C 385 -37.84 19.20 -22.36
N PRO C 386 -38.67 20.08 -21.83
CA PRO C 386 -39.62 19.85 -20.76
C PRO C 386 -40.38 18.61 -21.04
N VAL C 387 -40.47 17.74 -20.06
CA VAL C 387 -41.16 16.51 -20.30
C VAL C 387 -41.81 15.90 -19.10
N ASP C 388 -43.10 15.66 -19.18
CA ASP C 388 -43.81 14.97 -18.13
C ASP C 388 -43.57 13.50 -18.35
N TYR C 389 -43.52 12.72 -17.28
CA TYR C 389 -43.28 11.30 -17.47
C TYR C 389 -44.30 10.43 -16.87
N ARG C 390 -44.38 9.20 -17.31
CA ARG C 390 -45.33 8.20 -16.80
C ARG C 390 -44.61 6.86 -16.63
N ALA C 391 -44.22 6.58 -15.40
CA ALA C 391 -43.53 5.34 -15.06
C ALA C 391 -44.49 4.26 -14.57
N GLN C 392 -44.27 3.04 -15.07
CA GLN C 392 -45.06 1.90 -14.63
C GLN C 392 -44.27 0.61 -14.83
N SER C 393 -44.35 -0.29 -13.82
CA SER C 393 -43.80 -1.66 -13.90
C SER C 393 -44.84 -2.65 -13.33
N GLY C 394 -45.88 -2.92 -14.11
CA GLY C 394 -46.96 -3.81 -13.74
C GLY C 394 -47.83 -3.25 -12.63
N SER C 395 -47.62 -3.76 -11.43
CA SER C 395 -48.41 -3.30 -10.30
C SER C 395 -48.11 -1.86 -9.96
N ALA C 396 -46.85 -1.59 -9.68
CA ALA C 396 -46.40 -0.27 -9.29
C ALA C 396 -46.42 0.79 -10.36
N LYS C 397 -46.21 2.02 -9.93
CA LYS C 397 -46.16 3.15 -10.84
C LYS C 397 -44.75 3.63 -10.77
N SER C 398 -43.81 2.75 -11.06
CA SER C 398 -42.42 3.12 -11.01
C SER C 398 -41.55 2.41 -12.00
N ALA C 399 -40.39 3.00 -12.27
CA ALA C 399 -39.44 2.46 -13.21
C ALA C 399 -38.11 3.15 -13.03
N THR C 400 -37.11 2.68 -13.76
CA THR C 400 -35.79 3.28 -13.69
C THR C 400 -35.24 3.45 -15.08
N LEU C 401 -34.34 4.39 -15.24
CA LEU C 401 -33.71 4.60 -16.50
C LEU C 401 -32.27 4.63 -16.14
N ALA C 402 -31.53 3.68 -16.64
CA ALA C 402 -30.14 3.64 -16.30
C ALA C 402 -29.24 3.83 -17.47
N VAL C 403 -28.15 4.54 -17.29
CA VAL C 403 -27.20 4.67 -18.35
C VAL C 403 -25.86 4.30 -17.80
N LEU C 404 -25.37 3.13 -18.14
CA LEU C 404 -24.09 2.70 -17.62
C LEU C 404 -22.99 2.81 -18.63
N LYS C 405 -21.78 2.63 -18.17
CA LYS C 405 -20.66 2.71 -19.06
C LYS C 405 -20.37 1.37 -19.72
N LEU C 406 -19.51 1.40 -20.73
CA LEU C 406 -19.09 0.22 -21.45
C LEU C 406 -17.71 0.50 -22.00
N GLY C 407 -16.71 -0.12 -21.41
CA GLY C 407 -15.34 0.05 -21.81
C GLY C 407 -14.96 1.50 -21.77
N GLY C 408 -15.27 2.17 -20.68
CA GLY C 408 -15.02 3.58 -20.50
C GLY C 408 -15.78 4.52 -21.43
N ASN C 409 -16.87 4.07 -22.02
CA ASN C 409 -17.54 4.90 -22.94
C ASN C 409 -18.91 5.08 -22.49
N GLY C 410 -19.23 6.29 -22.12
CA GLY C 410 -20.58 6.51 -21.78
C GLY C 410 -21.08 6.79 -20.40
N GLY C 411 -22.39 6.60 -20.29
CA GLY C 411 -23.13 6.75 -19.07
C GLY C 411 -23.46 8.11 -18.49
N ASN C 412 -23.50 9.16 -19.31
CA ASN C 412 -23.85 10.45 -18.79
C ASN C 412 -25.25 10.76 -19.08
N LEU C 413 -25.83 11.59 -18.24
CA LEU C 413 -27.22 11.99 -18.36
C LEU C 413 -27.28 13.50 -18.20
N ASP C 414 -28.10 14.14 -19.04
CA ASP C 414 -28.29 15.59 -19.02
C ASP C 414 -29.78 15.87 -19.08
N ILE C 415 -30.30 16.63 -18.13
CA ILE C 415 -31.72 16.96 -18.10
C ILE C 415 -31.79 18.47 -18.25
N ASN C 416 -32.10 18.94 -19.46
CA ASN C 416 -32.03 20.36 -19.75
C ASN C 416 -33.35 21.07 -19.65
N GLY C 417 -34.45 20.32 -19.68
CA GLY C 417 -35.75 20.86 -19.38
C GLY C 417 -36.27 20.30 -18.06
N ASN C 418 -37.44 20.77 -17.70
CA ASN C 418 -38.08 20.28 -16.50
C ASN C 418 -38.49 18.83 -16.71
N LEU C 419 -38.60 18.12 -15.62
CA LEU C 419 -38.93 16.74 -15.71
C LEU C 419 -39.73 16.35 -14.51
N LEU C 420 -41.03 16.39 -14.63
CA LEU C 420 -41.88 16.03 -13.53
C LEU C 420 -42.80 14.94 -13.92
N PRO C 421 -43.48 14.35 -12.97
CA PRO C 421 -44.39 13.27 -13.28
C PRO C 421 -45.70 13.78 -13.79
N ASP C 422 -46.47 12.94 -14.45
CA ASP C 422 -47.73 13.39 -14.97
C ASP C 422 -48.81 12.97 -14.03
N ALA C 423 -49.48 13.98 -13.50
CA ALA C 423 -50.56 13.79 -12.54
C ALA C 423 -51.70 12.93 -13.00
N THR C 424 -52.01 13.01 -14.29
CA THR C 424 -53.05 12.23 -14.86
C THR C 424 -52.74 10.78 -14.60
N PHE C 425 -51.46 10.42 -14.57
CA PHE C 425 -51.10 9.05 -14.26
C PHE C 425 -51.09 8.81 -12.76
N GLY C 426 -50.23 9.54 -12.07
CA GLY C 426 -50.12 9.42 -10.64
C GLY C 426 -49.38 10.62 -10.10
N LEU C 427 -49.20 10.66 -8.78
CA LEU C 427 -48.51 11.79 -8.18
C LEU C 427 -47.36 11.41 -7.29
N PHE C 428 -46.32 12.21 -7.35
CA PHE C 428 -45.13 11.97 -6.58
C PHE C 428 -45.49 11.97 -5.13
N PRO C 429 -45.18 10.89 -4.43
CA PRO C 429 -44.21 9.92 -4.86
C PRO C 429 -44.82 8.56 -4.94
N ASN C 430 -46.10 8.49 -5.22
CA ASN C 430 -46.69 7.20 -5.34
C ASN C 430 -46.52 6.86 -6.80
N HIS C 431 -45.76 7.70 -7.49
CA HIS C 431 -45.51 7.55 -8.89
C HIS C 431 -44.18 8.19 -9.12
N ALA C 432 -43.10 7.43 -9.12
CA ALA C 432 -41.79 8.00 -9.32
C ALA C 432 -40.99 7.22 -10.34
N LEU C 433 -39.99 7.85 -10.94
CA LEU C 433 -39.18 7.23 -11.96
C LEU C 433 -37.79 7.59 -11.65
N GLY C 434 -36.93 6.63 -11.37
CA GLY C 434 -35.56 6.93 -11.02
C GLY C 434 -34.51 6.96 -12.09
N PHE C 435 -33.38 7.56 -11.79
CA PHE C 435 -32.32 7.68 -12.74
C PHE C 435 -30.99 7.26 -12.23
N VAL C 436 -30.41 6.28 -12.87
CA VAL C 436 -29.08 5.82 -12.52
C VAL C 436 -28.13 6.21 -13.64
N ALA C 437 -27.10 6.94 -13.31
CA ALA C 437 -26.11 7.30 -14.27
C ALA C 437 -24.81 6.89 -13.69
N GLU C 438 -24.04 6.11 -14.44
CA GLU C 438 -22.74 5.65 -13.99
C GLU C 438 -21.65 6.68 -14.09
N GLY C 439 -21.92 7.76 -14.80
CA GLY C 439 -20.97 8.81 -14.94
C GLY C 439 -21.55 10.02 -14.30
N ASP C 440 -21.61 11.11 -15.04
CA ASP C 440 -22.10 12.36 -14.55
C ASP C 440 -23.51 12.69 -14.92
N ILE C 441 -24.14 13.54 -14.12
CA ILE C 441 -25.48 14.02 -14.36
C ILE C 441 -25.39 15.52 -14.33
N TYR C 442 -25.99 16.17 -15.31
CA TYR C 442 -26.08 17.63 -15.34
C TYR C 442 -27.54 17.99 -15.46
N GLN C 443 -28.06 18.72 -14.50
CA GLN C 443 -29.44 19.20 -14.58
C GLN C 443 -29.37 20.69 -14.86
N ARG C 444 -29.79 21.08 -16.07
CA ARG C 444 -30.00 22.47 -16.42
C ARG C 444 -31.46 22.82 -16.52
N GLY C 445 -32.35 21.81 -16.54
CA GLY C 445 -33.75 22.07 -16.34
C GLY C 445 -33.99 22.57 -14.93
N GLN C 446 -34.99 23.42 -14.78
CA GLN C 446 -35.10 24.16 -13.54
C GLN C 446 -35.63 23.30 -12.38
N HIS C 447 -36.52 22.36 -12.74
CA HIS C 447 -37.37 21.52 -11.89
C HIS C 447 -37.34 20.07 -12.38
N VAL C 448 -36.76 19.15 -11.64
CA VAL C 448 -36.92 17.76 -11.99
C VAL C 448 -37.33 17.07 -10.74
N MET C 449 -38.20 16.10 -10.84
CA MET C 449 -38.65 15.44 -9.66
C MET C 449 -38.54 13.93 -9.70
N ALA C 450 -37.41 13.45 -9.22
CA ALA C 450 -37.09 12.05 -9.19
C ALA C 450 -35.89 11.77 -8.33
N PRO C 451 -35.74 10.54 -7.88
CA PRO C 451 -34.59 10.15 -7.09
C PRO C 451 -33.49 9.84 -8.06
N VAL C 452 -32.35 10.47 -7.95
CA VAL C 452 -31.32 10.20 -8.92
C VAL C 452 -30.02 9.70 -8.32
N TYR C 453 -29.27 8.97 -9.15
CA TYR C 453 -27.96 8.42 -8.81
C TYR C 453 -26.92 8.86 -9.82
N ALA C 454 -25.82 9.39 -9.31
CA ALA C 454 -24.67 9.70 -10.14
C ALA C 454 -23.44 8.96 -9.61
N GLY C 455 -23.00 7.95 -10.33
CA GLY C 455 -21.75 7.27 -9.99
C GLY C 455 -20.56 8.21 -10.03
N GLY C 456 -20.65 9.28 -10.84
CA GLY C 456 -19.60 10.27 -10.94
C GLY C 456 -19.97 11.55 -10.21
N THR C 457 -20.34 12.59 -10.94
CA THR C 457 -20.69 13.87 -10.35
C THR C 457 -22.09 14.29 -10.77
N PHE C 458 -22.84 14.85 -9.83
CA PHE C 458 -24.11 15.46 -10.16
C PHE C 458 -23.90 16.96 -10.05
N ARG C 459 -24.12 17.67 -11.16
CA ARG C 459 -23.94 19.12 -11.25
C ARG C 459 -25.26 19.76 -11.65
N VAL C 460 -25.51 20.94 -11.08
CA VAL C 460 -26.76 21.66 -11.28
C VAL C 460 -26.45 23.14 -11.26
N VAL C 461 -27.22 23.91 -12.03
CA VAL C 461 -26.95 25.34 -12.09
C VAL C 461 -27.76 26.06 -11.01
N LYS C 462 -27.17 27.12 -10.47
CA LYS C 462 -27.84 27.98 -9.51
C LYS C 462 -29.24 28.30 -9.99
N GLY C 463 -30.20 28.22 -9.08
CA GLY C 463 -31.57 28.50 -9.39
C GLY C 463 -32.41 27.26 -9.63
N ASN C 464 -31.79 26.15 -10.01
CA ASN C 464 -32.57 24.94 -10.23
C ASN C 464 -32.68 24.14 -8.94
N VAL C 465 -33.81 23.48 -8.79
CA VAL C 465 -34.14 22.73 -7.59
C VAL C 465 -34.44 21.30 -8.01
N LEU C 466 -33.99 20.33 -7.19
CA LEU C 466 -34.26 18.92 -7.42
C LEU C 466 -35.15 18.37 -6.30
N PHE C 467 -36.29 17.80 -6.68
CA PHE C 467 -37.18 17.16 -5.74
C PHE C 467 -36.98 15.65 -5.84
N GLY C 468 -36.83 15.01 -4.68
CA GLY C 468 -36.49 13.61 -4.65
C GLY C 468 -35.30 13.36 -3.74
N SER C 469 -34.16 12.99 -4.34
CA SER C 469 -32.94 12.68 -3.62
C SER C 469 -31.81 12.50 -4.64
N VAL C 470 -30.59 12.79 -4.19
CA VAL C 470 -29.38 12.57 -4.97
C VAL C 470 -28.51 11.63 -4.19
N ILE C 471 -28.17 10.49 -4.79
CA ILE C 471 -27.04 9.69 -4.36
C ILE C 471 -25.99 9.94 -5.43
N SER C 472 -24.87 10.52 -5.02
CA SER C 472 -23.81 10.75 -6.00
C SER C 472 -22.48 10.83 -5.28
N ASN C 473 -21.42 10.55 -6.04
CA ASN C 473 -20.09 10.52 -5.45
C ASN C 473 -19.55 11.92 -5.21
N GLN C 474 -20.11 12.91 -5.89
CA GLN C 474 -19.74 14.31 -5.76
C GLN C 474 -20.96 15.15 -6.08
N PHE C 475 -21.09 16.27 -5.38
CA PHE C 475 -22.15 17.23 -5.62
C PHE C 475 -21.52 18.58 -5.93
N CYS C 476 -22.04 19.27 -6.94
CA CYS C 476 -21.41 20.51 -7.38
C CYS C 476 -22.46 21.39 -8.08
N THR C 477 -22.35 22.71 -7.87
CA THR C 477 -23.26 23.67 -8.49
C THR C 477 -22.47 24.64 -9.35
N THR C 478 -23.06 25.02 -10.49
CA THR C 478 -22.41 25.80 -11.53
C THR C 478 -23.08 27.16 -11.65
N SER C 479 -22.34 28.10 -12.23
CA SER C 479 -22.89 29.41 -12.50
C SER C 479 -23.92 29.34 -13.63
N ALA C 480 -23.58 28.67 -14.73
CA ALA C 480 -24.48 28.62 -15.89
C ALA C 480 -24.26 27.30 -16.61
N GLY C 481 -25.08 27.08 -17.66
CA GLY C 481 -24.96 25.86 -18.44
C GLY C 481 -23.62 25.73 -19.14
N ASN C 482 -23.07 26.85 -19.63
CA ASN C 482 -21.68 26.91 -20.11
C ASN C 482 -20.68 26.30 -19.14
N GLN C 483 -21.00 26.22 -17.87
CA GLN C 483 -19.98 26.01 -16.85
C GLN C 483 -19.92 24.56 -16.41
N MET C 484 -18.69 24.12 -16.10
CA MET C 484 -18.47 22.81 -15.51
C MET C 484 -17.57 22.84 -14.28
N SER C 485 -16.99 23.99 -13.96
CA SER C 485 -16.22 24.14 -12.74
C SER C 485 -17.23 24.50 -11.66
N CYS C 486 -16.91 24.20 -10.41
CA CYS C 486 -17.85 24.39 -9.31
C CYS C 486 -17.78 25.79 -8.73
N ASN C 487 -17.47 26.76 -9.59
CA ASN C 487 -17.74 28.17 -9.35
C ASN C 487 -19.17 28.34 -8.88
N ALA C 488 -19.38 28.73 -7.63
CA ALA C 488 -20.76 29.05 -7.27
C ALA C 488 -20.81 30.09 -6.17
N SER C 489 -21.41 31.23 -6.47
CA SER C 489 -21.65 32.26 -5.48
C SER C 489 -23.10 32.29 -5.07
N GLN C 490 -23.99 31.80 -5.91
CA GLN C 490 -25.42 31.68 -5.64
C GLN C 490 -25.72 30.22 -5.26
N LYS C 491 -26.99 29.95 -4.99
CA LYS C 491 -27.44 28.64 -4.57
C LYS C 491 -28.42 27.95 -5.51
N ALA C 492 -28.17 26.64 -5.66
CA ALA C 492 -29.13 25.67 -6.14
C ALA C 492 -29.71 24.93 -4.94
N GLU C 493 -30.80 24.19 -5.17
CA GLU C 493 -31.49 23.61 -4.03
C GLU C 493 -31.89 22.17 -4.30
N VAL C 494 -31.87 21.37 -3.24
CA VAL C 494 -32.32 19.98 -3.26
C VAL C 494 -33.35 19.83 -2.13
N VAL C 495 -34.42 19.12 -2.39
CA VAL C 495 -35.45 18.96 -1.42
C VAL C 495 -35.78 17.51 -1.27
N TYR C 496 -35.40 16.91 -0.17
CA TYR C 496 -35.65 15.51 0.01
C TYR C 496 -37.10 15.25 0.07
N ILE C 497 -37.58 14.25 -0.63
CA ILE C 497 -38.97 13.89 -0.56
C ILE C 497 -39.00 12.40 -0.42
N ARG C 498 -39.32 11.93 0.77
CA ARG C 498 -39.36 10.52 1.07
C ARG C 498 -40.21 9.72 0.09
N ILE C 499 -39.72 8.56 -0.26
CA ILE C 499 -40.43 7.71 -1.18
C ILE C 499 -40.81 6.44 -0.46
N PRO C 500 -42.09 6.23 -0.30
CA PRO C 500 -42.56 5.04 0.39
C PRO C 500 -42.06 3.81 -0.32
N LYS C 501 -41.35 2.98 0.41
CA LYS C 501 -40.76 1.75 -0.07
C LYS C 501 -41.59 0.99 -1.06
N GLU C 502 -42.87 0.87 -0.82
CA GLU C 502 -43.71 0.13 -1.72
C GLU C 502 -43.70 0.75 -3.08
N ASN C 503 -43.27 1.99 -3.16
CA ASN C 503 -43.31 2.65 -4.45
C ASN C 503 -41.99 3.24 -4.83
N ARG C 504 -40.94 2.55 -4.48
CA ARG C 504 -39.63 3.00 -4.81
C ARG C 504 -39.18 2.19 -5.99
N PRO C 505 -38.49 2.84 -6.93
CA PRO C 505 -37.92 2.22 -8.11
C PRO C 505 -37.15 1.03 -7.66
N ALA C 506 -37.57 -0.13 -8.11
CA ALA C 506 -36.95 -1.35 -7.70
C ALA C 506 -35.46 -1.42 -7.85
N LEU C 507 -34.94 -0.95 -8.96
CA LEU C 507 -33.51 -1.08 -9.21
C LEU C 507 -32.60 -0.03 -8.66
N LEU C 508 -33.09 0.80 -7.77
CA LEU C 508 -32.21 1.77 -7.19
C LEU C 508 -31.77 1.27 -5.83
N PRO C 509 -30.79 1.92 -5.26
CA PRO C 509 -30.27 1.60 -3.94
C PRO C 509 -31.20 1.95 -2.81
N SER C 510 -31.41 1.02 -1.91
CA SER C 510 -32.21 1.29 -0.71
C SER C 510 -31.20 1.26 0.42
N LEU C 511 -30.64 2.42 0.74
CA LEU C 511 -29.59 2.43 1.74
C LEU C 511 -30.20 2.33 3.14
N ARG C 512 -29.67 1.38 3.92
CA ARG C 512 -30.19 1.04 5.24
C ARG C 512 -29.13 1.34 6.29
N GLY C 513 -29.59 1.88 7.44
CA GLY C 513 -28.69 2.15 8.54
C GLY C 513 -28.09 0.90 9.17
N GLY C 514 -28.87 -0.18 9.26
CA GLY C 514 -28.34 -1.42 9.77
C GLY C 514 -29.08 -2.62 9.22
N LYS C 515 -28.57 -3.80 9.59
CA LYS C 515 -29.20 -5.04 9.15
C LYS C 515 -30.41 -5.36 10.03
N PRO C 516 -31.54 -5.74 9.45
CA PRO C 516 -32.70 -6.14 10.27
C PRO C 516 -32.49 -7.55 10.81
N VAL C 517 -32.52 -7.67 12.14
CA VAL C 517 -32.22 -8.93 12.81
C VAL C 517 -33.17 -9.08 14.00
N PHE C 518 -33.73 -10.29 14.15
CA PHE C 518 -34.51 -10.66 15.34
C PHE C 518 -34.07 -12.05 15.76
N GLN C 519 -33.19 -12.12 16.76
CA GLN C 519 -32.56 -13.36 17.20
C GLN C 519 -32.81 -13.57 18.71
N VAL C 520 -33.19 -14.80 19.07
CA VAL C 520 -33.35 -15.18 20.47
C VAL C 520 -32.02 -15.81 20.90
N LEU C 521 -31.39 -15.24 21.91
CA LEU C 521 -30.08 -15.72 22.33
C LEU C 521 -30.12 -16.72 23.45
N SER C 522 -31.18 -16.69 24.25
CA SER C 522 -31.30 -17.64 25.33
C SER C 522 -32.73 -17.68 25.81
N TYR C 523 -33.08 -18.81 26.40
CA TYR C 523 -34.36 -18.94 27.09
C TYR C 523 -34.16 -19.88 28.27
N GLU C 524 -34.72 -19.52 29.40
CA GLU C 524 -34.44 -20.34 30.57
C GLU C 524 -35.71 -20.37 31.41
N ARG C 525 -35.88 -21.45 32.15
CA ARG C 525 -37.02 -21.59 33.05
C ARG C 525 -36.64 -22.35 34.28
N ARG C 526 -37.10 -21.88 35.42
CA ARG C 526 -36.82 -22.56 36.66
C ARG C 526 -37.95 -22.41 37.63
N LEU C 527 -37.99 -23.32 38.60
CA LEU C 527 -39.03 -23.32 39.60
C LEU C 527 -38.74 -22.46 40.79
N GLU C 528 -39.76 -21.82 41.32
CA GLU C 528 -39.57 -20.95 42.46
C GLU C 528 -40.45 -21.26 43.67
N HIS C 529 -41.45 -22.12 43.48
CA HIS C 529 -42.42 -22.51 44.49
C HIS C 529 -42.95 -21.32 45.25
#